data_2DOD
#
_entry.id   2DOD
#
_entity_poly.entity_id   1
_entity_poly.type   'polypeptide(L)'
_entity_poly.pdbx_seq_one_letter_code
;GSSGSSGARERAIVPLEARMKQFKDMLLERGVSAFSTWEKELHKIVFDPRYLLLNPKERKQVFDQYVKTRAEEERRSGPS
SG
;
_entity_poly.pdbx_strand_id   A
#
# COMPACT_ATOMS: atom_id res chain seq x y z
N GLY A 1 12.03 -11.42 14.92
CA GLY A 1 11.73 -10.85 16.22
C GLY A 1 10.23 -10.71 16.46
N SER A 2 9.73 -9.48 16.39
CA SER A 2 8.32 -9.22 16.60
C SER A 2 7.81 -9.98 17.82
N SER A 3 8.60 -9.98 18.88
CA SER A 3 8.23 -10.68 20.11
C SER A 3 7.46 -9.76 21.05
N GLY A 4 6.39 -10.29 21.64
CA GLY A 4 5.58 -9.49 22.55
C GLY A 4 4.66 -8.53 21.82
N SER A 5 3.38 -8.90 21.71
CA SER A 5 2.41 -8.06 21.03
C SER A 5 2.55 -6.60 21.45
N SER A 6 2.83 -5.74 20.48
CA SER A 6 3.00 -4.32 20.74
C SER A 6 1.87 -3.79 21.64
N GLY A 7 0.63 -4.09 21.25
CA GLY A 7 -0.52 -3.64 22.03
C GLY A 7 -1.78 -3.59 21.20
N ALA A 8 -2.04 -4.66 20.45
CA ALA A 8 -3.23 -4.73 19.61
C ALA A 8 -4.43 -4.08 20.30
N ARG A 9 -4.90 -2.97 19.76
CA ARG A 9 -6.04 -2.26 20.32
C ARG A 9 -7.25 -3.17 20.43
N GLU A 10 -7.37 -4.10 19.48
CA GLU A 10 -8.49 -5.03 19.47
C GLU A 10 -8.06 -6.42 19.95
N ARG A 11 -9.01 -7.33 20.03
CA ARG A 11 -8.73 -8.69 20.49
C ARG A 11 -8.15 -9.54 19.35
N ALA A 12 -8.95 -9.75 18.31
CA ALA A 12 -8.52 -10.53 17.16
C ALA A 12 -8.61 -9.72 15.88
N ILE A 13 -8.53 -8.40 16.01
CA ILE A 13 -8.60 -7.51 14.85
C ILE A 13 -7.35 -6.64 14.76
N VAL A 14 -6.56 -6.88 13.72
CA VAL A 14 -5.33 -6.11 13.50
C VAL A 14 -5.61 -4.61 13.52
N PRO A 15 -4.65 -3.84 14.07
CA PRO A 15 -4.77 -2.38 14.17
C PRO A 15 -4.69 -1.70 12.81
N LEU A 16 -5.12 -0.45 12.75
CA LEU A 16 -5.09 0.32 11.50
C LEU A 16 -3.67 0.37 10.93
N GLU A 17 -2.70 0.67 11.79
CA GLU A 17 -1.31 0.74 11.37
C GLU A 17 -0.85 -0.58 10.76
N ALA A 18 -1.38 -1.68 11.29
CA ALA A 18 -1.02 -3.00 10.80
C ALA A 18 -1.54 -3.22 9.38
N ARG A 19 -2.86 -3.28 9.23
CA ARG A 19 -3.48 -3.48 7.93
C ARG A 19 -2.97 -2.45 6.92
N MET A 20 -2.96 -1.18 7.33
CA MET A 20 -2.51 -0.10 6.47
C MET A 20 -1.09 -0.37 5.95
N LYS A 21 -0.23 -0.88 6.84
CA LYS A 21 1.15 -1.20 6.47
C LYS A 21 1.19 -2.25 5.38
N GLN A 22 0.37 -3.28 5.52
CA GLN A 22 0.31 -4.36 4.54
C GLN A 22 0.00 -3.83 3.15
N PHE A 23 -1.14 -3.15 3.04
CA PHE A 23 -1.57 -2.58 1.75
C PHE A 23 -0.46 -1.73 1.14
N LYS A 24 0.06 -0.80 1.93
CA LYS A 24 1.13 0.09 1.46
C LYS A 24 2.33 -0.72 0.97
N ASP A 25 2.60 -1.83 1.66
CA ASP A 25 3.73 -2.69 1.29
C ASP A 25 3.58 -3.20 -0.14
N MET A 26 2.41 -3.77 -0.44
CA MET A 26 2.14 -4.31 -1.77
C MET A 26 2.06 -3.18 -2.79
N LEU A 27 1.49 -2.05 -2.39
CA LEU A 27 1.35 -0.90 -3.27
C LEU A 27 2.69 -0.53 -3.90
N LEU A 28 3.72 -0.43 -3.06
CA LEU A 28 5.06 -0.08 -3.53
C LEU A 28 5.74 -1.29 -4.18
N GLU A 29 5.64 -2.44 -3.52
CA GLU A 29 6.24 -3.67 -4.03
C GLU A 29 5.71 -3.98 -5.43
N ARG A 30 4.42 -4.29 -5.51
CA ARG A 30 3.79 -4.63 -6.78
C ARG A 30 4.23 -3.67 -7.87
N GLY A 31 4.63 -2.46 -7.47
CA GLY A 31 5.07 -1.46 -8.43
C GLY A 31 3.93 -0.61 -8.95
N VAL A 32 3.05 -0.18 -8.04
CA VAL A 32 1.92 0.65 -8.41
C VAL A 32 2.36 2.02 -8.88
N SER A 33 2.45 2.20 -10.19
CA SER A 33 2.88 3.47 -10.77
C SER A 33 2.06 4.62 -10.19
N ALA A 34 2.71 5.77 -10.01
CA ALA A 34 2.05 6.95 -9.46
C ALA A 34 1.27 7.68 -10.55
N PHE A 35 1.88 7.81 -11.72
CA PHE A 35 1.25 8.49 -12.84
C PHE A 35 0.29 7.56 -13.59
N SER A 36 -0.55 6.86 -12.83
CA SER A 36 -1.51 5.92 -13.41
C SER A 36 -2.90 6.15 -12.83
N THR A 37 -3.86 5.34 -13.26
CA THR A 37 -5.24 5.44 -12.79
C THR A 37 -5.54 4.37 -11.75
N TRP A 38 -6.47 4.67 -10.85
CA TRP A 38 -6.85 3.74 -9.81
C TRP A 38 -7.39 2.45 -10.41
N GLU A 39 -7.91 2.53 -11.63
CA GLU A 39 -8.47 1.37 -12.31
C GLU A 39 -7.37 0.33 -12.57
N LYS A 40 -6.32 0.75 -13.27
CA LYS A 40 -5.21 -0.14 -13.59
C LYS A 40 -4.62 -0.76 -12.32
N GLU A 41 -4.15 0.10 -11.42
CA GLU A 41 -3.57 -0.36 -10.17
C GLU A 41 -4.53 -1.27 -9.41
N LEU A 42 -5.81 -0.91 -9.43
CA LEU A 42 -6.83 -1.68 -8.74
C LEU A 42 -6.77 -3.15 -9.16
N HIS A 43 -6.93 -3.39 -10.46
CA HIS A 43 -6.90 -4.76 -10.98
C HIS A 43 -5.55 -5.42 -10.68
N LYS A 44 -4.50 -4.60 -10.60
CA LYS A 44 -3.16 -5.11 -10.31
C LYS A 44 -3.07 -5.64 -8.88
N ILE A 45 -3.89 -5.09 -8.00
CA ILE A 45 -3.91 -5.51 -6.61
C ILE A 45 -5.27 -6.10 -6.22
N VAL A 46 -6.11 -6.32 -7.22
CA VAL A 46 -7.45 -6.88 -6.99
C VAL A 46 -7.36 -8.37 -6.68
N PHE A 47 -6.45 -9.06 -7.34
CA PHE A 47 -6.28 -10.50 -7.13
C PHE A 47 -5.44 -10.76 -5.88
N ASP A 48 -5.19 -9.70 -5.10
CA ASP A 48 -4.40 -9.82 -3.88
C ASP A 48 -5.30 -10.04 -2.67
N PRO A 49 -4.88 -10.91 -1.76
CA PRO A 49 -5.64 -11.23 -0.54
C PRO A 49 -5.65 -10.07 0.44
N ARG A 50 -4.50 -9.43 0.62
CA ARG A 50 -4.39 -8.30 1.54
C ARG A 50 -5.34 -7.18 1.15
N TYR A 51 -5.76 -7.18 -0.12
CA TYR A 51 -6.68 -6.17 -0.62
C TYR A 51 -8.04 -6.30 0.04
N LEU A 52 -8.31 -7.47 0.61
CA LEU A 52 -9.59 -7.72 1.27
C LEU A 52 -9.47 -7.51 2.77
N LEU A 53 -8.33 -7.00 3.21
CA LEU A 53 -8.09 -6.75 4.63
C LEU A 53 -8.51 -5.33 5.00
N LEU A 54 -8.39 -4.41 4.05
CA LEU A 54 -8.76 -3.01 4.28
C LEU A 54 -10.09 -2.69 3.61
N ASN A 55 -10.79 -1.71 4.18
CA ASN A 55 -12.09 -1.30 3.63
C ASN A 55 -11.95 -0.87 2.17
N PRO A 56 -13.09 -0.83 1.46
CA PRO A 56 -13.12 -0.44 0.05
C PRO A 56 -12.83 1.04 -0.14
N LYS A 57 -13.33 1.86 0.77
CA LYS A 57 -13.13 3.31 0.71
C LYS A 57 -11.69 3.67 1.04
N GLU A 58 -11.16 3.07 2.10
CA GLU A 58 -9.79 3.33 2.52
C GLU A 58 -8.81 3.03 1.39
N ARG A 59 -8.89 1.83 0.84
CA ARG A 59 -8.02 1.41 -0.25
C ARG A 59 -7.73 2.58 -1.18
N LYS A 60 -8.78 3.24 -1.65
CA LYS A 60 -8.64 4.38 -2.55
C LYS A 60 -7.95 5.54 -1.85
N GLN A 61 -8.37 5.83 -0.63
CA GLN A 61 -7.80 6.92 0.15
C GLN A 61 -6.29 6.74 0.30
N VAL A 62 -5.89 5.61 0.87
CA VAL A 62 -4.47 5.32 1.07
C VAL A 62 -3.71 5.31 -0.26
N PHE A 63 -4.42 4.95 -1.33
CA PHE A 63 -3.81 4.91 -2.66
C PHE A 63 -3.54 6.32 -3.18
N ASP A 64 -4.54 7.19 -3.07
CA ASP A 64 -4.41 8.57 -3.53
C ASP A 64 -3.22 9.25 -2.87
N GLN A 65 -3.18 9.19 -1.54
CA GLN A 65 -2.08 9.80 -0.78
C GLN A 65 -0.74 9.20 -1.17
N TYR A 66 -0.72 7.88 -1.32
CA TYR A 66 0.51 7.18 -1.70
C TYR A 66 1.05 7.69 -3.02
N VAL A 67 0.15 7.93 -3.97
CA VAL A 67 0.54 8.42 -5.29
C VAL A 67 1.06 9.85 -5.21
N LYS A 68 0.35 10.68 -4.44
CA LYS A 68 0.73 12.08 -4.27
C LYS A 68 2.19 12.20 -3.84
N THR A 69 2.55 11.47 -2.79
CA THR A 69 3.92 11.49 -2.28
C THR A 69 4.89 10.88 -3.28
N ARG A 70 4.44 9.85 -3.99
CA ARG A 70 5.27 9.18 -4.98
C ARG A 70 5.58 10.11 -6.16
N ALA A 71 4.67 11.04 -6.42
CA ALA A 71 4.84 11.98 -7.52
C ALA A 71 5.69 13.17 -7.08
N GLU A 72 5.38 13.72 -5.90
CA GLU A 72 6.12 14.86 -5.37
C GLU A 72 7.60 14.54 -5.24
N GLU A 73 7.89 13.33 -4.76
CA GLU A 73 9.27 12.89 -4.58
C GLU A 73 10.14 13.33 -5.75
N GLU A 74 9.52 13.48 -6.92
CA GLU A 74 10.23 13.90 -8.12
C GLU A 74 10.93 15.23 -7.91
N ARG A 75 10.17 16.22 -7.43
CA ARG A 75 10.71 17.56 -7.18
C ARG A 75 12.16 17.46 -6.71
N ARG A 76 12.44 16.51 -5.84
CA ARG A 76 13.79 16.32 -5.32
C ARG A 76 14.75 15.86 -6.41
N SER A 77 16.00 16.31 -6.33
CA SER A 77 17.00 15.95 -7.32
C SER A 77 16.87 14.49 -7.72
N GLY A 78 16.79 13.62 -6.72
CA GLY A 78 16.68 12.19 -6.98
C GLY A 78 17.32 11.34 -5.90
N PRO A 79 17.16 10.02 -6.02
CA PRO A 79 17.72 9.07 -5.05
C PRO A 79 19.24 8.99 -5.13
N SER A 80 19.81 9.69 -6.11
CA SER A 80 21.26 9.70 -6.30
C SER A 80 21.98 10.06 -5.01
N SER A 81 23.06 9.35 -4.71
CA SER A 81 23.84 9.59 -3.51
C SER A 81 25.34 9.55 -3.81
N GLY A 82 26.05 10.58 -3.36
CA GLY A 82 27.47 10.65 -3.59
C GLY A 82 28.28 10.35 -2.34
N GLY A 1 11.60 -27.41 12.11
CA GLY A 1 10.21 -27.63 12.42
C GLY A 1 9.36 -26.39 12.20
N SER A 2 8.15 -26.60 11.68
CA SER A 2 7.24 -25.48 11.40
C SER A 2 5.80 -25.97 11.36
N SER A 3 4.87 -25.10 11.75
CA SER A 3 3.46 -25.43 11.77
C SER A 3 2.61 -24.26 11.28
N GLY A 4 1.31 -24.49 11.11
CA GLY A 4 0.42 -23.44 10.66
C GLY A 4 -0.88 -23.99 10.11
N SER A 5 -1.97 -23.74 10.82
CA SER A 5 -3.28 -24.21 10.40
C SER A 5 -4.39 -23.39 11.03
N SER A 6 -5.16 -22.69 10.21
CA SER A 6 -6.25 -21.84 10.68
C SER A 6 -7.47 -22.69 11.02
N GLY A 7 -8.10 -22.38 12.15
CA GLY A 7 -9.28 -23.12 12.57
C GLY A 7 -9.97 -22.49 13.76
N ALA A 8 -10.29 -21.20 13.64
CA ALA A 8 -10.96 -20.48 14.72
C ALA A 8 -12.06 -19.58 14.17
N ARG A 9 -13.28 -19.78 14.66
CA ARG A 9 -14.42 -18.98 14.21
C ARG A 9 -14.19 -17.50 14.48
N GLU A 10 -13.74 -17.19 15.70
CA GLU A 10 -13.47 -15.80 16.07
C GLU A 10 -12.27 -15.25 15.33
N ARG A 11 -12.50 -14.75 14.12
CA ARG A 11 -11.43 -14.20 13.31
C ARG A 11 -10.73 -13.05 14.02
N ALA A 12 -9.43 -12.90 13.78
CA ALA A 12 -8.65 -11.84 14.40
C ALA A 12 -8.68 -10.56 13.57
N ILE A 13 -8.54 -9.43 14.23
CA ILE A 13 -8.56 -8.14 13.54
C ILE A 13 -7.25 -7.38 13.76
N VAL A 14 -6.42 -7.34 12.72
CA VAL A 14 -5.14 -6.65 12.80
C VAL A 14 -5.33 -5.15 13.02
N PRO A 15 -4.32 -4.51 13.63
CA PRO A 15 -4.36 -3.07 13.93
C PRO A 15 -4.26 -2.22 12.66
N LEU A 16 -4.78 -1.00 12.73
CA LEU A 16 -4.76 -0.10 11.59
C LEU A 16 -3.37 -0.07 10.95
N GLU A 17 -2.34 0.06 11.77
CA GLU A 17 -0.97 0.09 11.27
C GLU A 17 -0.65 -1.17 10.48
N ALA A 18 -1.20 -2.30 10.92
CA ALA A 18 -0.98 -3.57 10.25
C ALA A 18 -1.62 -3.59 8.88
N ARG A 19 -2.95 -3.63 8.84
CA ARG A 19 -3.70 -3.65 7.59
C ARG A 19 -3.15 -2.60 6.62
N MET A 20 -3.06 -1.36 7.10
CA MET A 20 -2.55 -0.27 6.28
C MET A 20 -1.16 -0.57 5.74
N LYS A 21 -0.27 -0.99 6.63
CA LYS A 21 1.10 -1.32 6.25
C LYS A 21 1.12 -2.30 5.08
N GLN A 22 0.23 -3.29 5.13
CA GLN A 22 0.14 -4.29 4.07
C GLN A 22 -0.22 -3.64 2.74
N PHE A 23 -1.42 -3.08 2.66
CA PHE A 23 -1.88 -2.43 1.44
C PHE A 23 -0.79 -1.54 0.85
N LYS A 24 -0.20 -0.70 1.70
CA LYS A 24 0.86 0.20 1.27
C LYS A 24 2.07 -0.57 0.78
N ASP A 25 2.42 -1.63 1.51
CA ASP A 25 3.57 -2.46 1.15
C ASP A 25 3.47 -2.92 -0.30
N MET A 26 2.24 -3.21 -0.74
CA MET A 26 2.02 -3.67 -2.10
C MET A 26 2.16 -2.51 -3.10
N LEU A 27 1.32 -1.49 -2.93
CA LEU A 27 1.36 -0.33 -3.81
C LEU A 27 2.80 0.05 -4.16
N LEU A 28 3.68 0.01 -3.17
CA LEU A 28 5.08 0.34 -3.37
C LEU A 28 5.83 -0.82 -4.01
N GLU A 29 5.67 -2.01 -3.43
CA GLU A 29 6.34 -3.20 -3.97
C GLU A 29 5.90 -3.48 -5.40
N ARG A 30 4.63 -3.80 -5.58
CA ARG A 30 4.09 -4.08 -6.91
C ARG A 30 4.63 -3.10 -7.93
N GLY A 31 4.87 -1.86 -7.49
CA GLY A 31 5.39 -0.83 -8.39
C GLY A 31 4.29 0.04 -8.96
N VAL A 32 3.22 0.24 -8.19
CA VAL A 32 2.10 1.05 -8.62
C VAL A 32 2.56 2.45 -9.03
N SER A 33 2.62 2.68 -10.34
CA SER A 33 3.06 3.97 -10.86
C SER A 33 2.15 5.09 -10.37
N ALA A 34 2.76 6.21 -9.98
CA ALA A 34 2.00 7.36 -9.49
C ALA A 34 1.27 8.06 -10.63
N PHE A 35 1.40 7.52 -11.84
CA PHE A 35 0.76 8.10 -13.01
C PHE A 35 -0.16 7.09 -13.67
N SER A 36 -0.63 6.11 -12.90
CA SER A 36 -1.51 5.07 -13.42
C SER A 36 -2.94 5.29 -12.93
N THR A 37 -3.89 4.66 -13.62
CA THR A 37 -5.30 4.79 -13.26
C THR A 37 -5.70 3.74 -12.23
N TRP A 38 -6.65 4.10 -11.36
CA TRP A 38 -7.11 3.19 -10.33
C TRP A 38 -7.50 1.84 -10.93
N GLU A 39 -7.91 1.86 -12.19
CA GLU A 39 -8.32 0.63 -12.88
C GLU A 39 -7.14 -0.33 -12.99
N LYS A 40 -6.09 0.08 -13.68
CA LYS A 40 -4.91 -0.74 -13.86
C LYS A 40 -4.36 -1.21 -12.51
N GLU A 41 -4.00 -0.25 -11.66
CA GLU A 41 -3.47 -0.56 -10.34
C GLU A 41 -4.42 -1.48 -9.57
N LEU A 42 -5.72 -1.20 -9.68
CA LEU A 42 -6.73 -2.00 -8.99
C LEU A 42 -6.56 -3.48 -9.30
N HIS A 43 -6.82 -3.86 -10.55
CA HIS A 43 -6.68 -5.25 -10.98
C HIS A 43 -5.33 -5.82 -10.57
N LYS A 44 -4.32 -4.96 -10.54
CA LYS A 44 -2.97 -5.37 -10.17
C LYS A 44 -2.91 -5.75 -8.70
N ILE A 45 -3.77 -5.14 -7.90
CA ILE A 45 -3.82 -5.42 -6.46
C ILE A 45 -5.18 -5.98 -6.05
N VAL A 46 -5.95 -6.42 -7.03
CA VAL A 46 -7.27 -6.99 -6.78
C VAL A 46 -7.17 -8.46 -6.41
N PHE A 47 -6.28 -9.18 -7.09
CA PHE A 47 -6.09 -10.60 -6.83
C PHE A 47 -5.48 -10.83 -5.45
N ASP A 48 -4.83 -9.80 -4.92
CA ASP A 48 -4.20 -9.87 -3.61
C ASP A 48 -5.25 -9.90 -2.51
N PRO A 49 -5.00 -10.75 -1.49
CA PRO A 49 -5.91 -10.88 -0.35
C PRO A 49 -5.92 -9.65 0.54
N ARG A 50 -4.75 -9.05 0.74
CA ARG A 50 -4.63 -7.86 1.57
C ARG A 50 -5.60 -6.78 1.11
N TYR A 51 -5.93 -6.80 -0.18
CA TYR A 51 -6.85 -5.82 -0.74
C TYR A 51 -8.23 -5.92 -0.10
N LEU A 52 -8.53 -7.10 0.45
CA LEU A 52 -9.82 -7.33 1.09
C LEU A 52 -9.69 -7.25 2.61
N LEU A 53 -8.61 -6.63 3.07
CA LEU A 53 -8.37 -6.46 4.51
C LEU A 53 -8.76 -5.07 4.97
N LEU A 54 -8.42 -4.07 4.18
CA LEU A 54 -8.74 -2.68 4.51
C LEU A 54 -10.11 -2.29 3.96
N ASN A 55 -10.80 -1.42 4.69
CA ASN A 55 -12.12 -0.96 4.27
C ASN A 55 -12.12 -0.56 2.80
N PRO A 56 -13.32 -0.49 2.20
CA PRO A 56 -13.48 -0.12 0.79
C PRO A 56 -13.17 1.35 0.55
N LYS A 57 -13.53 2.20 1.50
CA LYS A 57 -13.29 3.63 1.39
C LYS A 57 -11.81 3.95 1.56
N GLU A 58 -11.16 3.22 2.47
CA GLU A 58 -9.74 3.43 2.73
C GLU A 58 -8.90 3.13 1.48
N ARG A 59 -9.07 1.92 0.94
CA ARG A 59 -8.34 1.51 -0.25
C ARG A 59 -8.13 2.70 -1.19
N LYS A 60 -9.19 3.45 -1.44
CA LYS A 60 -9.11 4.60 -2.32
C LYS A 60 -8.33 5.74 -1.67
N GLN A 61 -8.65 6.02 -0.41
CA GLN A 61 -7.98 7.09 0.33
C GLN A 61 -6.48 6.84 0.39
N VAL A 62 -6.09 5.71 0.97
CA VAL A 62 -4.68 5.35 1.10
C VAL A 62 -3.98 5.41 -0.26
N PHE A 63 -4.57 4.76 -1.26
CA PHE A 63 -4.00 4.75 -2.60
C PHE A 63 -3.64 6.17 -3.06
N ASP A 64 -4.56 7.10 -2.84
CA ASP A 64 -4.33 8.49 -3.23
C ASP A 64 -3.09 9.05 -2.56
N GLN A 65 -3.03 8.94 -1.23
CA GLN A 65 -1.89 9.45 -0.47
C GLN A 65 -0.59 8.87 -1.01
N TYR A 66 -0.57 7.56 -1.22
CA TYR A 66 0.61 6.88 -1.73
C TYR A 66 1.12 7.56 -3.00
N VAL A 67 0.22 7.76 -3.96
CA VAL A 67 0.58 8.40 -5.22
C VAL A 67 1.15 9.78 -5.00
N LYS A 68 0.45 10.59 -4.22
CA LYS A 68 0.91 11.95 -3.91
C LYS A 68 2.39 11.97 -3.57
N THR A 69 2.77 11.18 -2.56
CA THR A 69 4.16 11.10 -2.14
C THR A 69 5.05 10.63 -3.28
N ARG A 70 4.63 9.55 -3.94
CA ARG A 70 5.40 8.99 -5.04
C ARG A 70 5.68 10.05 -6.10
N ALA A 71 4.89 11.10 -6.12
CA ALA A 71 5.06 12.19 -7.08
C ALA A 71 6.06 13.21 -6.57
N GLU A 72 5.83 13.72 -5.36
CA GLU A 72 6.72 14.71 -4.78
C GLU A 72 8.17 14.22 -4.79
N GLU A 73 8.35 12.92 -4.59
CA GLU A 73 9.68 12.33 -4.58
C GLU A 73 10.13 12.00 -6.00
N GLU A 74 9.54 12.68 -6.98
CA GLU A 74 9.89 12.45 -8.37
C GLU A 74 11.33 12.85 -8.65
N ARG A 75 12.20 11.85 -8.78
CA ARG A 75 13.61 12.10 -9.04
C ARG A 75 13.81 12.68 -10.44
N ARG A 76 14.93 13.38 -10.63
CA ARG A 76 15.24 13.99 -11.92
C ARG A 76 15.97 13.00 -12.82
N SER A 77 17.11 12.51 -12.36
CA SER A 77 17.90 11.57 -13.13
C SER A 77 17.68 10.14 -12.62
N GLY A 78 16.44 9.81 -12.33
CA GLY A 78 16.11 8.48 -11.84
C GLY A 78 15.55 7.58 -12.93
N PRO A 79 15.27 6.32 -12.58
CA PRO A 79 14.73 5.33 -13.51
C PRO A 79 13.30 5.65 -13.92
N SER A 80 13.14 6.37 -15.03
CA SER A 80 11.82 6.74 -15.52
C SER A 80 11.82 6.82 -17.05
N SER A 81 10.65 6.58 -17.64
CA SER A 81 10.51 6.62 -19.09
C SER A 81 10.77 8.02 -19.63
N GLY A 82 11.88 8.18 -20.34
CA GLY A 82 12.23 9.47 -20.90
C GLY A 82 12.42 9.42 -22.41
N GLY A 1 15.75 -20.42 16.27
CA GLY A 1 16.13 -19.27 17.05
C GLY A 1 14.92 -18.50 17.57
N SER A 2 15.02 -17.17 17.55
CA SER A 2 13.92 -16.33 18.02
C SER A 2 12.86 -16.16 16.93
N SER A 3 11.69 -16.73 17.17
CA SER A 3 10.59 -16.64 16.22
C SER A 3 10.24 -15.19 15.92
N GLY A 4 10.08 -14.39 16.96
CA GLY A 4 9.75 -12.99 16.79
C GLY A 4 8.33 -12.67 17.22
N SER A 5 7.37 -13.12 16.42
CA SER A 5 5.96 -12.87 16.71
C SER A 5 5.23 -14.19 17.00
N SER A 6 4.85 -14.38 18.26
CA SER A 6 4.16 -15.59 18.67
C SER A 6 2.84 -15.25 19.35
N GLY A 7 1.73 -15.50 18.66
CA GLY A 7 0.42 -15.21 19.21
C GLY A 7 -0.65 -16.16 18.70
N ALA A 8 -1.01 -17.14 19.52
CA ALA A 8 -2.01 -18.12 19.15
C ALA A 8 -3.33 -17.85 19.86
N ARG A 9 -4.10 -16.89 19.35
CA ARG A 9 -5.38 -16.53 19.95
C ARG A 9 -6.53 -16.96 19.05
N GLU A 10 -7.75 -16.79 19.54
CA GLU A 10 -8.94 -17.17 18.79
C GLU A 10 -9.37 -16.04 17.85
N ARG A 11 -9.66 -14.88 18.44
CA ARG A 11 -10.09 -13.73 17.66
C ARG A 11 -9.25 -12.50 17.99
N ALA A 12 -8.60 -11.94 16.98
CA ALA A 12 -7.75 -10.76 17.17
C ALA A 12 -8.03 -9.72 16.09
N ILE A 13 -8.49 -8.54 16.52
CA ILE A 13 -8.79 -7.46 15.59
C ILE A 13 -7.52 -6.72 15.18
N VAL A 14 -6.96 -7.11 14.03
CA VAL A 14 -5.74 -6.48 13.52
C VAL A 14 -5.85 -4.96 13.57
N PRO A 15 -4.78 -4.31 14.06
CA PRO A 15 -4.72 -2.85 14.17
C PRO A 15 -4.64 -2.16 12.81
N LEU A 16 -5.07 -0.91 12.77
CA LEU A 16 -5.05 -0.14 11.53
C LEU A 16 -3.63 -0.05 10.96
N GLU A 17 -2.69 0.35 11.81
CA GLU A 17 -1.29 0.48 11.39
C GLU A 17 -0.81 -0.81 10.71
N ALA A 18 -1.31 -1.94 11.18
CA ALA A 18 -0.94 -3.23 10.62
C ALA A 18 -1.52 -3.41 9.22
N ARG A 19 -2.83 -3.59 9.16
CA ARG A 19 -3.52 -3.78 7.89
C ARG A 19 -3.08 -2.72 6.87
N MET A 20 -3.12 -1.47 7.29
CA MET A 20 -2.73 -0.36 6.42
C MET A 20 -1.31 -0.56 5.89
N LYS A 21 -0.40 -0.94 6.78
CA LYS A 21 0.99 -1.16 6.41
C LYS A 21 1.09 -2.19 5.28
N GLN A 22 0.30 -3.25 5.39
CA GLN A 22 0.30 -4.31 4.38
C GLN A 22 -0.08 -3.75 3.01
N PHE A 23 -1.23 -3.12 2.93
CA PHE A 23 -1.71 -2.54 1.68
C PHE A 23 -0.63 -1.67 1.04
N LYS A 24 -0.06 -0.77 1.84
CA LYS A 24 0.99 0.13 1.35
C LYS A 24 2.21 -0.67 0.88
N ASP A 25 2.50 -1.75 1.60
CA ASP A 25 3.65 -2.59 1.25
C ASP A 25 3.51 -3.15 -0.15
N MET A 26 2.31 -3.64 -0.48
CA MET A 26 2.06 -4.20 -1.80
C MET A 26 2.00 -3.10 -2.86
N LEU A 27 1.40 -1.97 -2.49
CA LEU A 27 1.26 -0.84 -3.41
C LEU A 27 2.62 -0.47 -4.01
N LEU A 28 3.63 -0.36 -3.16
CA LEU A 28 4.97 -0.02 -3.61
C LEU A 28 5.66 -1.22 -4.25
N GLU A 29 5.64 -2.35 -3.55
CA GLU A 29 6.25 -3.58 -4.06
C GLU A 29 5.74 -3.91 -5.45
N ARG A 30 4.46 -4.23 -5.54
CA ARG A 30 3.84 -4.57 -6.82
C ARG A 30 4.28 -3.60 -7.91
N GLY A 31 4.54 -2.36 -7.53
CA GLY A 31 4.96 -1.36 -8.48
C GLY A 31 3.81 -0.50 -8.97
N VAL A 32 2.97 -0.05 -8.05
CA VAL A 32 1.82 0.79 -8.40
C VAL A 32 2.27 2.19 -8.81
N SER A 33 2.53 2.36 -10.10
CA SER A 33 2.97 3.66 -10.61
C SER A 33 1.96 4.75 -10.28
N ALA A 34 2.42 5.79 -9.61
CA ALA A 34 1.56 6.90 -9.22
C ALA A 34 0.87 7.51 -10.45
N PHE A 35 1.55 7.47 -11.58
CA PHE A 35 1.01 8.03 -12.83
C PHE A 35 -0.14 7.16 -13.34
N SER A 36 -0.16 5.90 -12.92
CA SER A 36 -1.21 4.98 -13.34
C SER A 36 -2.57 5.38 -12.77
N THR A 37 -3.62 4.69 -13.19
CA THR A 37 -4.96 4.98 -12.72
C THR A 37 -5.43 3.95 -11.70
N TRP A 38 -6.41 4.32 -10.89
CA TRP A 38 -6.94 3.42 -9.86
C TRP A 38 -7.52 2.16 -10.51
N GLU A 39 -8.07 2.32 -11.70
CA GLU A 39 -8.66 1.19 -12.42
C GLU A 39 -7.62 0.11 -12.70
N LYS A 40 -6.56 0.50 -13.42
CA LYS A 40 -5.49 -0.42 -13.76
C LYS A 40 -4.89 -1.04 -12.50
N GLU A 41 -4.36 -0.18 -11.62
CA GLU A 41 -3.75 -0.65 -10.38
C GLU A 41 -4.72 -1.51 -9.59
N LEU A 42 -6.00 -1.11 -9.60
CA LEU A 42 -7.03 -1.85 -8.87
C LEU A 42 -7.02 -3.34 -9.26
N HIS A 43 -7.09 -3.60 -10.56
CA HIS A 43 -7.08 -4.96 -11.06
C HIS A 43 -5.75 -5.65 -10.78
N LYS A 44 -4.69 -4.86 -10.71
CA LYS A 44 -3.36 -5.38 -10.44
C LYS A 44 -3.26 -5.89 -9.00
N ILE A 45 -3.97 -5.23 -8.10
CA ILE A 45 -3.97 -5.62 -6.69
C ILE A 45 -5.30 -6.20 -6.28
N VAL A 46 -6.19 -6.40 -7.25
CA VAL A 46 -7.52 -6.95 -6.99
C VAL A 46 -7.42 -8.39 -6.50
N PHE A 47 -6.34 -9.07 -6.88
CA PHE A 47 -6.13 -10.45 -6.49
C PHE A 47 -5.48 -10.54 -5.11
N ASP A 48 -4.43 -9.75 -4.92
CA ASP A 48 -3.70 -9.74 -3.65
C ASP A 48 -4.66 -9.97 -2.48
N PRO A 49 -4.19 -10.72 -1.48
CA PRO A 49 -4.99 -11.03 -0.29
C PRO A 49 -5.21 -9.82 0.60
N ARG A 50 -4.18 -8.99 0.74
CA ARG A 50 -4.26 -7.79 1.56
C ARG A 50 -5.22 -6.78 0.94
N TYR A 51 -5.47 -6.91 -0.35
CA TYR A 51 -6.37 -6.01 -1.05
C TYR A 51 -7.80 -6.14 -0.53
N LEU A 52 -8.07 -7.25 0.15
CA LEU A 52 -9.39 -7.49 0.71
C LEU A 52 -9.36 -7.40 2.23
N LEU A 53 -8.37 -6.68 2.77
CA LEU A 53 -8.24 -6.52 4.21
C LEU A 53 -8.67 -5.12 4.65
N LEU A 54 -8.59 -4.17 3.72
CA LEU A 54 -8.98 -2.79 4.01
C LEU A 54 -10.26 -2.42 3.25
N ASN A 55 -11.09 -1.60 3.89
CA ASN A 55 -12.35 -1.17 3.28
C ASN A 55 -12.10 -0.62 1.87
N PRO A 56 -13.18 -0.52 1.08
CA PRO A 56 -13.12 -0.01 -0.29
C PRO A 56 -12.81 1.48 -0.34
N LYS A 57 -13.29 2.20 0.67
CA LYS A 57 -13.07 3.65 0.75
C LYS A 57 -11.62 3.96 1.09
N GLU A 58 -11.07 3.25 2.07
CA GLU A 58 -9.69 3.45 2.49
C GLU A 58 -8.74 3.23 1.32
N ARG A 59 -8.83 2.05 0.71
CA ARG A 59 -7.97 1.70 -0.43
C ARG A 59 -7.65 2.94 -1.27
N LYS A 60 -8.69 3.68 -1.63
CA LYS A 60 -8.52 4.88 -2.44
C LYS A 60 -7.82 5.98 -1.64
N GLN A 61 -8.25 6.18 -0.41
CA GLN A 61 -7.66 7.19 0.46
C GLN A 61 -6.17 6.94 0.64
N VAL A 62 -5.83 5.78 1.20
CA VAL A 62 -4.44 5.42 1.43
C VAL A 62 -3.62 5.51 0.15
N PHE A 63 -4.17 4.96 -0.93
CA PHE A 63 -3.49 4.98 -2.22
C PHE A 63 -3.27 6.41 -2.69
N ASP A 64 -4.27 7.25 -2.50
CA ASP A 64 -4.18 8.66 -2.90
C ASP A 64 -2.95 9.33 -2.29
N GLN A 65 -2.82 9.22 -0.97
CA GLN A 65 -1.70 9.81 -0.27
C GLN A 65 -0.38 9.21 -0.74
N TYR A 66 -0.39 7.91 -0.98
CA TYR A 66 0.81 7.21 -1.43
C TYR A 66 1.25 7.71 -2.80
N VAL A 67 0.27 7.97 -3.67
CA VAL A 67 0.55 8.46 -5.01
C VAL A 67 1.09 9.88 -4.97
N LYS A 68 0.35 10.78 -4.33
CA LYS A 68 0.75 12.17 -4.22
C LYS A 68 2.21 12.29 -3.79
N THR A 69 2.56 11.55 -2.73
CA THR A 69 3.93 11.58 -2.21
C THR A 69 4.91 10.96 -3.21
N ARG A 70 4.48 9.89 -3.88
CA ARG A 70 5.31 9.22 -4.87
C ARG A 70 5.65 10.16 -6.02
N ALA A 71 4.65 10.84 -6.55
CA ALA A 71 4.84 11.78 -7.65
C ALA A 71 5.51 13.06 -7.18
N GLU A 72 4.93 13.70 -6.17
CA GLU A 72 5.47 14.94 -5.62
C GLU A 72 6.95 14.77 -5.29
N GLU A 73 7.35 13.54 -4.96
CA GLU A 73 8.73 13.26 -4.62
C GLU A 73 9.50 12.73 -5.83
N GLU A 74 9.06 13.14 -7.02
CA GLU A 74 9.71 12.71 -8.26
C GLU A 74 11.21 12.94 -8.20
N ARG A 75 11.98 11.87 -8.32
CA ARG A 75 13.44 11.95 -8.29
C ARG A 75 14.04 11.64 -9.65
N ARG A 76 14.32 12.68 -10.42
CA ARG A 76 14.90 12.52 -11.75
C ARG A 76 16.34 12.04 -11.66
N SER A 77 16.93 11.70 -12.81
CA SER A 77 18.30 11.22 -12.86
C SER A 77 19.28 12.38 -13.02
N GLY A 78 20.48 12.23 -12.46
CA GLY A 78 21.48 13.26 -12.56
C GLY A 78 22.78 12.77 -13.15
N PRO A 79 23.72 12.38 -12.29
CA PRO A 79 25.03 11.87 -12.71
C PRO A 79 24.94 10.50 -13.37
N SER A 80 23.74 9.91 -13.31
CA SER A 80 23.52 8.59 -13.91
C SER A 80 22.87 8.72 -15.28
N SER A 81 23.29 7.84 -16.20
CA SER A 81 22.75 7.86 -17.56
C SER A 81 22.90 6.49 -18.21
N GLY A 82 22.09 6.24 -19.25
CA GLY A 82 22.16 4.97 -19.94
C GLY A 82 20.78 4.43 -20.28
N GLY A 1 10.94 -14.81 17.79
CA GLY A 1 11.48 -13.47 17.98
C GLY A 1 10.43 -12.49 18.44
N SER A 2 9.73 -12.84 19.52
CA SER A 2 8.68 -11.98 20.06
C SER A 2 8.85 -11.78 21.56
N SER A 3 9.73 -10.87 21.94
CA SER A 3 10.00 -10.59 23.35
C SER A 3 8.71 -10.66 24.16
N GLY A 4 8.55 -11.74 24.92
CA GLY A 4 7.37 -11.92 25.74
C GLY A 4 6.70 -13.26 25.52
N SER A 5 6.46 -13.98 26.61
CA SER A 5 5.83 -15.30 26.53
C SER A 5 4.91 -15.53 27.72
N SER A 6 4.14 -16.61 27.67
CA SER A 6 3.22 -16.95 28.74
C SER A 6 2.31 -15.76 29.07
N GLY A 7 1.81 -15.10 28.03
CA GLY A 7 0.94 -13.96 28.23
C GLY A 7 -0.08 -13.81 27.11
N ALA A 8 -1.22 -13.22 27.44
CA ALA A 8 -2.28 -13.01 26.46
C ALA A 8 -1.71 -12.52 25.13
N ARG A 9 -1.59 -13.43 24.17
CA ARG A 9 -1.06 -13.08 22.85
C ARG A 9 -2.18 -12.63 21.91
N GLU A 10 -1.82 -11.81 20.93
CA GLU A 10 -2.79 -11.31 19.97
C GLU A 10 -3.24 -12.42 19.02
N ARG A 11 -4.54 -12.55 18.83
CA ARG A 11 -5.09 -13.56 17.94
C ARG A 11 -6.10 -12.96 16.97
N ALA A 12 -7.08 -12.24 17.52
CA ALA A 12 -8.10 -11.60 16.69
C ALA A 12 -8.08 -10.09 16.87
N ILE A 13 -6.89 -9.51 16.71
CA ILE A 13 -6.73 -8.07 16.84
C ILE A 13 -5.91 -7.49 15.69
N VAL A 14 -6.60 -7.00 14.66
CA VAL A 14 -5.93 -6.42 13.51
C VAL A 14 -5.94 -4.90 13.57
N PRO A 15 -4.83 -4.32 14.02
CA PRO A 15 -4.69 -2.87 14.14
C PRO A 15 -4.60 -2.18 12.77
N LEU A 16 -4.96 -0.90 12.74
CA LEU A 16 -4.92 -0.13 11.51
C LEU A 16 -3.51 -0.10 10.93
N GLU A 17 -2.54 0.23 11.76
CA GLU A 17 -1.15 0.30 11.34
C GLU A 17 -0.73 -0.99 10.63
N ALA A 18 -1.31 -2.10 11.06
CA ALA A 18 -1.00 -3.39 10.46
C ALA A 18 -1.64 -3.54 9.08
N ARG A 19 -2.96 -3.63 9.07
CA ARG A 19 -3.71 -3.77 7.81
C ARG A 19 -3.25 -2.72 6.79
N MET A 20 -3.16 -1.47 7.23
CA MET A 20 -2.74 -0.39 6.35
C MET A 20 -1.34 -0.65 5.80
N LYS A 21 -0.40 -0.95 6.70
CA LYS A 21 0.98 -1.22 6.31
C LYS A 21 1.03 -2.25 5.19
N GLN A 22 0.17 -3.26 5.28
CA GLN A 22 0.12 -4.31 4.27
C GLN A 22 -0.29 -3.74 2.91
N PHE A 23 -1.44 -3.11 2.85
CA PHE A 23 -1.94 -2.52 1.61
C PHE A 23 -0.89 -1.61 0.98
N LYS A 24 -0.26 -0.79 1.81
CA LYS A 24 0.77 0.13 1.35
C LYS A 24 2.02 -0.63 0.92
N ASP A 25 2.37 -1.66 1.67
CA ASP A 25 3.54 -2.47 1.36
C ASP A 25 3.45 -3.06 -0.05
N MET A 26 2.27 -3.55 -0.40
CA MET A 26 2.05 -4.14 -1.71
C MET A 26 2.01 -3.07 -2.79
N LEU A 27 1.42 -1.92 -2.46
CA LEU A 27 1.33 -0.81 -3.40
C LEU A 27 2.70 -0.44 -3.95
N LEU A 28 3.68 -0.33 -3.06
CA LEU A 28 5.04 0.01 -3.46
C LEU A 28 5.73 -1.18 -4.10
N GLU A 29 5.70 -2.31 -3.42
CA GLU A 29 6.34 -3.53 -3.93
C GLU A 29 5.81 -3.87 -5.33
N ARG A 30 4.52 -4.15 -5.42
CA ARG A 30 3.90 -4.49 -6.69
C ARG A 30 4.33 -3.52 -7.79
N GLY A 31 4.74 -2.32 -7.38
CA GLY A 31 5.17 -1.32 -8.34
C GLY A 31 4.01 -0.50 -8.89
N VAL A 32 3.11 -0.08 -8.00
CA VAL A 32 1.96 0.71 -8.41
C VAL A 32 2.38 2.11 -8.83
N SER A 33 2.32 2.37 -10.13
CA SER A 33 2.69 3.67 -10.67
C SER A 33 1.77 4.77 -10.15
N ALA A 34 2.30 5.98 -10.02
CA ALA A 34 1.53 7.11 -9.53
C ALA A 34 0.68 7.71 -10.64
N PHE A 35 1.32 8.05 -11.76
CA PHE A 35 0.62 8.64 -12.90
C PHE A 35 -0.50 7.72 -13.38
N SER A 36 -0.48 6.48 -12.91
CA SER A 36 -1.50 5.50 -13.30
C SER A 36 -2.82 5.78 -12.59
N THR A 37 -3.86 5.05 -12.99
CA THR A 37 -5.18 5.22 -12.39
C THR A 37 -5.51 4.07 -11.44
N TRP A 38 -6.53 4.27 -10.62
CA TRP A 38 -6.94 3.24 -9.67
C TRP A 38 -7.41 1.98 -10.40
N GLU A 39 -7.88 2.15 -11.62
CA GLU A 39 -8.36 1.03 -12.42
C GLU A 39 -7.25 0.02 -12.68
N LYS A 40 -6.20 0.47 -13.36
CA LYS A 40 -5.07 -0.38 -13.67
C LYS A 40 -4.50 -1.03 -12.41
N GLU A 41 -4.09 -0.19 -11.46
CA GLU A 41 -3.53 -0.67 -10.20
C GLU A 41 -4.51 -1.62 -9.51
N LEU A 42 -5.78 -1.22 -9.45
CA LEU A 42 -6.81 -2.03 -8.81
C LEU A 42 -6.71 -3.49 -9.24
N HIS A 43 -6.73 -3.72 -10.55
CA HIS A 43 -6.63 -5.07 -11.09
C HIS A 43 -5.28 -5.69 -10.76
N LYS A 44 -4.25 -4.85 -10.68
CA LYS A 44 -2.91 -5.32 -10.36
C LYS A 44 -2.82 -5.80 -8.92
N ILE A 45 -3.73 -5.32 -8.08
CA ILE A 45 -3.77 -5.71 -6.67
C ILE A 45 -5.07 -6.41 -6.33
N VAL A 46 -5.90 -6.65 -7.34
CA VAL A 46 -7.18 -7.31 -7.14
C VAL A 46 -6.99 -8.78 -6.79
N PHE A 47 -5.89 -9.36 -7.26
CA PHE A 47 -5.59 -10.75 -7.01
C PHE A 47 -4.86 -10.91 -5.67
N ASP A 48 -4.69 -9.81 -4.95
CA ASP A 48 -4.01 -9.82 -3.67
C ASP A 48 -5.01 -9.95 -2.53
N PRO A 49 -4.67 -10.75 -1.52
CA PRO A 49 -5.52 -10.97 -0.34
C PRO A 49 -5.63 -9.73 0.55
N ARG A 50 -4.54 -8.98 0.62
CA ARG A 50 -4.49 -7.76 1.43
C ARG A 50 -5.42 -6.69 0.85
N TYR A 51 -5.76 -6.83 -0.42
CA TYR A 51 -6.63 -5.88 -1.09
C TYR A 51 -8.03 -5.92 -0.51
N LEU A 52 -8.34 -6.98 0.23
CA LEU A 52 -9.64 -7.14 0.85
C LEU A 52 -9.53 -7.09 2.37
N LEU A 53 -8.40 -6.57 2.87
CA LEU A 53 -8.17 -6.47 4.29
C LEU A 53 -8.54 -5.08 4.80
N LEU A 54 -8.59 -4.11 3.89
CA LEU A 54 -8.92 -2.74 4.23
C LEU A 54 -10.26 -2.32 3.59
N ASN A 55 -10.99 -1.45 4.28
CA ASN A 55 -12.27 -0.97 3.78
C ASN A 55 -12.14 -0.49 2.34
N PRO A 56 -13.29 -0.38 1.65
CA PRO A 56 -13.34 0.07 0.26
C PRO A 56 -13.00 1.55 0.12
N LYS A 57 -13.39 2.34 1.12
CA LYS A 57 -13.12 3.77 1.11
C LYS A 57 -11.64 4.05 1.34
N GLU A 58 -11.05 3.37 2.32
CA GLU A 58 -9.65 3.55 2.64
C GLU A 58 -8.77 3.27 1.42
N ARG A 59 -8.96 2.10 0.82
CA ARG A 59 -8.18 1.70 -0.35
C ARG A 59 -7.88 2.91 -1.23
N LYS A 60 -8.90 3.71 -1.50
CA LYS A 60 -8.75 4.90 -2.33
C LYS A 60 -7.97 5.99 -1.59
N GLN A 61 -8.33 6.21 -0.33
CA GLN A 61 -7.67 7.22 0.49
C GLN A 61 -6.17 6.94 0.60
N VAL A 62 -5.83 5.76 1.11
CA VAL A 62 -4.44 5.37 1.27
C VAL A 62 -3.69 5.44 -0.06
N PHE A 63 -4.29 4.86 -1.10
CA PHE A 63 -3.70 4.86 -2.42
C PHE A 63 -3.40 6.29 -2.89
N ASP A 64 -4.36 7.18 -2.68
CA ASP A 64 -4.21 8.58 -3.08
C ASP A 64 -2.94 9.18 -2.48
N GLN A 65 -2.80 9.06 -1.15
CA GLN A 65 -1.65 9.59 -0.45
C GLN A 65 -0.36 8.99 -1.00
N TYR A 66 -0.40 7.70 -1.32
CA TYR A 66 0.77 7.00 -1.85
C TYR A 66 1.19 7.59 -3.19
N VAL A 67 0.21 7.87 -4.04
CA VAL A 67 0.48 8.44 -5.36
C VAL A 67 1.02 9.86 -5.24
N LYS A 68 0.45 10.64 -4.34
CA LYS A 68 0.87 12.01 -4.12
C LYS A 68 2.35 12.07 -3.73
N THR A 69 2.77 11.12 -2.89
CA THR A 69 4.15 11.05 -2.44
C THR A 69 5.08 10.56 -3.55
N ARG A 70 4.61 9.57 -4.30
CA ARG A 70 5.40 9.00 -5.39
C ARG A 70 5.60 10.04 -6.50
N ALA A 71 4.67 10.98 -6.61
CA ALA A 71 4.74 12.02 -7.62
C ALA A 71 5.47 13.25 -7.09
N GLU A 72 5.06 13.71 -5.91
CA GLU A 72 5.67 14.89 -5.30
C GLU A 72 7.19 14.72 -5.20
N GLU A 73 7.62 13.48 -4.96
CA GLU A 73 9.04 13.19 -4.83
C GLU A 73 9.82 13.73 -6.02
N GLU A 74 9.11 14.02 -7.11
CA GLU A 74 9.72 14.53 -8.32
C GLU A 74 9.33 15.99 -8.55
N ARG A 75 10.23 16.74 -9.19
CA ARG A 75 9.99 18.15 -9.47
C ARG A 75 8.51 18.40 -9.75
N ARG A 76 7.96 17.62 -10.68
CA ARG A 76 6.55 17.75 -11.05
C ARG A 76 5.66 17.77 -9.81
N SER A 77 5.24 18.96 -9.40
CA SER A 77 4.39 19.11 -8.23
C SER A 77 3.96 20.56 -8.04
N GLY A 78 2.65 20.79 -8.08
CA GLY A 78 2.13 22.13 -7.92
C GLY A 78 1.49 22.35 -6.56
N PRO A 79 1.38 23.63 -6.16
CA PRO A 79 0.79 23.99 -4.87
C PRO A 79 -0.72 23.74 -4.83
N SER A 80 -1.15 22.86 -3.92
CA SER A 80 -2.55 22.53 -3.78
C SER A 80 -3.27 23.56 -2.91
N SER A 81 -3.68 24.66 -3.53
CA SER A 81 -4.37 25.73 -2.81
C SER A 81 -3.80 25.89 -1.40
N GLY A 82 -2.48 25.85 -1.29
CA GLY A 82 -1.83 25.99 -0.01
C GLY A 82 -0.67 26.96 -0.05
N GLY A 1 14.27 -0.04 0.01
CA GLY A 1 13.78 -0.23 1.36
C GLY A 1 12.44 -0.94 1.40
N SER A 2 11.63 -0.62 2.40
CA SER A 2 10.31 -1.23 2.55
C SER A 2 10.44 -2.74 2.76
N SER A 3 11.27 -3.13 3.73
CA SER A 3 11.49 -4.54 4.03
C SER A 3 10.42 -5.05 4.99
N GLY A 4 9.97 -6.28 4.76
CA GLY A 4 8.95 -6.87 5.61
C GLY A 4 8.43 -8.18 5.06
N SER A 5 8.76 -9.27 5.72
CA SER A 5 8.32 -10.60 5.29
C SER A 5 7.38 -11.22 6.32
N SER A 6 7.76 -11.14 7.59
CA SER A 6 6.95 -11.69 8.67
C SER A 6 7.46 -11.24 10.02
N GLY A 7 6.76 -11.63 11.09
CA GLY A 7 7.16 -11.26 12.42
C GLY A 7 6.41 -12.04 13.49
N ALA A 8 7.16 -12.67 14.39
CA ALA A 8 6.57 -13.45 15.46
C ALA A 8 5.33 -12.77 16.02
N ARG A 9 4.24 -13.52 16.13
CA ARG A 9 2.98 -12.98 16.65
C ARG A 9 2.43 -13.87 17.75
N GLU A 10 1.70 -13.27 18.68
CA GLU A 10 1.10 -14.01 19.79
C GLU A 10 -0.42 -14.03 19.67
N ARG A 11 -1.03 -12.86 19.67
CA ARG A 11 -2.48 -12.74 19.57
C ARG A 11 -2.88 -12.21 18.18
N ALA A 12 -4.13 -12.47 17.80
CA ALA A 12 -4.64 -12.02 16.51
C ALA A 12 -5.14 -10.59 16.60
N ILE A 13 -4.20 -9.63 16.53
CA ILE A 13 -4.54 -8.23 16.60
C ILE A 13 -4.09 -7.49 15.34
N VAL A 14 -5.06 -7.08 14.52
CA VAL A 14 -4.75 -6.37 13.29
C VAL A 14 -5.19 -4.91 13.38
N PRO A 15 -4.35 -4.07 14.00
CA PRO A 15 -4.63 -2.64 14.16
C PRO A 15 -4.56 -1.88 12.84
N LEU A 16 -5.05 -0.65 12.85
CA LEU A 16 -5.05 0.19 11.65
C LEU A 16 -3.66 0.24 11.03
N GLU A 17 -2.67 0.63 11.84
CA GLU A 17 -1.30 0.72 11.35
C GLU A 17 -0.84 -0.59 10.72
N ALA A 18 -1.31 -1.70 11.29
CA ALA A 18 -0.97 -3.02 10.78
C ALA A 18 -1.50 -3.23 9.37
N ARG A 19 -2.81 -3.36 9.24
CA ARG A 19 -3.45 -3.56 7.95
C ARG A 19 -2.98 -2.51 6.95
N MET A 20 -3.00 -1.25 7.36
CA MET A 20 -2.57 -0.16 6.50
C MET A 20 -1.18 -0.40 5.96
N LYS A 21 -0.29 -0.87 6.83
CA LYS A 21 1.09 -1.15 6.44
C LYS A 21 1.14 -2.17 5.31
N GLN A 22 0.39 -3.26 5.46
CA GLN A 22 0.35 -4.30 4.46
C GLN A 22 -0.04 -3.74 3.10
N PHE A 23 -1.15 -3.01 3.06
CA PHE A 23 -1.63 -2.41 1.82
C PHE A 23 -0.54 -1.57 1.16
N LYS A 24 -0.04 -0.58 1.90
CA LYS A 24 1.01 0.30 1.40
C LYS A 24 2.20 -0.50 0.90
N ASP A 25 2.50 -1.60 1.60
CA ASP A 25 3.62 -2.46 1.23
C ASP A 25 3.45 -3.01 -0.18
N MET A 26 2.30 -3.62 -0.43
CA MET A 26 2.00 -4.19 -1.74
C MET A 26 1.91 -3.10 -2.80
N LEU A 27 1.36 -1.95 -2.42
CA LEU A 27 1.22 -0.82 -3.34
C LEU A 27 2.56 -0.47 -3.97
N LEU A 28 3.59 -0.33 -3.14
CA LEU A 28 4.92 0.01 -3.62
C LEU A 28 5.58 -1.19 -4.30
N GLU A 29 5.60 -2.31 -3.60
CA GLU A 29 6.19 -3.54 -4.14
C GLU A 29 5.58 -3.89 -5.49
N ARG A 30 4.29 -4.23 -5.47
CA ARG A 30 3.58 -4.60 -6.69
C ARG A 30 4.00 -3.71 -7.85
N GLY A 31 4.41 -2.48 -7.54
CA GLY A 31 4.84 -1.56 -8.57
C GLY A 31 3.72 -0.64 -9.03
N VAL A 32 2.94 -0.14 -8.09
CA VAL A 32 1.82 0.74 -8.41
C VAL A 32 2.32 2.11 -8.86
N SER A 33 2.44 2.28 -10.17
CA SER A 33 2.91 3.54 -10.74
C SER A 33 2.00 4.70 -10.33
N ALA A 34 2.59 5.73 -9.74
CA ALA A 34 1.84 6.89 -9.30
C ALA A 34 1.22 7.63 -10.48
N PHE A 35 1.91 7.59 -11.61
CA PHE A 35 1.43 8.26 -12.82
C PHE A 35 0.44 7.38 -13.57
N SER A 36 -0.35 6.61 -12.82
CA SER A 36 -1.34 5.72 -13.42
C SER A 36 -2.73 5.98 -12.84
N THR A 37 -3.69 5.16 -13.24
CA THR A 37 -5.06 5.30 -12.76
C THR A 37 -5.41 4.21 -11.74
N TRP A 38 -6.42 4.47 -10.93
CA TRP A 38 -6.86 3.52 -9.91
C TRP A 38 -7.36 2.23 -10.56
N GLU A 39 -8.06 2.36 -11.69
CA GLU A 39 -8.59 1.22 -12.40
C GLU A 39 -7.49 0.21 -12.71
N LYS A 40 -6.45 0.65 -13.40
CA LYS A 40 -5.33 -0.21 -13.76
C LYS A 40 -4.64 -0.75 -12.51
N GLU A 41 -4.14 0.15 -11.68
CA GLU A 41 -3.47 -0.24 -10.45
C GLU A 41 -4.34 -1.18 -9.62
N LEU A 42 -5.64 -0.97 -9.67
CA LEU A 42 -6.59 -1.80 -8.92
C LEU A 42 -6.47 -3.26 -9.35
N HIS A 43 -6.75 -3.52 -10.62
CA HIS A 43 -6.67 -4.88 -11.15
C HIS A 43 -5.33 -5.53 -10.80
N LYS A 44 -4.28 -4.72 -10.79
CA LYS A 44 -2.95 -5.21 -10.46
C LYS A 44 -2.89 -5.73 -9.04
N ILE A 45 -3.54 -5.02 -8.12
CA ILE A 45 -3.56 -5.41 -6.73
C ILE A 45 -4.91 -6.02 -6.34
N VAL A 46 -5.71 -6.36 -7.34
CA VAL A 46 -7.02 -6.95 -7.12
C VAL A 46 -6.90 -8.44 -6.81
N PHE A 47 -5.82 -9.05 -7.27
CA PHE A 47 -5.59 -10.48 -7.04
C PHE A 47 -5.15 -10.73 -5.60
N ASP A 48 -4.24 -9.90 -5.12
CA ASP A 48 -3.73 -10.04 -3.75
C ASP A 48 -4.88 -10.07 -2.75
N PRO A 49 -4.77 -10.96 -1.74
CA PRO A 49 -5.78 -11.11 -0.69
C PRO A 49 -5.85 -9.90 0.23
N ARG A 50 -4.69 -9.30 0.49
CA ARG A 50 -4.62 -8.13 1.37
C ARG A 50 -5.50 -7.00 0.84
N TYR A 51 -5.88 -7.10 -0.43
CA TYR A 51 -6.72 -6.08 -1.06
C TYR A 51 -8.11 -6.06 -0.44
N LEU A 52 -8.44 -7.13 0.28
CA LEU A 52 -9.74 -7.25 0.92
C LEU A 52 -9.64 -6.98 2.42
N LEU A 53 -8.42 -6.94 2.92
CA LEU A 53 -8.17 -6.70 4.34
C LEU A 53 -8.67 -5.31 4.74
N LEU A 54 -8.24 -4.29 4.00
CA LEU A 54 -8.64 -2.91 4.28
C LEU A 54 -9.98 -2.60 3.62
N ASN A 55 -10.76 -1.73 4.24
CA ASN A 55 -12.06 -1.35 3.71
C ASN A 55 -11.92 -0.79 2.30
N PRO A 56 -13.04 -0.74 1.57
CA PRO A 56 -13.08 -0.22 0.19
C PRO A 56 -12.85 1.28 0.13
N LYS A 57 -13.30 1.99 1.17
CA LYS A 57 -13.15 3.44 1.24
C LYS A 57 -11.70 3.82 1.50
N GLU A 58 -11.09 3.15 2.48
CA GLU A 58 -9.70 3.43 2.84
C GLU A 58 -8.78 3.17 1.65
N ARG A 59 -8.90 1.98 1.06
CA ARG A 59 -8.07 1.62 -0.09
C ARG A 59 -7.89 2.81 -1.02
N LYS A 60 -8.97 3.51 -1.31
CA LYS A 60 -8.92 4.67 -2.19
C LYS A 60 -8.21 5.83 -1.52
N GLN A 61 -8.53 6.06 -0.25
CA GLN A 61 -7.90 7.15 0.51
C GLN A 61 -6.39 6.97 0.59
N VAL A 62 -5.97 5.84 1.18
CA VAL A 62 -4.56 5.55 1.32
C VAL A 62 -3.83 5.61 -0.03
N PHE A 63 -4.49 5.08 -1.05
CA PHE A 63 -3.91 5.07 -2.39
C PHE A 63 -3.64 6.49 -2.89
N ASP A 64 -4.65 7.36 -2.74
CA ASP A 64 -4.53 8.75 -3.16
C ASP A 64 -3.31 9.40 -2.53
N GLN A 65 -3.15 9.21 -1.22
CA GLN A 65 -2.02 9.79 -0.51
C GLN A 65 -0.70 9.17 -0.96
N TYR A 66 -0.71 7.86 -1.18
CA TYR A 66 0.48 7.15 -1.62
C TYR A 66 0.94 7.65 -2.98
N VAL A 67 0.00 7.76 -3.91
CA VAL A 67 0.31 8.23 -5.26
C VAL A 67 0.90 9.63 -5.23
N LYS A 68 0.30 10.50 -4.42
CA LYS A 68 0.77 11.88 -4.29
C LYS A 68 2.23 11.92 -3.86
N THR A 69 2.55 11.16 -2.82
CA THR A 69 3.92 11.12 -2.31
C THR A 69 4.87 10.51 -3.33
N ARG A 70 4.41 9.46 -4.00
CA ARG A 70 5.23 8.79 -5.01
C ARG A 70 5.51 9.71 -6.18
N ALA A 71 4.51 10.53 -6.54
CA ALA A 71 4.66 11.46 -7.65
C ALA A 71 5.54 12.64 -7.26
N GLU A 72 5.23 13.27 -6.13
CA GLU A 72 6.00 14.41 -5.67
C GLU A 72 7.48 14.05 -5.51
N GLU A 73 7.73 12.86 -4.98
CA GLU A 73 9.10 12.40 -4.77
C GLU A 73 9.66 11.76 -6.05
N GLU A 74 9.15 12.20 -7.19
CA GLU A 74 9.59 11.68 -8.47
C GLU A 74 9.98 12.81 -9.43
N ARG A 75 11.06 12.60 -10.17
CA ARG A 75 11.54 13.60 -11.12
C ARG A 75 10.80 13.49 -12.45
N ARG A 76 10.77 14.57 -13.21
CA ARG A 76 10.09 14.60 -14.50
C ARG A 76 11.08 14.92 -15.62
N SER A 77 11.00 14.16 -16.70
CA SER A 77 11.88 14.36 -17.85
C SER A 77 11.95 15.83 -18.23
N GLY A 78 13.01 16.21 -18.94
CA GLY A 78 13.17 17.59 -19.36
C GLY A 78 11.94 18.14 -20.02
N PRO A 79 11.66 19.43 -19.80
CA PRO A 79 10.50 20.11 -20.38
C PRO A 79 10.63 20.30 -21.88
N SER A 80 9.58 20.84 -22.50
CA SER A 80 9.57 21.08 -23.94
C SER A 80 8.32 21.84 -24.36
N SER A 81 8.30 22.26 -25.62
CA SER A 81 7.16 23.00 -26.16
C SER A 81 6.06 22.05 -26.62
N GLY A 82 5.12 21.76 -25.74
CA GLY A 82 4.03 20.86 -26.08
C GLY A 82 3.38 21.22 -27.39
N GLY A 1 21.85 -6.23 15.01
CA GLY A 1 21.28 -7.40 14.37
C GLY A 1 20.01 -7.87 15.05
N SER A 2 19.53 -9.04 14.64
CA SER A 2 18.31 -9.60 15.21
C SER A 2 18.62 -10.51 16.40
N SER A 3 17.62 -10.74 17.24
CA SER A 3 17.80 -11.58 18.42
C SER A 3 16.85 -12.78 18.37
N GLY A 4 15.58 -12.51 18.08
CA GLY A 4 14.60 -13.58 18.01
C GLY A 4 13.21 -13.11 18.39
N SER A 5 12.24 -13.36 17.52
CA SER A 5 10.86 -12.97 17.78
C SER A 5 9.90 -14.11 17.47
N SER A 6 9.11 -14.50 18.46
CA SER A 6 8.14 -15.58 18.29
C SER A 6 6.79 -15.03 17.84
N GLY A 7 6.19 -14.18 18.66
CA GLY A 7 4.91 -13.60 18.31
C GLY A 7 3.80 -14.64 18.28
N ALA A 8 3.27 -14.97 19.45
CA ALA A 8 2.19 -15.96 19.55
C ALA A 8 0.85 -15.28 19.83
N ARG A 9 0.03 -15.14 18.79
CA ARG A 9 -1.27 -14.52 18.94
C ARG A 9 -2.36 -15.35 18.26
N GLU A 10 -3.17 -16.02 19.07
CA GLU A 10 -4.24 -16.86 18.54
C GLU A 10 -5.53 -16.05 18.40
N ARG A 11 -5.41 -14.82 17.92
CA ARG A 11 -6.56 -13.95 17.73
C ARG A 11 -6.60 -13.41 16.31
N ALA A 12 -7.80 -13.13 15.82
CA ALA A 12 -7.98 -12.60 14.47
C ALA A 12 -8.23 -11.09 14.50
N ILE A 13 -7.61 -10.41 15.45
CA ILE A 13 -7.75 -8.97 15.58
C ILE A 13 -6.55 -8.22 15.01
N VAL A 14 -6.72 -7.66 13.83
CA VAL A 14 -5.65 -6.92 13.17
C VAL A 14 -5.86 -5.42 13.29
N PRO A 15 -4.86 -4.72 13.84
CA PRO A 15 -4.92 -3.26 14.02
C PRO A 15 -4.84 -2.51 12.70
N LEU A 16 -5.23 -1.24 12.73
CA LEU A 16 -5.22 -0.41 11.53
C LEU A 16 -3.81 -0.34 10.94
N GLU A 17 -2.83 -0.06 11.78
CA GLU A 17 -1.45 0.05 11.34
C GLU A 17 -1.02 -1.23 10.62
N ALA A 18 -1.48 -2.37 11.13
CA ALA A 18 -1.14 -3.66 10.54
C ALA A 18 -1.68 -3.77 9.11
N ARG A 19 -3.00 -3.78 8.99
CA ARG A 19 -3.64 -3.88 7.67
C ARG A 19 -3.09 -2.84 6.72
N MET A 20 -3.02 -1.59 7.18
CA MET A 20 -2.51 -0.50 6.36
C MET A 20 -1.11 -0.81 5.86
N LYS A 21 -0.25 -1.25 6.77
CA LYS A 21 1.14 -1.58 6.41
C LYS A 21 1.17 -2.55 5.23
N GLN A 22 0.34 -3.58 5.29
CA GLN A 22 0.29 -4.57 4.22
C GLN A 22 -0.04 -3.92 2.89
N PHE A 23 -1.22 -3.31 2.80
CA PHE A 23 -1.65 -2.65 1.57
C PHE A 23 -0.54 -1.80 0.99
N LYS A 24 -0.01 -0.89 1.81
CA LYS A 24 1.06 -0.01 1.37
C LYS A 24 2.25 -0.82 0.83
N ASP A 25 2.66 -1.82 1.60
CA ASP A 25 3.77 -2.67 1.20
C ASP A 25 3.62 -3.13 -0.25
N MET A 26 2.39 -3.48 -0.63
CA MET A 26 2.12 -3.93 -2.00
C MET A 26 2.30 -2.79 -2.99
N LEU A 27 1.46 -1.77 -2.86
CA LEU A 27 1.52 -0.61 -3.75
C LEU A 27 2.96 -0.26 -4.08
N LEU A 28 3.86 -0.45 -3.12
CA LEU A 28 5.27 -0.16 -3.32
C LEU A 28 5.97 -1.32 -4.01
N GLU A 29 5.88 -2.50 -3.40
CA GLU A 29 6.51 -3.70 -3.97
C GLU A 29 6.07 -3.92 -5.41
N ARG A 30 4.78 -4.18 -5.60
CA ARG A 30 4.23 -4.42 -6.92
C ARG A 30 4.77 -3.40 -7.92
N GLY A 31 5.08 -2.20 -7.42
CA GLY A 31 5.60 -1.16 -8.29
C GLY A 31 4.49 -0.29 -8.87
N VAL A 32 3.43 -0.09 -8.11
CA VAL A 32 2.30 0.71 -8.57
C VAL A 32 2.76 2.12 -8.94
N SER A 33 2.60 2.46 -10.22
CA SER A 33 2.99 3.78 -10.70
C SER A 33 2.00 4.84 -10.27
N ALA A 34 2.50 6.05 -9.99
CA ALA A 34 1.65 7.15 -9.56
C ALA A 34 1.01 7.85 -10.77
N PHE A 35 1.71 7.80 -11.90
CA PHE A 35 1.22 8.43 -13.12
C PHE A 35 0.14 7.57 -13.78
N SER A 36 -0.14 6.42 -13.18
CA SER A 36 -1.14 5.52 -13.71
C SER A 36 -2.52 5.81 -13.11
N THR A 37 -3.50 5.01 -13.49
CA THR A 37 -4.86 5.19 -12.99
C THR A 37 -5.21 4.13 -11.94
N TRP A 38 -6.23 4.40 -11.14
CA TRP A 38 -6.66 3.49 -10.10
C TRP A 38 -7.18 2.18 -10.71
N GLU A 39 -7.68 2.26 -11.93
CA GLU A 39 -8.22 1.09 -12.62
C GLU A 39 -7.12 0.04 -12.81
N LYS A 40 -6.06 0.42 -13.51
CA LYS A 40 -4.95 -0.48 -13.77
C LYS A 40 -4.40 -1.05 -12.48
N GLU A 41 -3.94 -0.17 -11.60
CA GLU A 41 -3.38 -0.58 -10.31
C GLU A 41 -4.38 -1.43 -9.53
N LEU A 42 -5.63 -0.98 -9.51
CA LEU A 42 -6.68 -1.69 -8.79
C LEU A 42 -6.65 -3.19 -9.12
N HIS A 43 -6.85 -3.52 -10.39
CA HIS A 43 -6.83 -4.91 -10.82
C HIS A 43 -5.48 -5.56 -10.51
N LYS A 44 -4.43 -4.76 -10.52
CA LYS A 44 -3.09 -5.26 -10.22
C LYS A 44 -2.96 -5.65 -8.76
N ILE A 45 -3.85 -5.11 -7.92
CA ILE A 45 -3.83 -5.41 -6.49
C ILE A 45 -5.17 -5.98 -6.04
N VAL A 46 -6.04 -6.27 -7.00
CA VAL A 46 -7.35 -6.82 -6.70
C VAL A 46 -7.27 -8.31 -6.37
N PHE A 47 -6.28 -8.97 -6.96
CA PHE A 47 -6.08 -10.40 -6.73
C PHE A 47 -5.58 -10.66 -5.30
N ASP A 48 -4.62 -9.87 -4.87
CA ASP A 48 -4.06 -10.01 -3.53
C ASP A 48 -5.16 -10.00 -2.47
N PRO A 49 -5.02 -10.86 -1.46
CA PRO A 49 -5.99 -10.97 -0.37
C PRO A 49 -5.98 -9.76 0.54
N ARG A 50 -4.79 -9.17 0.73
CA ARG A 50 -4.65 -7.99 1.58
C ARG A 50 -5.57 -6.87 1.12
N TYR A 51 -5.93 -6.90 -0.17
CA TYR A 51 -6.79 -5.88 -0.74
C TYR A 51 -8.19 -5.95 -0.12
N LEU A 52 -8.50 -7.08 0.50
CA LEU A 52 -9.81 -7.27 1.12
C LEU A 52 -9.69 -7.23 2.64
N LEU A 53 -8.64 -6.56 3.13
CA LEU A 53 -8.42 -6.44 4.57
C LEU A 53 -8.77 -5.05 5.06
N LEU A 54 -8.62 -4.06 4.18
CA LEU A 54 -8.94 -2.68 4.52
C LEU A 54 -10.27 -2.26 3.93
N ASN A 55 -10.95 -1.32 4.59
CA ASN A 55 -12.24 -0.83 4.13
C ASN A 55 -12.17 -0.42 2.66
N PRO A 56 -13.34 -0.32 2.02
CA PRO A 56 -13.44 0.07 0.61
C PRO A 56 -13.08 1.52 0.38
N LYS A 57 -13.46 2.38 1.33
CA LYS A 57 -13.16 3.81 1.22
C LYS A 57 -11.68 4.08 1.45
N GLU A 58 -11.10 3.36 2.40
CA GLU A 58 -9.67 3.52 2.72
C GLU A 58 -8.81 3.22 1.49
N ARG A 59 -9.00 2.04 0.92
CA ARG A 59 -8.24 1.63 -0.25
C ARG A 59 -7.92 2.83 -1.14
N LYS A 60 -8.94 3.64 -1.42
CA LYS A 60 -8.77 4.83 -2.25
C LYS A 60 -8.00 5.91 -1.51
N GLN A 61 -8.36 6.12 -0.25
CA GLN A 61 -7.70 7.13 0.57
C GLN A 61 -6.20 6.88 0.65
N VAL A 62 -5.83 5.68 1.11
CA VAL A 62 -4.43 5.32 1.23
C VAL A 62 -3.72 5.36 -0.12
N PHE A 63 -4.34 4.73 -1.12
CA PHE A 63 -3.78 4.69 -2.46
C PHE A 63 -3.55 6.10 -3.00
N ASP A 64 -4.46 7.01 -2.66
CA ASP A 64 -4.35 8.40 -3.11
C ASP A 64 -3.11 9.06 -2.51
N GLN A 65 -2.98 8.97 -1.19
CA GLN A 65 -1.85 9.57 -0.50
C GLN A 65 -0.52 9.01 -1.04
N TYR A 66 -0.52 7.73 -1.38
CA TYR A 66 0.68 7.09 -1.91
C TYR A 66 1.04 7.65 -3.28
N VAL A 67 0.03 7.86 -4.11
CA VAL A 67 0.25 8.40 -5.45
C VAL A 67 0.69 9.86 -5.40
N LYS A 68 0.09 10.62 -4.48
CA LYS A 68 0.42 12.02 -4.32
C LYS A 68 1.89 12.20 -3.90
N THR A 69 2.34 11.34 -3.01
CA THR A 69 3.72 11.39 -2.53
C THR A 69 4.69 10.86 -3.57
N ARG A 70 4.28 9.80 -4.27
CA ARG A 70 5.11 9.20 -5.30
C ARG A 70 5.43 10.21 -6.40
N ALA A 71 4.46 11.06 -6.71
CA ALA A 71 4.64 12.08 -7.75
C ALA A 71 5.34 13.31 -7.18
N GLU A 72 4.72 13.92 -6.18
CA GLU A 72 5.28 15.12 -5.56
C GLU A 72 6.77 14.93 -5.24
N GLU A 73 7.16 13.67 -5.04
CA GLU A 73 8.55 13.35 -4.71
C GLU A 73 9.32 12.98 -5.98
N GLU A 74 8.87 13.51 -7.12
CA GLU A 74 9.52 13.24 -8.40
C GLU A 74 11.01 13.59 -8.33
N ARG A 75 11.83 12.60 -7.98
CA ARG A 75 13.27 12.81 -7.88
C ARG A 75 13.93 12.63 -9.25
N ARG A 76 15.15 13.14 -9.38
CA ARG A 76 15.89 13.04 -10.62
C ARG A 76 15.76 11.65 -11.23
N SER A 77 15.87 11.55 -12.55
CA SER A 77 15.77 10.28 -13.24
C SER A 77 16.62 9.22 -12.57
N GLY A 78 16.01 8.07 -12.26
CA GLY A 78 16.73 7.00 -11.62
C GLY A 78 15.81 5.94 -11.04
N PRO A 79 15.25 5.10 -11.93
CA PRO A 79 14.33 4.02 -11.53
C PRO A 79 15.04 2.91 -10.76
N SER A 80 14.28 2.16 -9.98
CA SER A 80 14.83 1.07 -9.19
C SER A 80 14.06 -0.23 -9.44
N SER A 81 14.75 -1.24 -9.95
CA SER A 81 14.14 -2.53 -10.24
C SER A 81 13.46 -3.10 -9.00
N GLY A 82 14.15 -3.02 -7.86
CA GLY A 82 13.59 -3.52 -6.62
C GLY A 82 12.74 -4.76 -6.82
N GLY A 1 20.99 -3.50 14.16
CA GLY A 1 20.93 -4.77 13.46
C GLY A 1 19.92 -5.72 14.07
N SER A 2 18.75 -5.19 14.41
CA SER A 2 17.69 -6.00 15.02
C SER A 2 16.37 -5.82 14.26
N SER A 3 16.04 -6.81 13.43
CA SER A 3 14.81 -6.77 12.65
C SER A 3 13.59 -6.98 13.53
N GLY A 4 13.83 -7.49 14.74
CA GLY A 4 12.74 -7.74 15.66
C GLY A 4 11.76 -8.77 15.15
N SER A 5 11.78 -9.95 15.75
CA SER A 5 10.90 -11.04 15.34
C SER A 5 9.86 -11.33 16.42
N SER A 6 8.75 -10.60 16.40
CA SER A 6 7.69 -10.78 17.38
C SER A 6 6.34 -10.34 16.81
N GLY A 7 5.28 -10.61 17.56
CA GLY A 7 3.95 -10.24 17.11
C GLY A 7 2.91 -11.27 17.48
N ALA A 8 2.42 -11.21 18.71
CA ALA A 8 1.42 -12.15 19.19
C ALA A 8 0.03 -11.51 19.20
N ARG A 9 -0.87 -12.06 18.38
CA ARG A 9 -2.23 -11.54 18.30
C ARG A 9 -3.21 -12.46 19.01
N GLU A 10 -3.96 -11.91 19.95
CA GLU A 10 -4.93 -12.67 20.71
C GLU A 10 -6.22 -12.88 19.91
N ARG A 11 -6.92 -11.79 19.63
CA ARG A 11 -8.16 -11.85 18.88
C ARG A 11 -7.91 -11.53 17.41
N ALA A 12 -8.99 -11.53 16.62
CA ALA A 12 -8.89 -11.24 15.20
C ALA A 12 -9.19 -9.77 14.91
N ILE A 13 -8.49 -8.88 15.61
CA ILE A 13 -8.70 -7.45 15.43
C ILE A 13 -7.39 -6.75 15.07
N VAL A 14 -7.10 -6.69 13.77
CA VAL A 14 -5.88 -6.05 13.28
C VAL A 14 -6.00 -4.53 13.36
N PRO A 15 -4.98 -3.88 13.94
CA PRO A 15 -4.94 -2.42 14.09
C PRO A 15 -4.75 -1.72 12.76
N LEU A 16 -5.20 -0.47 12.68
CA LEU A 16 -5.07 0.32 11.46
C LEU A 16 -3.65 0.28 10.93
N GLU A 17 -2.69 0.54 11.81
CA GLU A 17 -1.28 0.54 11.42
C GLU A 17 -0.91 -0.80 10.76
N ALA A 18 -1.42 -1.88 11.32
CA ALA A 18 -1.13 -3.21 10.78
C ALA A 18 -1.66 -3.36 9.36
N ARG A 19 -2.98 -3.41 9.23
CA ARG A 19 -3.62 -3.56 7.93
C ARG A 19 -3.03 -2.56 6.93
N MET A 20 -2.92 -1.30 7.36
CA MET A 20 -2.37 -0.25 6.50
C MET A 20 -0.97 -0.61 6.03
N LYS A 21 -0.13 -1.06 6.95
CA LYS A 21 1.24 -1.44 6.62
C LYS A 21 1.27 -2.45 5.48
N GLN A 22 0.40 -3.46 5.57
CA GLN A 22 0.32 -4.49 4.54
C GLN A 22 0.02 -3.88 3.17
N PHE A 23 -1.12 -3.22 3.07
CA PHE A 23 -1.53 -2.58 1.82
C PHE A 23 -0.40 -1.74 1.24
N LYS A 24 0.05 -0.76 2.02
CA LYS A 24 1.14 0.12 1.59
C LYS A 24 2.34 -0.69 1.11
N ASP A 25 2.61 -1.79 1.78
CA ASP A 25 3.72 -2.66 1.42
C ASP A 25 3.59 -3.15 -0.02
N MET A 26 2.45 -3.75 -0.33
CA MET A 26 2.20 -4.26 -1.67
C MET A 26 2.13 -3.13 -2.68
N LEU A 27 1.55 -2.00 -2.27
CA LEU A 27 1.43 -0.84 -3.14
C LEU A 27 2.77 -0.47 -3.76
N LEU A 28 3.79 -0.35 -2.91
CA LEU A 28 5.13 0.00 -3.37
C LEU A 28 5.79 -1.19 -4.06
N GLU A 29 5.73 -2.35 -3.41
CA GLU A 29 6.32 -3.56 -3.96
C GLU A 29 5.77 -3.86 -5.35
N ARG A 30 4.47 -4.17 -5.41
CA ARG A 30 3.83 -4.48 -6.68
C ARG A 30 4.27 -3.50 -7.78
N GLY A 31 4.68 -2.31 -7.35
CA GLY A 31 5.12 -1.31 -8.31
C GLY A 31 3.97 -0.48 -8.86
N VAL A 32 3.08 -0.06 -7.98
CA VAL A 32 1.93 0.73 -8.38
C VAL A 32 2.36 2.12 -8.85
N SER A 33 2.25 2.37 -10.15
CA SER A 33 2.63 3.65 -10.72
C SER A 33 1.68 4.76 -10.25
N ALA A 34 2.26 5.90 -9.88
CA ALA A 34 1.47 7.04 -9.42
C ALA A 34 0.67 7.65 -10.55
N PHE A 35 1.34 8.03 -11.62
CA PHE A 35 0.68 8.64 -12.77
C PHE A 35 -0.44 7.73 -13.29
N SER A 36 -0.27 6.43 -13.12
CA SER A 36 -1.27 5.47 -13.57
C SER A 36 -2.63 5.77 -12.95
N THR A 37 -3.67 5.12 -13.48
CA THR A 37 -5.03 5.33 -12.99
C THR A 37 -5.39 4.27 -11.94
N TRP A 38 -6.30 4.63 -11.05
CA TRP A 38 -6.74 3.71 -10.00
C TRP A 38 -7.29 2.42 -10.59
N GLU A 39 -7.78 2.50 -11.82
CA GLU A 39 -8.33 1.33 -12.51
C GLU A 39 -7.25 0.27 -12.72
N LYS A 40 -6.21 0.64 -13.46
CA LYS A 40 -5.11 -0.27 -13.74
C LYS A 40 -4.54 -0.85 -12.45
N GLU A 41 -4.06 0.02 -11.57
CA GLU A 41 -3.49 -0.40 -10.30
C GLU A 41 -4.48 -1.28 -9.53
N LEU A 42 -5.74 -0.87 -9.50
CA LEU A 42 -6.78 -1.61 -8.80
C LEU A 42 -6.72 -3.10 -9.16
N HIS A 43 -6.85 -3.39 -10.45
CA HIS A 43 -6.80 -4.76 -10.92
C HIS A 43 -5.48 -5.44 -10.55
N LYS A 44 -4.41 -4.65 -10.54
CA LYS A 44 -3.10 -5.16 -10.20
C LYS A 44 -3.04 -5.62 -8.74
N ILE A 45 -3.90 -5.04 -7.91
CA ILE A 45 -3.97 -5.40 -6.50
C ILE A 45 -5.33 -5.99 -6.14
N VAL A 46 -6.14 -6.24 -7.16
CA VAL A 46 -7.47 -6.81 -6.96
C VAL A 46 -7.39 -8.30 -6.67
N PHE A 47 -6.45 -8.97 -7.33
CA PHE A 47 -6.27 -10.40 -7.14
C PHE A 47 -5.41 -10.70 -5.92
N ASP A 48 -5.22 -9.69 -5.08
CA ASP A 48 -4.42 -9.83 -3.87
C ASP A 48 -5.32 -9.95 -2.64
N PRO A 49 -4.89 -10.79 -1.68
CA PRO A 49 -5.64 -11.03 -0.45
C PRO A 49 -5.63 -9.80 0.47
N ARG A 50 -4.46 -9.21 0.66
CA ARG A 50 -4.33 -8.04 1.52
C ARG A 50 -5.29 -6.95 1.10
N TYR A 51 -5.66 -6.96 -0.18
CA TYR A 51 -6.58 -5.95 -0.71
C TYR A 51 -7.97 -6.10 -0.10
N LEU A 52 -8.30 -7.33 0.31
CA LEU A 52 -9.60 -7.61 0.91
C LEU A 52 -9.54 -7.41 2.43
N LEU A 53 -8.39 -6.98 2.92
CA LEU A 53 -8.21 -6.75 4.34
C LEU A 53 -8.65 -5.34 4.73
N LEU A 54 -8.29 -4.36 3.90
CA LEU A 54 -8.66 -2.98 4.14
C LEU A 54 -9.98 -2.63 3.48
N ASN A 55 -10.77 -1.78 4.14
CA ASN A 55 -12.06 -1.37 3.62
C ASN A 55 -11.93 -0.86 2.18
N PRO A 56 -13.06 -0.82 1.47
CA PRO A 56 -13.11 -0.36 0.07
C PRO A 56 -12.85 1.13 -0.05
N LYS A 57 -13.32 1.90 0.92
CA LYS A 57 -13.13 3.34 0.92
C LYS A 57 -11.69 3.71 1.22
N GLU A 58 -11.12 3.07 2.23
CA GLU A 58 -9.73 3.33 2.62
C GLU A 58 -8.78 3.04 1.47
N ARG A 59 -8.99 1.90 0.81
CA ARG A 59 -8.15 1.50 -0.31
C ARG A 59 -7.88 2.68 -1.24
N LYS A 60 -8.94 3.44 -1.54
CA LYS A 60 -8.82 4.59 -2.41
C LYS A 60 -8.09 5.74 -1.72
N GLN A 61 -8.47 5.99 -0.46
CA GLN A 61 -7.85 7.05 0.32
C GLN A 61 -6.34 6.85 0.42
N VAL A 62 -5.94 5.72 0.99
CA VAL A 62 -4.52 5.40 1.15
C VAL A 62 -3.80 5.46 -0.19
N PHE A 63 -4.39 4.84 -1.20
CA PHE A 63 -3.80 4.81 -2.54
C PHE A 63 -3.55 6.23 -3.05
N ASP A 64 -4.52 7.11 -2.79
CA ASP A 64 -4.41 8.50 -3.23
C ASP A 64 -3.18 9.17 -2.63
N GLN A 65 -3.01 9.03 -1.33
CA GLN A 65 -1.88 9.62 -0.63
C GLN A 65 -0.57 9.03 -1.13
N TYR A 66 -0.55 7.72 -1.34
CA TYR A 66 0.65 7.04 -1.82
C TYR A 66 1.08 7.60 -3.17
N VAL A 67 0.11 7.93 -4.01
CA VAL A 67 0.39 8.48 -5.33
C VAL A 67 0.95 9.88 -5.23
N LYS A 68 0.32 10.71 -4.40
CA LYS A 68 0.75 12.09 -4.21
C LYS A 68 2.24 12.15 -3.89
N THR A 69 2.65 11.38 -2.87
CA THR A 69 4.05 11.35 -2.46
C THR A 69 4.93 10.68 -3.52
N ARG A 70 4.35 9.74 -4.25
CA ARG A 70 5.08 9.03 -5.30
C ARG A 70 5.44 9.97 -6.44
N ALA A 71 4.58 10.95 -6.70
CA ALA A 71 4.82 11.93 -7.77
C ALA A 71 5.74 13.04 -7.28
N GLU A 72 5.45 13.57 -6.10
CA GLU A 72 6.25 14.65 -5.54
C GLU A 72 7.72 14.26 -5.47
N GLU A 73 7.97 13.03 -5.02
CA GLU A 73 9.33 12.53 -4.91
C GLU A 73 10.20 12.99 -6.08
N GLU A 74 9.55 13.25 -7.21
CA GLU A 74 10.25 13.70 -8.41
C GLU A 74 10.83 15.09 -8.21
N ARG A 75 12.14 15.16 -8.04
CA ARG A 75 12.82 16.44 -7.84
C ARG A 75 12.14 17.55 -8.63
N ARG A 76 12.09 18.75 -8.04
CA ARG A 76 11.46 19.89 -8.69
C ARG A 76 12.47 21.03 -8.88
N SER A 77 12.37 21.72 -10.01
CA SER A 77 13.26 22.83 -10.30
C SER A 77 13.42 23.74 -9.09
N GLY A 78 14.54 23.59 -8.38
CA GLY A 78 14.79 24.40 -7.21
C GLY A 78 15.94 23.89 -6.37
N PRO A 79 16.62 24.79 -5.66
CA PRO A 79 17.76 24.44 -4.81
C PRO A 79 17.34 23.65 -3.58
N SER A 80 16.03 23.60 -3.33
CA SER A 80 15.51 22.87 -2.19
C SER A 80 16.27 21.57 -1.96
N SER A 81 16.70 21.35 -0.72
CA SER A 81 17.46 20.15 -0.38
C SER A 81 17.11 19.68 1.03
N GLY A 82 17.36 18.39 1.30
CA GLY A 82 17.07 17.84 2.61
C GLY A 82 18.30 17.71 3.48
N GLY A 1 18.51 -3.38 5.01
CA GLY A 1 17.25 -3.51 5.73
C GLY A 1 17.21 -2.66 6.98
N SER A 2 16.95 -1.37 6.81
CA SER A 2 16.90 -0.45 7.94
C SER A 2 15.45 -0.15 8.32
N SER A 3 14.63 -1.19 8.33
CA SER A 3 13.21 -1.05 8.68
C SER A 3 12.96 -1.50 10.10
N GLY A 4 13.31 -2.75 10.39
CA GLY A 4 13.11 -3.29 11.73
C GLY A 4 12.09 -4.41 11.76
N SER A 5 12.57 -5.65 11.68
CA SER A 5 11.69 -6.81 11.68
C SER A 5 11.58 -7.40 13.08
N SER A 6 10.49 -7.05 13.78
CA SER A 6 10.25 -7.53 15.13
C SER A 6 8.80 -7.31 15.54
N GLY A 7 8.23 -8.30 16.23
CA GLY A 7 6.86 -8.20 16.67
C GLY A 7 6.22 -9.56 16.88
N ALA A 8 6.10 -9.96 18.14
CA ALA A 8 5.51 -11.25 18.48
C ALA A 8 4.01 -11.10 18.78
N ARG A 9 3.19 -11.43 17.80
CA ARG A 9 1.74 -11.34 17.95
C ARG A 9 1.21 -12.47 18.81
N GLU A 10 0.31 -12.14 19.73
CA GLU A 10 -0.27 -13.13 20.63
C GLU A 10 -1.79 -13.16 20.49
N ARG A 11 -2.41 -11.98 20.51
CA ARG A 11 -3.86 -11.87 20.39
C ARG A 11 -4.25 -11.55 18.95
N ALA A 12 -5.52 -11.80 18.63
CA ALA A 12 -6.04 -11.54 17.29
C ALA A 12 -6.53 -10.11 17.16
N ILE A 13 -5.60 -9.18 16.94
CA ILE A 13 -5.94 -7.78 16.81
C ILE A 13 -5.15 -7.12 15.68
N VAL A 14 -5.85 -6.69 14.64
CA VAL A 14 -5.21 -6.04 13.50
C VAL A 14 -5.37 -4.52 13.57
N PRO A 15 -4.31 -3.85 14.06
CA PRO A 15 -4.31 -2.38 14.18
C PRO A 15 -4.25 -1.69 12.83
N LEU A 16 -4.79 -0.47 12.78
CA LEU A 16 -4.79 0.30 11.54
C LEU A 16 -3.41 0.34 10.91
N GLU A 17 -2.40 0.57 11.74
CA GLU A 17 -1.01 0.62 11.26
C GLU A 17 -0.62 -0.69 10.59
N ALA A 18 -1.02 -1.80 11.20
CA ALA A 18 -0.70 -3.12 10.67
C ALA A 18 -1.31 -3.30 9.28
N ARG A 19 -2.63 -3.31 9.20
CA ARG A 19 -3.33 -3.48 7.94
C ARG A 19 -2.84 -2.47 6.91
N MET A 20 -2.89 -1.19 7.27
CA MET A 20 -2.45 -0.13 6.37
C MET A 20 -1.05 -0.42 5.84
N LYS A 21 -0.14 -0.81 6.73
CA LYS A 21 1.22 -1.12 6.33
C LYS A 21 1.26 -2.15 5.22
N GLN A 22 0.42 -3.19 5.35
CA GLN A 22 0.36 -4.24 4.34
C GLN A 22 -0.02 -3.68 2.98
N PHE A 23 -1.19 -3.04 2.92
CA PHE A 23 -1.67 -2.45 1.67
C PHE A 23 -0.59 -1.57 1.03
N LYS A 24 -0.04 -0.66 1.82
CA LYS A 24 1.00 0.24 1.34
C LYS A 24 2.23 -0.54 0.87
N ASP A 25 2.52 -1.63 1.56
CA ASP A 25 3.66 -2.47 1.21
C ASP A 25 3.51 -3.04 -0.19
N MET A 26 2.41 -3.75 -0.43
CA MET A 26 2.15 -4.34 -1.73
C MET A 26 2.08 -3.28 -2.82
N LEU A 27 1.53 -2.12 -2.47
CA LEU A 27 1.41 -1.02 -3.41
C LEU A 27 2.78 -0.63 -3.98
N LEU A 28 3.75 -0.46 -3.10
CA LEU A 28 5.10 -0.10 -3.51
C LEU A 28 5.80 -1.28 -4.20
N GLU A 29 5.68 -2.45 -3.60
CA GLU A 29 6.29 -3.66 -4.16
C GLU A 29 5.72 -3.97 -5.54
N ARG A 30 4.44 -4.30 -5.59
CA ARG A 30 3.78 -4.62 -6.85
C ARG A 30 4.22 -3.67 -7.95
N GLY A 31 4.66 -2.48 -7.55
CA GLY A 31 5.10 -1.49 -8.52
C GLY A 31 3.96 -0.64 -9.03
N VAL A 32 3.13 -0.15 -8.13
CA VAL A 32 1.99 0.69 -8.49
C VAL A 32 2.45 2.07 -8.94
N SER A 33 2.38 2.32 -10.24
CA SER A 33 2.79 3.61 -10.79
C SER A 33 1.87 4.72 -10.31
N ALA A 34 2.46 5.88 -10.01
CA ALA A 34 1.70 7.02 -9.54
C ALA A 34 1.01 7.74 -10.69
N PHE A 35 1.75 7.94 -11.78
CA PHE A 35 1.22 8.61 -12.96
C PHE A 35 0.07 7.81 -13.57
N SER A 36 0.02 6.52 -13.25
CA SER A 36 -1.02 5.64 -13.78
C SER A 36 -2.38 5.99 -13.16
N THR A 37 -3.39 5.20 -13.50
CA THR A 37 -4.74 5.42 -12.99
C THR A 37 -5.10 4.39 -11.93
N TRP A 38 -6.18 4.65 -11.21
CA TRP A 38 -6.64 3.73 -10.17
C TRP A 38 -7.17 2.44 -10.78
N GLU A 39 -7.65 2.52 -12.01
CA GLU A 39 -8.18 1.34 -12.70
C GLU A 39 -7.11 0.27 -12.86
N LYS A 40 -6.07 0.60 -13.60
CA LYS A 40 -4.97 -0.33 -13.83
C LYS A 40 -4.43 -0.88 -12.52
N GLU A 41 -3.97 0.01 -11.65
CA GLU A 41 -3.44 -0.38 -10.35
C GLU A 41 -4.45 -1.21 -9.57
N LEU A 42 -5.70 -0.75 -9.57
CA LEU A 42 -6.77 -1.45 -8.87
C LEU A 42 -6.74 -2.94 -9.18
N HIS A 43 -6.81 -3.27 -10.47
CA HIS A 43 -6.81 -4.66 -10.89
C HIS A 43 -5.50 -5.34 -10.49
N LYS A 44 -4.42 -4.57 -10.47
CA LYS A 44 -3.11 -5.09 -10.10
C LYS A 44 -3.08 -5.52 -8.64
N ILE A 45 -3.95 -4.92 -7.84
CA ILE A 45 -4.03 -5.24 -6.41
C ILE A 45 -5.42 -5.75 -6.04
N VAL A 46 -6.24 -6.00 -7.05
CA VAL A 46 -7.60 -6.49 -6.82
C VAL A 46 -7.58 -7.97 -6.45
N PHE A 47 -6.55 -8.68 -6.89
CA PHE A 47 -6.42 -10.10 -6.60
C PHE A 47 -5.77 -10.32 -5.23
N ASP A 48 -4.78 -9.49 -4.92
CA ASP A 48 -4.07 -9.59 -3.65
C ASP A 48 -5.04 -9.80 -2.50
N PRO A 49 -4.66 -10.68 -1.55
CA PRO A 49 -5.49 -11.00 -0.39
C PRO A 49 -5.58 -9.83 0.59
N ARG A 50 -4.49 -9.09 0.73
CA ARG A 50 -4.45 -7.95 1.64
C ARG A 50 -5.40 -6.86 1.16
N TYR A 51 -5.76 -6.90 -0.12
CA TYR A 51 -6.66 -5.90 -0.69
C TYR A 51 -8.06 -6.01 -0.08
N LEU A 52 -8.35 -7.17 0.49
CA LEU A 52 -9.65 -7.40 1.12
C LEU A 52 -9.59 -7.10 2.61
N LEU A 53 -8.38 -6.98 3.14
CA LEU A 53 -8.20 -6.69 4.56
C LEU A 53 -8.68 -5.29 4.90
N LEU A 54 -8.21 -4.30 4.15
CA LEU A 54 -8.61 -2.91 4.37
C LEU A 54 -9.98 -2.63 3.76
N ASN A 55 -10.73 -1.74 4.39
CA ASN A 55 -12.06 -1.39 3.91
C ASN A 55 -12.01 -1.00 2.44
N PRO A 56 -13.19 -1.00 1.79
CA PRO A 56 -13.31 -0.64 0.38
C PRO A 56 -13.07 0.84 0.12
N LYS A 57 -13.52 1.67 1.05
CA LYS A 57 -13.34 3.12 0.93
C LYS A 57 -11.88 3.51 1.15
N GLU A 58 -11.25 2.88 2.14
CA GLU A 58 -9.86 3.17 2.46
C GLU A 58 -8.96 2.91 1.25
N ARG A 59 -9.10 1.71 0.67
CA ARG A 59 -8.30 1.33 -0.49
C ARG A 59 -8.03 2.53 -1.38
N LYS A 60 -9.08 3.26 -1.73
CA LYS A 60 -8.96 4.44 -2.57
C LYS A 60 -8.27 5.58 -1.83
N GLN A 61 -8.70 5.82 -0.60
CA GLN A 61 -8.13 6.88 0.22
C GLN A 61 -6.62 6.71 0.35
N VAL A 62 -6.20 5.59 0.94
CA VAL A 62 -4.78 5.30 1.12
C VAL A 62 -4.03 5.40 -0.20
N PHE A 63 -4.60 4.82 -1.25
CA PHE A 63 -3.98 4.84 -2.57
C PHE A 63 -3.70 6.28 -3.02
N ASP A 64 -4.72 7.12 -2.97
CA ASP A 64 -4.59 8.51 -3.36
C ASP A 64 -3.41 9.17 -2.65
N GLN A 65 -3.31 8.95 -1.35
CA GLN A 65 -2.22 9.52 -0.56
C GLN A 65 -0.88 8.97 -1.01
N TYR A 66 -0.85 7.68 -1.30
CA TYR A 66 0.38 7.02 -1.75
C TYR A 66 0.87 7.60 -3.07
N VAL A 67 -0.05 7.69 -4.04
CA VAL A 67 0.28 8.22 -5.35
C VAL A 67 0.87 9.62 -5.25
N LYS A 68 0.27 10.45 -4.39
CA LYS A 68 0.74 11.81 -4.18
C LYS A 68 2.18 11.83 -3.69
N THR A 69 2.47 10.99 -2.70
CA THR A 69 3.81 10.91 -2.14
C THR A 69 4.81 10.38 -3.16
N ARG A 70 4.37 9.43 -3.99
CA ARG A 70 5.22 8.85 -5.01
C ARG A 70 5.56 9.88 -6.09
N ALA A 71 4.67 10.84 -6.28
CA ALA A 71 4.87 11.88 -7.28
C ALA A 71 5.73 13.01 -6.73
N GLU A 72 5.40 13.46 -5.51
CA GLU A 72 6.14 14.54 -4.87
C GLU A 72 7.62 14.17 -4.73
N GLU A 73 7.88 12.91 -4.41
CA GLU A 73 9.25 12.43 -4.24
C GLU A 73 9.81 11.91 -5.57
N GLU A 74 9.34 12.49 -6.67
CA GLU A 74 9.80 12.09 -8.00
C GLU A 74 11.32 12.02 -8.05
N ARG A 75 11.84 10.80 -8.21
CA ARG A 75 13.28 10.60 -8.27
C ARG A 75 13.95 11.67 -9.13
N ARG A 76 13.44 11.86 -10.34
CA ARG A 76 13.98 12.85 -11.25
C ARG A 76 13.59 14.26 -10.83
N SER A 77 14.39 14.84 -9.94
CA SER A 77 14.13 16.19 -9.44
C SER A 77 15.44 16.90 -9.07
N GLY A 78 15.41 18.23 -9.11
CA GLY A 78 16.59 19.00 -8.78
C GLY A 78 16.98 18.88 -7.32
N PRO A 79 16.25 19.59 -6.45
CA PRO A 79 16.51 19.59 -5.01
C PRO A 79 16.13 18.25 -4.37
N SER A 80 17.12 17.61 -3.75
CA SER A 80 16.89 16.33 -3.09
C SER A 80 16.50 16.51 -1.63
N SER A 81 15.62 15.65 -1.14
CA SER A 81 15.16 15.74 0.24
C SER A 81 14.60 14.39 0.71
N GLY A 82 14.96 14.00 1.92
CA GLY A 82 14.50 12.73 2.46
C GLY A 82 15.64 11.79 2.80
N GLY A 1 11.43 3.33 28.00
CA GLY A 1 10.64 4.33 27.31
C GLY A 1 9.18 4.29 27.71
N SER A 2 8.31 4.13 26.72
CA SER A 2 6.87 4.08 26.97
C SER A 2 6.36 2.65 26.92
N SER A 3 6.12 2.06 28.10
CA SER A 3 5.64 0.69 28.20
C SER A 3 4.21 0.58 27.67
N GLY A 4 4.05 -0.14 26.57
CA GLY A 4 2.73 -0.31 25.98
C GLY A 4 2.19 0.97 25.38
N SER A 5 1.81 0.92 24.11
CA SER A 5 1.28 2.09 23.42
C SER A 5 -0.24 2.15 23.55
N SER A 6 -0.90 1.01 23.37
CA SER A 6 -2.35 0.93 23.46
C SER A 6 -2.80 -0.50 23.73
N GLY A 7 -3.86 -0.64 24.51
CA GLY A 7 -4.38 -1.96 24.84
C GLY A 7 -5.80 -2.17 24.34
N ALA A 8 -5.93 -2.79 23.17
CA ALA A 8 -7.24 -3.05 22.59
C ALA A 8 -7.89 -4.27 23.23
N ARG A 9 -9.18 -4.45 22.96
CA ARG A 9 -9.92 -5.58 23.51
C ARG A 9 -10.31 -6.57 22.41
N GLU A 10 -9.36 -6.85 21.52
CA GLU A 10 -9.61 -7.78 20.42
C GLU A 10 -8.47 -8.79 20.32
N ARG A 11 -8.69 -9.83 19.50
CA ARG A 11 -7.69 -10.87 19.31
C ARG A 11 -7.26 -10.95 17.86
N ALA A 12 -8.22 -11.17 16.97
CA ALA A 12 -7.93 -11.26 15.54
C ALA A 12 -8.23 -9.94 14.84
N ILE A 13 -7.85 -8.84 15.47
CA ILE A 13 -8.07 -7.51 14.90
C ILE A 13 -6.77 -6.71 14.85
N VAL A 14 -5.97 -6.97 13.81
CA VAL A 14 -4.70 -6.26 13.64
C VAL A 14 -4.88 -4.76 13.78
N PRO A 15 -3.83 -4.08 14.25
CA PRO A 15 -3.84 -2.63 14.45
C PRO A 15 -3.86 -1.87 13.12
N LEU A 16 -4.23 -0.59 13.18
CA LEU A 16 -4.29 0.24 11.98
C LEU A 16 -2.94 0.23 11.25
N GLU A 17 -1.88 0.50 11.99
CA GLU A 17 -0.54 0.52 11.41
C GLU A 17 -0.23 -0.81 10.72
N ALA A 18 -0.81 -1.88 11.23
CA ALA A 18 -0.59 -3.20 10.65
C ALA A 18 -1.29 -3.35 9.31
N ARG A 19 -2.62 -3.41 9.35
CA ARG A 19 -3.42 -3.54 8.13
C ARG A 19 -2.99 -2.54 7.08
N MET A 20 -2.94 -1.27 7.46
CA MET A 20 -2.53 -0.20 6.55
C MET A 20 -1.17 -0.49 5.95
N LYS A 21 -0.21 -0.85 6.80
CA LYS A 21 1.14 -1.16 6.34
C LYS A 21 1.12 -2.22 5.24
N GLN A 22 0.21 -3.18 5.37
CA GLN A 22 0.09 -4.24 4.38
C GLN A 22 -0.34 -3.69 3.02
N PHE A 23 -1.46 -2.98 3.01
CA PHE A 23 -1.98 -2.38 1.78
C PHE A 23 -0.91 -1.55 1.09
N LYS A 24 -0.24 -0.70 1.86
CA LYS A 24 0.82 0.16 1.32
C LYS A 24 2.02 -0.67 0.88
N ASP A 25 2.29 -1.76 1.60
CA ASP A 25 3.40 -2.63 1.27
C ASP A 25 3.22 -3.27 -0.11
N MET A 26 2.00 -3.74 -0.38
CA MET A 26 1.70 -4.37 -1.66
C MET A 26 1.68 -3.33 -2.78
N LEU A 27 1.26 -2.12 -2.44
CA LEU A 27 1.19 -1.03 -3.41
C LEU A 27 2.57 -0.75 -4.00
N LEU A 28 3.56 -0.57 -3.13
CA LEU A 28 4.93 -0.29 -3.57
C LEU A 28 5.55 -1.52 -4.21
N GLU A 29 5.57 -2.63 -3.47
CA GLU A 29 6.15 -3.87 -3.97
C GLU A 29 5.61 -4.19 -5.37
N ARG A 30 4.31 -4.43 -5.45
CA ARG A 30 3.67 -4.75 -6.72
C ARG A 30 4.14 -3.81 -7.82
N GLY A 31 4.65 -2.65 -7.42
CA GLY A 31 5.14 -1.68 -8.38
C GLY A 31 4.02 -0.77 -8.91
N VAL A 32 3.21 -0.26 -7.99
CA VAL A 32 2.11 0.61 -8.36
C VAL A 32 2.60 2.03 -8.64
N SER A 33 2.69 2.38 -9.92
CA SER A 33 3.15 3.70 -10.32
C SER A 33 2.14 4.77 -9.92
N ALA A 34 2.62 6.00 -9.82
CA ALA A 34 1.77 7.12 -9.43
C ALA A 34 1.10 7.75 -10.66
N PHE A 35 1.84 7.81 -11.77
CA PHE A 35 1.33 8.39 -13.00
C PHE A 35 0.19 7.54 -13.56
N SER A 36 0.00 6.35 -12.99
CA SER A 36 -1.05 5.44 -13.43
C SER A 36 -2.39 5.82 -12.81
N THR A 37 -3.44 5.12 -13.22
CA THR A 37 -4.78 5.37 -12.70
C THR A 37 -5.17 4.32 -11.66
N TRP A 38 -6.36 4.47 -11.10
CA TRP A 38 -6.86 3.54 -10.09
C TRP A 38 -7.32 2.24 -10.74
N GLU A 39 -7.71 2.32 -12.02
CA GLU A 39 -8.18 1.15 -12.75
C GLU A 39 -7.04 0.15 -12.95
N LYS A 40 -5.96 0.60 -13.58
CA LYS A 40 -4.82 -0.25 -13.84
C LYS A 40 -4.31 -0.91 -12.55
N GLU A 41 -3.95 -0.08 -11.57
CA GLU A 41 -3.46 -0.58 -10.30
C GLU A 41 -4.50 -1.48 -9.64
N LEU A 42 -5.75 -1.04 -9.63
CA LEU A 42 -6.83 -1.81 -9.03
C LEU A 42 -6.76 -3.27 -9.45
N HIS A 43 -6.69 -3.51 -10.75
CA HIS A 43 -6.62 -4.87 -11.27
C HIS A 43 -5.28 -5.50 -10.94
N LYS A 44 -4.25 -4.68 -10.81
CA LYS A 44 -2.92 -5.15 -10.48
C LYS A 44 -2.85 -5.69 -9.06
N ILE A 45 -3.81 -5.27 -8.23
CA ILE A 45 -3.87 -5.71 -6.84
C ILE A 45 -5.21 -6.38 -6.54
N VAL A 46 -6.08 -6.44 -7.54
CA VAL A 46 -7.38 -7.06 -7.38
C VAL A 46 -7.25 -8.54 -7.04
N PHE A 47 -6.14 -9.15 -7.46
CA PHE A 47 -5.88 -10.56 -7.19
C PHE A 47 -5.09 -10.74 -5.91
N ASP A 48 -4.97 -9.67 -5.13
CA ASP A 48 -4.24 -9.72 -3.87
C ASP A 48 -5.19 -9.87 -2.69
N PRO A 49 -4.79 -10.69 -1.71
CA PRO A 49 -5.60 -10.95 -0.52
C PRO A 49 -5.66 -9.73 0.41
N ARG A 50 -4.60 -8.95 0.42
CA ARG A 50 -4.53 -7.76 1.26
C ARG A 50 -5.52 -6.71 0.78
N TYR A 51 -5.94 -6.81 -0.48
CA TYR A 51 -6.89 -5.87 -1.06
C TYR A 51 -8.27 -6.03 -0.43
N LEU A 52 -8.41 -7.04 0.42
CA LEU A 52 -9.68 -7.30 1.09
C LEU A 52 -9.51 -7.25 2.60
N LEU A 53 -8.40 -6.69 3.06
CA LEU A 53 -8.13 -6.56 4.48
C LEU A 53 -8.55 -5.20 5.00
N LEU A 54 -8.56 -4.21 4.11
CA LEU A 54 -8.94 -2.85 4.49
C LEU A 54 -10.26 -2.46 3.83
N ASN A 55 -10.96 -1.51 4.44
CA ASN A 55 -12.24 -1.05 3.91
C ASN A 55 -12.10 -0.59 2.46
N PRO A 56 -13.22 -0.58 1.72
CA PRO A 56 -13.25 -0.16 0.32
C PRO A 56 -13.00 1.33 0.15
N LYS A 57 -13.46 2.12 1.11
CA LYS A 57 -13.28 3.56 1.07
C LYS A 57 -11.84 3.94 1.35
N GLU A 58 -11.26 3.33 2.39
CA GLU A 58 -9.88 3.61 2.76
C GLU A 58 -8.92 3.21 1.64
N ARG A 59 -9.01 1.96 1.21
CA ARG A 59 -8.16 1.46 0.14
C ARG A 59 -7.86 2.55 -0.88
N LYS A 60 -8.89 3.25 -1.32
CA LYS A 60 -8.74 4.32 -2.30
C LYS A 60 -8.07 5.54 -1.66
N GLN A 61 -8.47 5.86 -0.44
CA GLN A 61 -7.91 7.00 0.28
C GLN A 61 -6.41 6.83 0.47
N VAL A 62 -6.01 5.73 1.10
CA VAL A 62 -4.60 5.45 1.35
C VAL A 62 -3.81 5.43 0.04
N PHE A 63 -4.37 4.80 -0.98
CA PHE A 63 -3.72 4.71 -2.27
C PHE A 63 -3.52 6.10 -2.88
N ASP A 64 -4.50 6.97 -2.69
CA ASP A 64 -4.43 8.32 -3.21
C ASP A 64 -3.24 9.07 -2.63
N GLN A 65 -3.10 9.03 -1.30
CA GLN A 65 -2.00 9.70 -0.63
C GLN A 65 -0.66 9.14 -1.07
N TYR A 66 -0.62 7.84 -1.34
CA TYR A 66 0.60 7.17 -1.78
C TYR A 66 1.03 7.68 -3.16
N VAL A 67 0.05 7.96 -4.00
CA VAL A 67 0.33 8.46 -5.34
C VAL A 67 0.86 9.89 -5.31
N LYS A 68 0.13 10.76 -4.61
CA LYS A 68 0.52 12.16 -4.50
C LYS A 68 1.93 12.29 -3.92
N THR A 69 2.27 11.39 -3.00
CA THR A 69 3.58 11.39 -2.36
C THR A 69 4.64 10.86 -3.31
N ARG A 70 4.31 9.81 -4.05
CA ARG A 70 5.22 9.20 -4.99
C ARG A 70 5.59 10.17 -6.11
N ALA A 71 4.62 11.00 -6.51
CA ALA A 71 4.85 11.97 -7.57
C ALA A 71 5.49 13.24 -7.02
N GLU A 72 4.86 13.83 -6.01
CA GLU A 72 5.37 15.06 -5.40
C GLU A 72 6.83 14.87 -4.97
N GLU A 73 7.19 13.64 -4.65
CA GLU A 73 8.56 13.34 -4.23
C GLU A 73 9.41 12.89 -5.41
N GLU A 74 9.02 13.34 -6.61
CA GLU A 74 9.76 12.98 -7.82
C GLU A 74 11.16 13.60 -7.81
N ARG A 75 12.09 12.91 -7.15
CA ARG A 75 13.46 13.38 -7.06
C ARG A 75 14.27 12.92 -8.27
N ARG A 76 15.26 13.73 -8.65
CA ARG A 76 16.11 13.40 -9.79
C ARG A 76 17.52 13.07 -9.34
N SER A 77 18.19 14.04 -8.72
CA SER A 77 19.55 13.84 -8.24
C SER A 77 19.56 13.42 -6.78
N GLY A 78 20.72 12.99 -6.30
CA GLY A 78 20.84 12.56 -4.91
C GLY A 78 20.61 13.70 -3.93
N PRO A 79 20.01 13.38 -2.78
CA PRO A 79 19.71 14.36 -1.73
C PRO A 79 20.98 14.87 -1.06
N SER A 80 21.06 16.19 -0.87
CA SER A 80 22.22 16.81 -0.24
C SER A 80 21.84 17.40 1.12
N SER A 81 20.54 17.49 1.38
CA SER A 81 20.04 18.03 2.64
C SER A 81 19.13 17.04 3.34
N GLY A 82 19.09 17.10 4.67
CA GLY A 82 18.25 16.20 5.44
C GLY A 82 17.91 16.75 6.80
N GLY A 1 12.11 -3.30 13.12
CA GLY A 1 11.57 -2.46 14.16
C GLY A 1 10.36 -3.07 14.85
N SER A 2 10.56 -3.52 16.09
CA SER A 2 9.48 -4.13 16.85
C SER A 2 8.69 -3.08 17.61
N SER A 3 7.36 -3.18 17.54
CA SER A 3 6.48 -2.23 18.22
C SER A 3 5.08 -2.81 18.38
N GLY A 4 4.36 -2.34 19.39
CA GLY A 4 3.02 -2.83 19.64
C GLY A 4 2.65 -2.81 21.11
N SER A 5 3.49 -3.42 21.93
CA SER A 5 3.25 -3.48 23.37
C SER A 5 1.80 -3.86 23.66
N SER A 6 1.28 -4.82 22.90
CA SER A 6 -0.08 -5.29 23.06
C SER A 6 -1.08 -4.22 22.62
N GLY A 7 -0.79 -3.58 21.49
CA GLY A 7 -1.67 -2.55 20.98
C GLY A 7 -2.57 -3.05 19.87
N ALA A 8 -3.65 -3.72 20.25
CA ALA A 8 -4.60 -4.26 19.28
C ALA A 8 -6.03 -3.97 19.70
N ARG A 9 -6.82 -3.43 18.78
CA ARG A 9 -8.21 -3.10 19.06
C ARG A 9 -9.00 -4.36 19.42
N GLU A 10 -9.15 -5.26 18.46
CA GLU A 10 -9.88 -6.50 18.68
C GLU A 10 -8.93 -7.67 18.92
N ARG A 11 -9.49 -8.83 19.25
CA ARG A 11 -8.67 -10.01 19.50
C ARG A 11 -8.53 -10.86 18.24
N ALA A 12 -9.36 -10.57 17.24
CA ALA A 12 -9.33 -11.29 15.98
C ALA A 12 -9.29 -10.34 14.79
N ILE A 13 -8.86 -9.10 15.04
CA ILE A 13 -8.78 -8.09 13.99
C ILE A 13 -7.51 -7.25 14.14
N VAL A 14 -6.71 -7.23 13.08
CA VAL A 14 -5.47 -6.46 13.08
C VAL A 14 -5.76 -4.96 13.17
N PRO A 15 -4.81 -4.23 13.79
CA PRO A 15 -4.94 -2.77 13.96
C PRO A 15 -4.80 -2.02 12.64
N LEU A 16 -5.32 -0.80 12.60
CA LEU A 16 -5.25 0.02 11.40
C LEU A 16 -3.84 0.03 10.83
N GLU A 17 -2.86 0.28 11.68
CA GLU A 17 -1.46 0.32 11.26
C GLU A 17 -1.07 -0.98 10.57
N ALA A 18 -1.53 -2.09 11.13
CA ALA A 18 -1.22 -3.41 10.57
C ALA A 18 -1.77 -3.54 9.15
N ARG A 19 -3.09 -3.55 9.03
CA ARG A 19 -3.74 -3.68 7.73
C ARG A 19 -3.18 -2.65 6.74
N MET A 20 -3.08 -1.41 7.20
CA MET A 20 -2.56 -0.33 6.36
C MET A 20 -1.14 -0.65 5.88
N LYS A 21 -0.28 -1.04 6.81
CA LYS A 21 1.10 -1.37 6.47
C LYS A 21 1.16 -2.34 5.30
N GLN A 22 0.33 -3.38 5.36
CA GLN A 22 0.29 -4.37 4.29
C GLN A 22 -0.06 -3.74 2.96
N PHE A 23 -1.27 -3.19 2.87
CA PHE A 23 -1.72 -2.55 1.64
C PHE A 23 -0.61 -1.71 1.01
N LYS A 24 -0.08 -0.77 1.79
CA LYS A 24 1.00 0.10 1.32
C LYS A 24 2.18 -0.72 0.81
N ASP A 25 2.58 -1.71 1.60
CA ASP A 25 3.70 -2.57 1.23
C ASP A 25 3.52 -3.12 -0.19
N MET A 26 2.26 -3.35 -0.57
CA MET A 26 1.95 -3.88 -1.90
C MET A 26 2.12 -2.79 -2.96
N LEU A 27 1.27 -1.77 -2.90
CA LEU A 27 1.32 -0.68 -3.85
C LEU A 27 2.76 -0.37 -4.25
N LEU A 28 3.67 -0.40 -3.28
CA LEU A 28 5.08 -0.13 -3.54
C LEU A 28 5.75 -1.34 -4.19
N GLU A 29 5.69 -2.48 -3.52
CA GLU A 29 6.30 -3.70 -4.04
C GLU A 29 5.71 -4.06 -5.40
N ARG A 30 4.42 -4.36 -5.42
CA ARG A 30 3.74 -4.72 -6.66
C ARG A 30 4.30 -3.93 -7.84
N GLY A 31 4.70 -2.70 -7.58
CA GLY A 31 5.26 -1.86 -8.64
C GLY A 31 4.23 -0.91 -9.23
N VAL A 32 3.40 -0.32 -8.36
CA VAL A 32 2.37 0.61 -8.81
C VAL A 32 2.97 1.96 -9.19
N SER A 33 2.50 2.51 -10.31
CA SER A 33 3.00 3.80 -10.79
C SER A 33 2.00 4.91 -10.49
N ALA A 34 2.43 5.93 -9.76
CA ALA A 34 1.58 7.05 -9.40
C ALA A 34 0.81 7.55 -10.62
N PHE A 35 1.53 7.94 -11.67
CA PHE A 35 0.93 8.44 -12.89
C PHE A 35 -0.23 7.53 -13.32
N SER A 36 -0.12 6.25 -13.01
CA SER A 36 -1.14 5.27 -13.37
C SER A 36 -2.47 5.62 -12.72
N THR A 37 -3.55 5.07 -13.26
CA THR A 37 -4.89 5.33 -12.73
C THR A 37 -5.18 4.41 -11.54
N TRP A 38 -6.40 4.52 -11.00
CA TRP A 38 -6.80 3.70 -9.87
C TRP A 38 -7.31 2.35 -10.32
N GLU A 39 -7.96 2.32 -11.49
CA GLU A 39 -8.50 1.08 -12.03
C GLU A 39 -7.38 0.10 -12.37
N LYS A 40 -6.48 0.53 -13.26
CA LYS A 40 -5.35 -0.31 -13.66
C LYS A 40 -4.68 -0.94 -12.45
N GLU A 41 -4.19 -0.10 -11.55
CA GLU A 41 -3.53 -0.57 -10.34
C GLU A 41 -4.48 -1.39 -9.48
N LEU A 42 -5.67 -0.86 -9.26
CA LEU A 42 -6.67 -1.53 -8.44
C LEU A 42 -6.73 -3.02 -8.79
N HIS A 43 -6.81 -3.32 -10.07
CA HIS A 43 -6.87 -4.71 -10.52
C HIS A 43 -5.53 -5.41 -10.31
N LYS A 44 -4.44 -4.68 -10.54
CA LYS A 44 -3.10 -5.24 -10.37
C LYS A 44 -2.88 -5.69 -8.93
N ILE A 45 -3.70 -5.17 -8.02
CA ILE A 45 -3.59 -5.52 -6.61
C ILE A 45 -4.83 -6.26 -6.13
N VAL A 46 -5.91 -6.16 -6.90
CA VAL A 46 -7.17 -6.82 -6.56
C VAL A 46 -6.96 -8.32 -6.35
N PHE A 47 -6.02 -8.89 -7.09
CA PHE A 47 -5.72 -10.32 -6.98
C PHE A 47 -5.22 -10.66 -5.58
N ASP A 48 -4.45 -9.75 -5.00
CA ASP A 48 -3.91 -9.96 -3.65
C ASP A 48 -5.03 -10.05 -2.62
N PRO A 49 -4.88 -10.97 -1.66
CA PRO A 49 -5.86 -11.17 -0.60
C PRO A 49 -5.91 -10.01 0.39
N ARG A 50 -4.74 -9.44 0.68
CA ARG A 50 -4.63 -8.32 1.61
C ARG A 50 -5.52 -7.16 1.16
N TYR A 51 -5.90 -7.18 -0.11
CA TYR A 51 -6.74 -6.12 -0.66
C TYR A 51 -8.14 -6.18 -0.05
N LEU A 52 -8.48 -7.32 0.54
CA LEU A 52 -9.79 -7.51 1.15
C LEU A 52 -9.72 -7.24 2.65
N LEU A 53 -8.52 -6.98 3.15
CA LEU A 53 -8.32 -6.70 4.57
C LEU A 53 -8.75 -5.29 4.91
N LEU A 54 -8.39 -4.33 4.07
CA LEU A 54 -8.75 -2.93 4.29
C LEU A 54 -10.08 -2.61 3.63
N ASN A 55 -10.78 -1.62 4.19
CA ASN A 55 -12.08 -1.21 3.66
C ASN A 55 -11.94 -0.69 2.23
N PRO A 56 -13.06 -0.64 1.51
CA PRO A 56 -13.10 -0.16 0.13
C PRO A 56 -12.84 1.34 0.02
N LYS A 57 -13.31 2.09 1.02
CA LYS A 57 -13.12 3.53 1.05
C LYS A 57 -11.67 3.90 1.34
N GLU A 58 -11.10 3.25 2.35
CA GLU A 58 -9.71 3.51 2.73
C GLU A 58 -8.77 3.18 1.59
N ARG A 59 -8.83 1.95 1.10
CA ARG A 59 -7.98 1.51 0.01
C ARG A 59 -7.73 2.64 -0.99
N LYS A 60 -8.80 3.36 -1.33
CA LYS A 60 -8.69 4.47 -2.27
C LYS A 60 -7.98 5.66 -1.62
N GLN A 61 -8.37 5.98 -0.40
CA GLN A 61 -7.77 7.10 0.33
C GLN A 61 -6.26 6.91 0.45
N VAL A 62 -5.85 5.73 0.91
CA VAL A 62 -4.43 5.43 1.07
C VAL A 62 -3.70 5.47 -0.26
N PHE A 63 -4.36 4.97 -1.31
CA PHE A 63 -3.78 4.94 -2.63
C PHE A 63 -3.57 6.36 -3.16
N ASP A 64 -4.50 7.25 -2.84
CA ASP A 64 -4.43 8.64 -3.29
C ASP A 64 -3.22 9.34 -2.67
N GLN A 65 -3.12 9.26 -1.34
CA GLN A 65 -2.02 9.89 -0.63
C GLN A 65 -0.67 9.32 -1.09
N TYR A 66 -0.66 8.02 -1.36
CA TYR A 66 0.56 7.35 -1.81
C TYR A 66 0.99 7.86 -3.19
N VAL A 67 0.01 8.08 -4.06
CA VAL A 67 0.28 8.56 -5.41
C VAL A 67 0.89 9.96 -5.38
N LYS A 68 0.29 10.83 -4.57
CA LYS A 68 0.77 12.21 -4.45
C LYS A 68 2.22 12.24 -3.96
N THR A 69 2.49 11.54 -2.87
CA THR A 69 3.83 11.49 -2.31
C THR A 69 4.82 10.91 -3.30
N ARG A 70 4.37 9.90 -4.04
CA ARG A 70 5.22 9.24 -5.04
C ARG A 70 5.59 10.21 -6.16
N ALA A 71 4.64 11.06 -6.55
CA ALA A 71 4.87 12.03 -7.61
C ALA A 71 5.74 13.18 -7.12
N GLU A 72 5.32 13.82 -6.03
CA GLU A 72 6.07 14.93 -5.46
C GLU A 72 7.53 14.56 -5.24
N GLU A 73 7.75 13.33 -4.79
CA GLU A 73 9.11 12.85 -4.54
C GLU A 73 9.72 12.25 -5.80
N GLU A 74 9.31 12.77 -6.95
CA GLU A 74 9.82 12.29 -8.23
C GLU A 74 10.81 13.28 -8.83
N ARG A 75 12.10 12.99 -8.66
CA ARG A 75 13.15 13.85 -9.18
C ARG A 75 13.79 13.24 -10.42
N ARG A 76 14.02 11.93 -10.38
CA ARG A 76 14.62 11.23 -11.51
C ARG A 76 13.55 10.66 -12.43
N SER A 77 13.42 11.24 -13.62
CA SER A 77 12.44 10.80 -14.60
C SER A 77 13.08 9.90 -15.66
N GLY A 78 12.25 9.21 -16.42
CA GLY A 78 12.75 8.33 -17.46
C GLY A 78 13.37 9.09 -18.61
N PRO A 79 14.41 8.50 -19.23
CA PRO A 79 15.11 9.11 -20.36
C PRO A 79 14.26 9.16 -21.62
N SER A 80 13.48 8.10 -21.83
CA SER A 80 12.62 8.02 -23.01
C SER A 80 11.25 7.46 -22.64
N SER A 81 10.25 7.77 -23.46
CA SER A 81 8.88 7.31 -23.21
C SER A 81 8.72 5.87 -23.68
N GLY A 82 7.88 5.11 -22.97
CA GLY A 82 7.64 3.72 -23.32
C GLY A 82 6.18 3.45 -23.62
N GLY A 1 16.50 -11.24 21.43
CA GLY A 1 15.62 -11.32 20.29
C GLY A 1 14.17 -11.52 20.69
N SER A 2 13.44 -12.29 19.88
CA SER A 2 12.04 -12.56 20.16
C SER A 2 11.85 -13.97 20.71
N SER A 3 10.66 -14.23 21.25
CA SER A 3 10.37 -15.54 21.82
C SER A 3 9.01 -16.05 21.33
N GLY A 4 8.00 -15.19 21.43
CA GLY A 4 6.67 -15.57 21.00
C GLY A 4 5.59 -15.06 21.93
N SER A 5 4.33 -15.14 21.48
CA SER A 5 3.21 -14.67 22.28
C SER A 5 1.95 -15.48 21.97
N SER A 6 0.95 -15.37 22.84
CA SER A 6 -0.31 -16.09 22.66
C SER A 6 -1.43 -15.14 22.28
N GLY A 7 -1.47 -13.99 22.94
CA GLY A 7 -2.51 -13.01 22.66
C GLY A 7 -3.85 -13.39 23.25
N ALA A 8 -4.40 -12.50 24.08
CA ALA A 8 -5.70 -12.75 24.71
C ALA A 8 -6.76 -11.80 24.18
N ARG A 9 -7.40 -12.18 23.08
CA ARG A 9 -8.43 -11.36 22.47
C ARG A 9 -9.65 -12.20 22.10
N GLU A 10 -10.72 -11.54 21.65
CA GLU A 10 -11.94 -12.23 21.26
C GLU A 10 -11.96 -12.50 19.76
N ARG A 11 -11.86 -11.44 18.96
CA ARG A 11 -11.87 -11.56 17.51
C ARG A 11 -10.55 -11.09 16.92
N ALA A 12 -10.01 -11.87 15.98
CA ALA A 12 -8.76 -11.52 15.34
C ALA A 12 -8.91 -10.27 14.47
N ILE A 13 -8.55 -9.13 15.04
CA ILE A 13 -8.64 -7.86 14.32
C ILE A 13 -7.35 -7.07 14.44
N VAL A 14 -6.49 -7.20 13.42
CA VAL A 14 -5.22 -6.49 13.42
C VAL A 14 -5.42 -4.98 13.56
N PRO A 15 -4.44 -4.30 14.15
CA PRO A 15 -4.48 -2.86 14.36
C PRO A 15 -4.36 -2.07 13.05
N LEU A 16 -4.78 -0.82 13.08
CA LEU A 16 -4.72 0.04 11.90
C LEU A 16 -3.33 0.02 11.28
N GLU A 17 -2.31 0.21 12.13
CA GLU A 17 -0.93 0.21 11.66
C GLU A 17 -0.60 -1.08 10.94
N ALA A 18 -1.17 -2.19 11.41
CA ALA A 18 -0.93 -3.49 10.80
C ALA A 18 -1.55 -3.56 9.40
N ARG A 19 -2.88 -3.62 9.35
CA ARG A 19 -3.58 -3.69 8.08
C ARG A 19 -3.02 -2.67 7.08
N MET A 20 -3.04 -1.41 7.47
CA MET A 20 -2.53 -0.33 6.62
C MET A 20 -1.14 -0.67 6.10
N LYS A 21 -0.25 -1.06 7.01
CA LYS A 21 1.12 -1.40 6.64
C LYS A 21 1.14 -2.42 5.51
N GLN A 22 0.23 -3.41 5.59
CA GLN A 22 0.15 -4.44 4.57
C GLN A 22 -0.17 -3.85 3.21
N PHE A 23 -1.27 -3.10 3.13
CA PHE A 23 -1.68 -2.48 1.88
C PHE A 23 -0.54 -1.67 1.27
N LYS A 24 0.00 -0.74 2.05
CA LYS A 24 1.11 0.10 1.59
C LYS A 24 2.27 -0.76 1.10
N ASP A 25 2.49 -1.89 1.76
CA ASP A 25 3.57 -2.80 1.39
C ASP A 25 3.40 -3.28 -0.05
N MET A 26 2.18 -3.72 -0.37
CA MET A 26 1.88 -4.22 -1.71
C MET A 26 1.82 -3.08 -2.71
N LEU A 27 1.31 -1.93 -2.27
CA LEU A 27 1.19 -0.76 -3.14
C LEU A 27 2.53 -0.42 -3.79
N LEU A 28 3.57 -0.33 -2.96
CA LEU A 28 4.90 -0.03 -3.46
C LEU A 28 5.55 -1.24 -4.10
N GLU A 29 5.59 -2.35 -3.36
CA GLU A 29 6.17 -3.58 -3.86
C GLU A 29 5.61 -3.93 -5.25
N ARG A 30 4.30 -4.13 -5.32
CA ARG A 30 3.65 -4.47 -6.57
C ARG A 30 4.06 -3.50 -7.68
N GLY A 31 4.58 -2.34 -7.28
CA GLY A 31 5.01 -1.35 -8.25
C GLY A 31 3.85 -0.51 -8.77
N VAL A 32 2.99 -0.08 -7.86
CA VAL A 32 1.84 0.74 -8.23
C VAL A 32 2.27 2.13 -8.68
N SER A 33 2.26 2.37 -9.99
CA SER A 33 2.66 3.66 -10.53
C SER A 33 1.72 4.76 -10.06
N ALA A 34 2.27 5.95 -9.86
CA ALA A 34 1.48 7.09 -9.40
C ALA A 34 0.75 7.75 -10.57
N PHE A 35 1.40 7.80 -11.73
CA PHE A 35 0.82 8.40 -12.91
C PHE A 35 -0.27 7.52 -13.49
N SER A 36 -0.38 6.30 -12.96
CA SER A 36 -1.40 5.36 -13.42
C SER A 36 -2.76 5.66 -12.80
N THR A 37 -3.79 5.02 -13.32
CA THR A 37 -5.14 5.22 -12.82
C THR A 37 -5.52 4.14 -11.81
N TRP A 38 -6.68 4.30 -11.19
CA TRP A 38 -7.16 3.33 -10.20
C TRP A 38 -7.56 2.02 -10.87
N GLU A 39 -8.04 2.12 -12.11
CA GLU A 39 -8.45 0.94 -12.87
C GLU A 39 -7.29 -0.04 -13.04
N LYS A 40 -6.22 0.42 -13.66
CA LYS A 40 -5.04 -0.41 -13.88
C LYS A 40 -4.51 -0.96 -12.57
N GLU A 41 -4.15 -0.06 -11.66
CA GLU A 41 -3.61 -0.45 -10.36
C GLU A 41 -4.59 -1.39 -9.63
N LEU A 42 -5.88 -1.09 -9.76
CA LEU A 42 -6.90 -1.91 -9.11
C LEU A 42 -6.75 -3.38 -9.49
N HIS A 43 -6.83 -3.66 -10.78
CA HIS A 43 -6.69 -5.03 -11.27
C HIS A 43 -5.33 -5.61 -10.89
N LYS A 44 -4.35 -4.73 -10.74
CA LYS A 44 -3.00 -5.17 -10.38
C LYS A 44 -2.96 -5.68 -8.95
N ILE A 45 -3.76 -5.08 -8.08
CA ILE A 45 -3.82 -5.49 -6.68
C ILE A 45 -5.16 -6.14 -6.36
N VAL A 46 -5.94 -6.43 -7.40
CA VAL A 46 -7.24 -7.07 -7.22
C VAL A 46 -7.09 -8.52 -6.78
N PHE A 47 -6.02 -9.17 -7.24
CA PHE A 47 -5.76 -10.56 -6.91
C PHE A 47 -5.19 -10.68 -5.50
N ASP A 48 -4.33 -9.73 -5.13
CA ASP A 48 -3.71 -9.72 -3.81
C ASP A 48 -4.77 -9.85 -2.71
N PRO A 49 -4.45 -10.65 -1.68
CA PRO A 49 -5.36 -10.88 -0.55
C PRO A 49 -5.53 -9.64 0.32
N ARG A 50 -4.44 -8.90 0.50
CA ARG A 50 -4.48 -7.70 1.31
C ARG A 50 -5.49 -6.70 0.77
N TYR A 51 -5.82 -6.85 -0.51
CA TYR A 51 -6.77 -5.95 -1.16
C TYR A 51 -8.18 -6.15 -0.61
N LEU A 52 -8.34 -7.19 0.21
CA LEU A 52 -9.64 -7.50 0.80
C LEU A 52 -9.57 -7.42 2.33
N LEU A 53 -8.57 -6.70 2.83
CA LEU A 53 -8.40 -6.56 4.28
C LEU A 53 -8.83 -5.16 4.73
N LEU A 54 -8.59 -4.17 3.88
CA LEU A 54 -8.96 -2.79 4.19
C LEU A 54 -10.23 -2.39 3.47
N ASN A 55 -11.05 -1.57 4.13
CA ASN A 55 -12.31 -1.13 3.55
C ASN A 55 -12.10 -0.60 2.13
N PRO A 56 -13.20 -0.51 1.36
CA PRO A 56 -13.16 -0.02 -0.01
C PRO A 56 -12.85 1.47 -0.11
N LYS A 57 -13.34 2.22 0.88
CA LYS A 57 -13.12 3.66 0.92
C LYS A 57 -11.66 3.98 1.27
N GLU A 58 -11.13 3.29 2.27
CA GLU A 58 -9.75 3.49 2.70
C GLU A 58 -8.78 3.18 1.57
N ARG A 59 -8.94 2.01 0.96
CA ARG A 59 -8.07 1.58 -0.13
C ARG A 59 -7.77 2.75 -1.05
N LYS A 60 -8.80 3.51 -1.41
CA LYS A 60 -8.64 4.66 -2.29
C LYS A 60 -7.91 5.79 -1.58
N GLN A 61 -8.31 6.06 -0.34
CA GLN A 61 -7.69 7.12 0.45
C GLN A 61 -6.19 6.89 0.60
N VAL A 62 -5.83 5.74 1.16
CA VAL A 62 -4.42 5.40 1.36
C VAL A 62 -3.65 5.41 0.04
N PHE A 63 -4.29 4.90 -1.01
CA PHE A 63 -3.67 4.85 -2.33
C PHE A 63 -3.49 6.26 -2.90
N ASP A 64 -4.38 7.16 -2.52
CA ASP A 64 -4.32 8.53 -2.98
C ASP A 64 -3.07 9.24 -2.43
N GLN A 65 -2.94 9.23 -1.12
CA GLN A 65 -1.79 9.87 -0.46
C GLN A 65 -0.48 9.28 -0.97
N TYR A 66 -0.45 7.96 -1.13
CA TYR A 66 0.74 7.28 -1.61
C TYR A 66 1.14 7.77 -2.99
N VAL A 67 0.14 7.97 -3.85
CA VAL A 67 0.39 8.45 -5.21
C VAL A 67 0.99 9.85 -5.20
N LYS A 68 0.37 10.76 -4.46
CA LYS A 68 0.86 12.13 -4.36
C LYS A 68 2.34 12.16 -4.00
N THR A 69 2.70 11.45 -2.95
CA THR A 69 4.09 11.39 -2.50
C THR A 69 5.00 10.83 -3.59
N ARG A 70 4.51 9.80 -4.28
CA ARG A 70 5.28 9.16 -5.35
C ARG A 70 5.48 10.12 -6.52
N ALA A 71 4.55 11.06 -6.67
CA ALA A 71 4.61 12.04 -7.74
C ALA A 71 5.59 13.17 -7.40
N GLU A 72 5.38 13.79 -6.25
CA GLU A 72 6.23 14.88 -5.80
C GLU A 72 7.70 14.46 -5.79
N GLU A 73 7.95 13.23 -5.37
CA GLU A 73 9.31 12.71 -5.31
C GLU A 73 9.73 12.15 -6.67
N GLU A 74 9.06 12.60 -7.72
CA GLU A 74 9.36 12.14 -9.07
C GLU A 74 10.86 11.90 -9.24
N ARG A 75 11.22 10.70 -9.67
CA ARG A 75 12.61 10.34 -9.87
C ARG A 75 13.14 10.88 -11.19
N ARG A 76 14.42 11.23 -11.22
CA ARG A 76 15.04 11.77 -12.42
C ARG A 76 15.90 10.72 -13.11
N SER A 77 16.97 10.32 -12.45
CA SER A 77 17.89 9.32 -12.99
C SER A 77 18.05 8.15 -12.02
N GLY A 78 18.58 7.03 -12.53
CA GLY A 78 18.78 5.87 -11.69
C GLY A 78 19.09 4.63 -12.51
N PRO A 79 19.69 3.62 -11.86
CA PRO A 79 20.07 2.36 -12.50
C PRO A 79 18.86 1.52 -12.87
N SER A 80 18.91 0.87 -14.03
CA SER A 80 17.81 0.04 -14.49
C SER A 80 17.32 -0.89 -13.39
N SER A 81 18.23 -1.69 -12.84
CA SER A 81 17.90 -2.63 -11.78
C SER A 81 18.51 -2.18 -10.45
N GLY A 82 17.69 -2.16 -9.40
CA GLY A 82 18.17 -1.76 -8.09
C GLY A 82 18.01 -0.27 -7.86
N GLY A 1 15.00 -4.59 8.08
CA GLY A 1 14.02 -4.57 9.15
C GLY A 1 13.73 -5.94 9.74
N SER A 2 13.26 -5.98 10.97
CA SER A 2 12.95 -7.25 11.64
C SER A 2 11.93 -7.03 12.75
N SER A 3 11.35 -8.14 13.22
CA SER A 3 10.35 -8.07 14.28
C SER A 3 10.55 -9.21 15.28
N GLY A 4 9.85 -9.13 16.41
CA GLY A 4 9.97 -10.15 17.43
C GLY A 4 9.07 -9.89 18.62
N SER A 5 7.79 -10.22 18.49
CA SER A 5 6.83 -10.02 19.56
C SER A 5 6.00 -11.28 19.80
N SER A 6 6.51 -12.16 20.65
CA SER A 6 5.83 -13.41 20.96
C SER A 6 4.50 -13.14 21.67
N GLY A 7 3.74 -14.20 21.93
CA GLY A 7 2.46 -14.05 22.60
C GLY A 7 1.47 -13.25 21.78
N ALA A 8 0.26 -13.78 21.64
CA ALA A 8 -0.79 -13.12 20.89
C ALA A 8 -2.14 -13.24 21.58
N ARG A 9 -3.13 -12.50 21.08
CA ARG A 9 -4.47 -12.53 21.65
C ARG A 9 -5.40 -13.42 20.82
N GLU A 10 -6.33 -14.08 21.50
CA GLU A 10 -7.28 -14.97 20.83
C GLU A 10 -7.98 -14.23 19.69
N ARG A 11 -7.91 -12.91 19.73
CA ARG A 11 -8.55 -12.09 18.70
C ARG A 11 -7.79 -12.18 17.37
N ALA A 12 -8.53 -12.23 16.27
CA ALA A 12 -7.93 -12.33 14.95
C ALA A 12 -8.18 -11.06 14.15
N ILE A 13 -8.36 -9.95 14.85
CA ILE A 13 -8.60 -8.66 14.20
C ILE A 13 -7.35 -7.79 14.21
N VAL A 14 -6.58 -7.87 13.13
CA VAL A 14 -5.35 -7.09 13.01
C VAL A 14 -5.62 -5.61 13.24
N PRO A 15 -4.64 -4.91 13.84
CA PRO A 15 -4.75 -3.48 14.12
C PRO A 15 -4.70 -2.63 12.86
N LEU A 16 -5.12 -1.38 12.97
CA LEU A 16 -5.13 -0.47 11.84
C LEU A 16 -3.74 -0.35 11.22
N GLU A 17 -2.73 -0.14 12.08
CA GLU A 17 -1.35 -0.01 11.61
C GLU A 17 -0.94 -1.24 10.82
N ALA A 18 -1.48 -2.39 11.20
CA ALA A 18 -1.16 -3.64 10.52
C ALA A 18 -1.75 -3.68 9.12
N ARG A 19 -3.07 -3.78 9.04
CA ARG A 19 -3.76 -3.82 7.76
C ARG A 19 -3.22 -2.75 6.82
N MET A 20 -3.10 -1.53 7.32
CA MET A 20 -2.60 -0.42 6.53
C MET A 20 -1.21 -0.73 5.96
N LYS A 21 -0.29 -1.10 6.84
CA LYS A 21 1.07 -1.44 6.43
C LYS A 21 1.06 -2.40 5.25
N GLN A 22 0.23 -3.45 5.35
CA GLN A 22 0.13 -4.44 4.28
C GLN A 22 -0.21 -3.78 2.95
N PHE A 23 -1.39 -3.16 2.88
CA PHE A 23 -1.83 -2.49 1.67
C PHE A 23 -0.70 -1.65 1.08
N LYS A 24 -0.13 -0.78 1.90
CA LYS A 24 0.96 0.09 1.46
C LYS A 24 2.13 -0.73 0.92
N ASP A 25 2.49 -1.79 1.65
CA ASP A 25 3.58 -2.66 1.24
C ASP A 25 3.42 -3.10 -0.21
N MET A 26 2.19 -3.40 -0.59
CA MET A 26 1.89 -3.84 -1.96
C MET A 26 2.09 -2.70 -2.95
N LEU A 27 1.36 -1.61 -2.75
CA LEU A 27 1.45 -0.45 -3.62
C LEU A 27 2.91 -0.14 -3.96
N LEU A 28 3.79 -0.30 -2.98
CA LEU A 28 5.21 -0.04 -3.16
C LEU A 28 5.89 -1.22 -3.85
N GLU A 29 5.82 -2.40 -3.22
CA GLU A 29 6.42 -3.59 -3.77
C GLU A 29 5.96 -3.82 -5.21
N ARG A 30 4.67 -4.07 -5.39
CA ARG A 30 4.11 -4.31 -6.71
C ARG A 30 4.62 -3.28 -7.71
N GLY A 31 4.99 -2.10 -7.21
CA GLY A 31 5.49 -1.05 -8.07
C GLY A 31 4.37 -0.21 -8.65
N VAL A 32 3.28 -0.07 -7.90
CA VAL A 32 2.14 0.72 -8.36
C VAL A 32 2.56 2.13 -8.76
N SER A 33 2.54 2.40 -10.06
CA SER A 33 2.93 3.71 -10.57
C SER A 33 1.96 4.79 -10.09
N ALA A 34 2.48 6.01 -9.92
CA ALA A 34 1.67 7.13 -9.47
C ALA A 34 0.89 7.75 -10.63
N PHE A 35 1.54 7.85 -11.78
CA PHE A 35 0.91 8.43 -12.97
C PHE A 35 -0.23 7.55 -13.45
N SER A 36 -0.16 6.26 -13.13
CA SER A 36 -1.19 5.32 -13.54
C SER A 36 -2.54 5.66 -12.91
N THR A 37 -3.58 4.98 -13.37
CA THR A 37 -4.93 5.22 -12.84
C THR A 37 -5.32 4.16 -11.82
N TRP A 38 -6.38 4.43 -11.08
CA TRP A 38 -6.86 3.50 -10.06
C TRP A 38 -7.31 2.18 -10.69
N GLU A 39 -7.86 2.27 -11.90
CA GLU A 39 -8.33 1.08 -12.62
C GLU A 39 -7.19 0.09 -12.82
N LYS A 40 -6.12 0.54 -13.44
CA LYS A 40 -4.96 -0.31 -13.70
C LYS A 40 -4.41 -0.88 -12.39
N GLU A 41 -4.01 -0.01 -11.49
CA GLU A 41 -3.46 -0.42 -10.20
C GLU A 41 -4.45 -1.33 -9.46
N LEU A 42 -5.73 -1.02 -9.58
CA LEU A 42 -6.76 -1.81 -8.93
C LEU A 42 -6.65 -3.29 -9.29
N HIS A 43 -6.72 -3.58 -10.59
CA HIS A 43 -6.61 -4.95 -11.07
C HIS A 43 -5.28 -5.56 -10.67
N LYS A 44 -4.25 -4.72 -10.60
CA LYS A 44 -2.91 -5.18 -10.22
C LYS A 44 -2.89 -5.67 -8.77
N ILE A 45 -3.76 -5.09 -7.95
CA ILE A 45 -3.84 -5.47 -6.54
C ILE A 45 -5.17 -6.12 -6.22
N VAL A 46 -5.96 -6.39 -7.26
CA VAL A 46 -7.26 -7.02 -7.09
C VAL A 46 -7.12 -8.51 -6.78
N PHE A 47 -6.11 -9.13 -7.37
CA PHE A 47 -5.86 -10.56 -7.16
C PHE A 47 -5.11 -10.79 -5.86
N ASP A 48 -5.02 -9.75 -5.03
CA ASP A 48 -4.33 -9.84 -3.76
C ASP A 48 -5.31 -10.02 -2.61
N PRO A 49 -4.96 -10.88 -1.65
CA PRO A 49 -5.79 -11.15 -0.48
C PRO A 49 -5.87 -9.97 0.48
N ARG A 50 -4.75 -9.29 0.67
CA ARG A 50 -4.69 -8.14 1.56
C ARG A 50 -5.61 -7.02 1.06
N TYR A 51 -5.79 -6.95 -0.25
CA TYR A 51 -6.64 -5.93 -0.85
C TYR A 51 -8.08 -6.06 -0.33
N LEU A 52 -8.37 -7.18 0.32
CA LEU A 52 -9.70 -7.42 0.87
C LEU A 52 -9.68 -7.33 2.38
N LEU A 53 -8.67 -6.67 2.93
CA LEU A 53 -8.55 -6.51 4.37
C LEU A 53 -8.98 -5.12 4.81
N LEU A 54 -8.47 -4.10 4.11
CA LEU A 54 -8.81 -2.71 4.42
C LEU A 54 -10.12 -2.31 3.77
N ASN A 55 -10.87 -1.44 4.44
CA ASN A 55 -12.15 -0.98 3.93
C ASN A 55 -12.03 -0.51 2.49
N PRO A 56 -13.16 -0.43 1.79
CA PRO A 56 -13.21 0.01 0.39
C PRO A 56 -12.89 1.49 0.23
N LYS A 57 -13.30 2.29 1.21
CA LYS A 57 -13.06 3.72 1.19
C LYS A 57 -11.59 4.03 1.43
N GLU A 58 -11.01 3.37 2.43
CA GLU A 58 -9.60 3.57 2.78
C GLU A 58 -8.71 3.25 1.59
N ARG A 59 -8.91 2.08 1.00
CA ARG A 59 -8.11 1.66 -0.15
C ARG A 59 -7.77 2.85 -1.05
N LYS A 60 -8.78 3.64 -1.38
CA LYS A 60 -8.59 4.81 -2.24
C LYS A 60 -7.86 5.91 -1.48
N GLN A 61 -8.28 6.16 -0.24
CA GLN A 61 -7.66 7.18 0.59
C GLN A 61 -6.16 6.93 0.74
N VAL A 62 -5.82 5.80 1.35
CA VAL A 62 -4.42 5.44 1.57
C VAL A 62 -3.64 5.46 0.25
N PHE A 63 -4.20 4.84 -0.78
CA PHE A 63 -3.55 4.80 -2.09
C PHE A 63 -3.38 6.21 -2.65
N ASP A 64 -4.36 7.07 -2.41
CA ASP A 64 -4.31 8.44 -2.89
C ASP A 64 -3.06 9.15 -2.38
N GLN A 65 -2.85 9.08 -1.06
CA GLN A 65 -1.69 9.72 -0.45
C GLN A 65 -0.39 9.15 -1.00
N TYR A 66 -0.36 7.83 -1.19
CA TYR A 66 0.82 7.16 -1.71
C TYR A 66 1.13 7.63 -3.12
N VAL A 67 0.11 7.79 -3.93
CA VAL A 67 0.27 8.23 -5.31
C VAL A 67 0.77 9.67 -5.37
N LYS A 68 0.06 10.57 -4.68
CA LYS A 68 0.44 11.98 -4.65
C LYS A 68 1.92 12.14 -4.33
N THR A 69 2.35 11.53 -3.22
CA THR A 69 3.73 11.61 -2.81
C THR A 69 4.66 11.01 -3.85
N ARG A 70 4.25 9.88 -4.42
CA ARG A 70 5.05 9.20 -5.44
C ARG A 70 5.18 10.06 -6.69
N ALA A 71 4.22 10.96 -6.90
CA ALA A 71 4.24 11.84 -8.05
C ALA A 71 5.19 13.01 -7.83
N GLU A 72 5.13 13.61 -6.64
CA GLU A 72 5.99 14.73 -6.30
C GLU A 72 7.45 14.30 -6.22
N GLU A 73 7.67 13.07 -5.76
CA GLU A 73 9.02 12.53 -5.64
C GLU A 73 9.49 11.92 -6.95
N GLU A 74 8.85 12.31 -8.04
CA GLU A 74 9.20 11.79 -9.36
C GLU A 74 10.71 11.59 -9.48
N ARG A 75 11.11 10.43 -10.01
CA ARG A 75 12.52 10.11 -10.17
C ARG A 75 12.91 10.13 -11.64
N ARG A 76 13.92 10.93 -11.97
CA ARG A 76 14.39 11.03 -13.35
C ARG A 76 14.47 9.66 -14.00
N SER A 77 13.60 9.42 -15.00
CA SER A 77 13.57 8.15 -15.70
C SER A 77 14.78 8.01 -16.62
N GLY A 78 15.72 7.14 -16.23
CA GLY A 78 16.90 6.93 -17.03
C GLY A 78 16.68 5.95 -18.16
N PRO A 79 16.47 4.67 -17.82
CA PRO A 79 16.23 3.61 -18.80
C PRO A 79 14.87 3.76 -19.49
N SER A 80 14.15 4.81 -19.14
CA SER A 80 12.83 5.06 -19.74
C SER A 80 12.79 4.60 -21.19
N SER A 81 11.84 3.72 -21.50
CA SER A 81 11.68 3.21 -22.85
C SER A 81 10.25 3.35 -23.33
N GLY A 82 10.00 2.92 -24.57
CA GLY A 82 8.66 3.00 -25.12
C GLY A 82 7.84 1.76 -24.85
N GLY A 1 24.30 -10.11 19.89
CA GLY A 1 22.98 -10.17 20.50
C GLY A 1 21.94 -9.39 19.72
N SER A 2 21.28 -8.45 20.39
CA SER A 2 20.26 -7.63 19.75
C SER A 2 19.17 -8.50 19.14
N SER A 3 18.71 -9.50 19.91
CA SER A 3 17.67 -10.41 19.44
C SER A 3 16.57 -10.54 20.48
N GLY A 4 15.38 -10.93 20.03
CA GLY A 4 14.25 -11.09 20.93
C GLY A 4 12.93 -11.21 20.20
N SER A 5 12.29 -12.36 20.33
CA SER A 5 11.01 -12.60 19.66
C SER A 5 10.39 -13.91 20.15
N SER A 6 9.14 -13.84 20.60
CA SER A 6 8.43 -15.01 21.09
C SER A 6 6.93 -14.74 21.19
N GLY A 7 6.16 -15.81 21.36
CA GLY A 7 4.72 -15.66 21.46
C GLY A 7 3.99 -16.30 20.29
N ALA A 8 2.93 -17.04 20.58
CA ALA A 8 2.14 -17.70 19.55
C ALA A 8 0.64 -17.51 19.78
N ARG A 9 0.10 -16.43 19.24
CA ARG A 9 -1.32 -16.13 19.38
C ARG A 9 -1.97 -15.90 18.02
N GLU A 10 -3.19 -16.42 17.87
CA GLU A 10 -3.92 -16.28 16.61
C GLU A 10 -5.30 -15.68 16.86
N ARG A 11 -5.40 -14.36 16.68
CA ARG A 11 -6.66 -13.66 16.89
C ARG A 11 -7.15 -13.04 15.58
N ALA A 12 -8.47 -13.01 15.41
CA ALA A 12 -9.07 -12.45 14.20
C ALA A 12 -9.22 -10.94 14.32
N ILE A 13 -8.27 -10.30 14.98
CA ILE A 13 -8.29 -8.86 15.16
C ILE A 13 -7.04 -8.21 14.59
N VAL A 14 -7.22 -7.41 13.54
CA VAL A 14 -6.10 -6.73 12.89
C VAL A 14 -6.21 -5.22 13.08
N PRO A 15 -5.17 -4.62 13.68
CA PRO A 15 -5.12 -3.18 13.92
C PRO A 15 -4.96 -2.38 12.63
N LEU A 16 -5.56 -1.19 12.60
CA LEU A 16 -5.48 -0.33 11.43
C LEU A 16 -4.05 -0.18 10.95
N GLU A 17 -3.15 0.13 11.88
CA GLU A 17 -1.74 0.30 11.55
C GLU A 17 -1.21 -0.91 10.78
N ALA A 18 -1.64 -2.10 11.17
CA ALA A 18 -1.23 -3.33 10.53
C ALA A 18 -1.75 -3.40 9.10
N ARG A 19 -3.07 -3.59 8.96
CA ARG A 19 -3.70 -3.68 7.65
C ARG A 19 -3.17 -2.60 6.72
N MET A 20 -3.02 -1.38 7.24
CA MET A 20 -2.52 -0.26 6.45
C MET A 20 -1.08 -0.49 6.04
N LYS A 21 -0.28 -1.03 6.96
CA LYS A 21 1.12 -1.30 6.70
C LYS A 21 1.28 -2.27 5.53
N GLN A 22 0.43 -3.29 5.49
CA GLN A 22 0.48 -4.28 4.42
C GLN A 22 0.14 -3.65 3.07
N PHE A 23 -1.08 -3.16 2.95
CA PHE A 23 -1.54 -2.52 1.72
C PHE A 23 -0.43 -1.67 1.11
N LYS A 24 0.05 -0.70 1.89
CA LYS A 24 1.11 0.18 1.43
C LYS A 24 2.32 -0.61 0.94
N ASP A 25 2.75 -1.57 1.75
CA ASP A 25 3.90 -2.40 1.39
C ASP A 25 3.74 -2.97 -0.02
N MET A 26 2.51 -3.27 -0.40
CA MET A 26 2.23 -3.82 -1.72
C MET A 26 2.40 -2.74 -2.80
N LEU A 27 1.54 -1.74 -2.75
CA LEU A 27 1.59 -0.64 -3.72
C LEU A 27 3.03 -0.30 -4.08
N LEU A 28 3.91 -0.33 -3.09
CA LEU A 28 5.32 -0.04 -3.30
C LEU A 28 6.02 -1.19 -4.00
N GLU A 29 5.75 -2.41 -3.52
CA GLU A 29 6.37 -3.60 -4.09
C GLU A 29 5.77 -3.92 -5.47
N ARG A 30 4.48 -4.24 -5.48
CA ARG A 30 3.78 -4.56 -6.72
C ARG A 30 4.24 -3.65 -7.85
N GLY A 31 4.52 -2.39 -7.52
CA GLY A 31 4.97 -1.44 -8.52
C GLY A 31 3.85 -0.55 -9.01
N VAL A 32 2.85 -0.32 -8.15
CA VAL A 32 1.72 0.52 -8.51
C VAL A 32 2.16 1.93 -8.88
N SER A 33 2.41 2.15 -10.18
CA SER A 33 2.85 3.44 -10.67
C SER A 33 1.96 4.55 -10.13
N ALA A 34 2.54 5.75 -9.98
CA ALA A 34 1.79 6.90 -9.48
C ALA A 34 1.04 7.60 -10.59
N PHE A 35 1.73 7.85 -11.70
CA PHE A 35 1.12 8.52 -12.84
C PHE A 35 -0.11 7.76 -13.33
N SER A 36 -0.08 6.44 -13.17
CA SER A 36 -1.20 5.60 -13.59
C SER A 36 -2.48 5.98 -12.86
N THR A 37 -3.56 5.24 -13.14
CA THR A 37 -4.84 5.52 -12.52
C THR A 37 -5.15 4.49 -11.45
N TRP A 38 -6.34 4.60 -10.85
CA TRP A 38 -6.76 3.68 -9.81
C TRP A 38 -7.34 2.40 -10.40
N GLU A 39 -7.93 2.53 -11.59
CA GLU A 39 -8.53 1.39 -12.27
C GLU A 39 -7.48 0.31 -12.56
N LYS A 40 -6.47 0.68 -13.34
CA LYS A 40 -5.40 -0.24 -13.70
C LYS A 40 -4.77 -0.84 -12.45
N GLU A 41 -4.24 0.01 -11.59
CA GLU A 41 -3.60 -0.44 -10.36
C GLU A 41 -4.56 -1.28 -9.53
N LEU A 42 -5.81 -0.83 -9.44
CA LEU A 42 -6.83 -1.54 -8.68
C LEU A 42 -6.84 -3.02 -9.02
N HIS A 43 -6.98 -3.32 -10.30
CA HIS A 43 -7.00 -4.70 -10.77
C HIS A 43 -5.66 -5.39 -10.50
N LYS A 44 -4.59 -4.62 -10.56
CA LYS A 44 -3.25 -5.15 -10.31
C LYS A 44 -3.10 -5.60 -8.87
N ILE A 45 -3.92 -5.04 -7.99
CA ILE A 45 -3.88 -5.38 -6.57
C ILE A 45 -5.21 -5.95 -6.10
N VAL A 46 -6.13 -6.15 -7.05
CA VAL A 46 -7.44 -6.69 -6.74
C VAL A 46 -7.35 -8.18 -6.40
N PHE A 47 -6.33 -8.84 -6.93
CA PHE A 47 -6.14 -10.26 -6.69
C PHE A 47 -5.59 -10.51 -5.28
N ASP A 48 -4.50 -9.82 -4.96
CA ASP A 48 -3.87 -9.97 -3.65
C ASP A 48 -4.92 -10.15 -2.56
N PRO A 49 -4.64 -11.04 -1.60
CA PRO A 49 -5.55 -11.33 -0.49
C PRO A 49 -5.65 -10.15 0.50
N ARG A 50 -4.53 -9.48 0.71
CA ARG A 50 -4.49 -8.35 1.63
C ARG A 50 -5.38 -7.21 1.12
N TYR A 51 -5.69 -7.24 -0.17
CA TYR A 51 -6.54 -6.21 -0.77
C TYR A 51 -7.96 -6.27 -0.20
N LEU A 52 -8.28 -7.37 0.45
CA LEU A 52 -9.60 -7.55 1.05
C LEU A 52 -9.57 -7.30 2.55
N LEU A 53 -8.40 -6.88 3.05
CA LEU A 53 -8.24 -6.60 4.47
C LEU A 53 -8.70 -5.19 4.80
N LEU A 54 -8.23 -4.23 4.02
CA LEU A 54 -8.60 -2.82 4.23
C LEU A 54 -9.93 -2.50 3.56
N ASN A 55 -10.71 -1.64 4.19
CA ASN A 55 -12.01 -1.26 3.64
C ASN A 55 -11.88 -0.77 2.20
N PRO A 56 -13.00 -0.73 1.48
CA PRO A 56 -13.04 -0.29 0.09
C PRO A 56 -12.77 1.20 -0.06
N LYS A 57 -13.27 1.97 0.91
CA LYS A 57 -13.10 3.42 0.89
C LYS A 57 -11.65 3.79 1.21
N GLU A 58 -11.10 3.18 2.25
CA GLU A 58 -9.72 3.45 2.66
C GLU A 58 -8.75 3.14 1.53
N ARG A 59 -8.87 1.93 0.97
CA ARG A 59 -8.00 1.51 -0.13
C ARG A 59 -7.76 2.66 -1.11
N LYS A 60 -8.83 3.33 -1.49
CA LYS A 60 -8.74 4.45 -2.43
C LYS A 60 -8.01 5.64 -1.79
N GLN A 61 -8.39 5.96 -0.55
CA GLN A 61 -7.77 7.06 0.16
C GLN A 61 -6.27 6.86 0.28
N VAL A 62 -5.88 5.76 0.90
CA VAL A 62 -4.46 5.44 1.09
C VAL A 62 -3.72 5.46 -0.24
N PHE A 63 -4.39 4.97 -1.28
CA PHE A 63 -3.78 4.93 -2.61
C PHE A 63 -3.61 6.32 -3.18
N ASP A 64 -4.53 7.23 -2.82
CA ASP A 64 -4.47 8.60 -3.29
C ASP A 64 -3.28 9.34 -2.69
N GLN A 65 -3.10 9.20 -1.38
CA GLN A 65 -2.00 9.86 -0.69
C GLN A 65 -0.67 9.25 -1.10
N TYR A 66 -0.66 7.94 -1.31
CA TYR A 66 0.56 7.25 -1.70
C TYR A 66 1.01 7.68 -3.10
N VAL A 67 0.05 7.84 -4.00
CA VAL A 67 0.35 8.24 -5.37
C VAL A 67 0.91 9.66 -5.40
N LYS A 68 0.27 10.57 -4.66
CA LYS A 68 0.71 11.95 -4.61
C LYS A 68 2.15 12.05 -4.13
N THR A 69 2.44 11.41 -3.01
CA THR A 69 3.79 11.43 -2.45
C THR A 69 4.80 10.80 -3.41
N ARG A 70 4.38 9.75 -4.10
CA ARG A 70 5.24 9.06 -5.05
C ARG A 70 5.59 9.98 -6.22
N ALA A 71 4.63 10.83 -6.60
CA ALA A 71 4.84 11.76 -7.70
C ALA A 71 5.70 12.94 -7.28
N GLU A 72 5.35 13.55 -6.16
CA GLU A 72 6.09 14.70 -5.65
C GLU A 72 7.55 14.33 -5.42
N GLU A 73 7.79 13.17 -4.81
CA GLU A 73 9.14 12.71 -4.54
C GLU A 73 9.74 12.01 -5.76
N GLU A 74 9.27 12.39 -6.94
CA GLU A 74 9.77 11.79 -8.18
C GLU A 74 10.70 12.75 -8.91
N ARG A 75 12.00 12.56 -8.71
CA ARG A 75 13.00 13.41 -9.35
C ARG A 75 13.66 12.68 -10.52
N ARG A 76 14.47 13.41 -11.28
CA ARG A 76 15.17 12.84 -12.42
C ARG A 76 15.55 11.39 -12.16
N SER A 77 15.62 10.59 -13.23
CA SER A 77 15.96 9.18 -13.11
C SER A 77 16.21 8.57 -14.49
N GLY A 78 16.66 7.31 -14.49
CA GLY A 78 16.93 6.63 -15.75
C GLY A 78 16.03 5.43 -15.96
N PRO A 79 16.48 4.26 -15.47
CA PRO A 79 15.72 3.01 -15.60
C PRO A 79 14.47 3.01 -14.73
N SER A 80 13.37 2.50 -15.28
CA SER A 80 12.11 2.44 -14.56
C SER A 80 11.12 1.49 -15.26
N SER A 81 10.32 0.79 -14.47
CA SER A 81 9.35 -0.14 -15.01
C SER A 81 8.44 -0.67 -13.92
N GLY A 82 7.43 -1.45 -14.31
CA GLY A 82 6.50 -2.01 -13.34
C GLY A 82 6.12 -1.01 -12.27
N GLY A 1 21.43 -3.73 15.54
CA GLY A 1 21.13 -5.12 15.86
C GLY A 1 19.86 -5.60 15.19
N SER A 2 20.00 -6.10 13.97
CA SER A 2 18.86 -6.60 13.21
C SER A 2 18.03 -7.56 14.05
N SER A 3 18.70 -8.49 14.74
CA SER A 3 18.03 -9.46 15.58
C SER A 3 17.70 -8.87 16.94
N GLY A 4 16.52 -8.26 17.04
CA GLY A 4 16.10 -7.65 18.29
C GLY A 4 14.60 -7.43 18.35
N SER A 5 13.84 -8.51 18.38
CA SER A 5 12.38 -8.41 18.42
C SER A 5 11.78 -9.62 19.13
N SER A 6 10.85 -9.37 20.05
CA SER A 6 10.20 -10.44 20.79
C SER A 6 8.87 -9.97 21.37
N GLY A 7 7.92 -10.89 21.51
CA GLY A 7 6.62 -10.54 22.05
C GLY A 7 5.97 -11.72 22.77
N ALA A 8 5.94 -11.66 24.09
CA ALA A 8 5.35 -12.71 24.89
C ALA A 8 3.86 -12.44 25.13
N ARG A 9 3.21 -11.83 24.15
CA ARG A 9 1.79 -11.52 24.25
C ARG A 9 1.02 -12.12 23.07
N GLU A 10 -0.27 -12.37 23.29
CA GLU A 10 -1.12 -12.94 22.25
C GLU A 10 -2.36 -12.07 22.02
N ARG A 11 -2.41 -11.41 20.87
CA ARG A 11 -3.53 -10.55 20.53
C ARG A 11 -4.03 -10.83 19.12
N ALA A 12 -5.34 -10.80 18.94
CA ALA A 12 -5.94 -11.05 17.64
C ALA A 12 -6.75 -9.84 17.16
N ILE A 13 -6.12 -8.67 17.18
CA ILE A 13 -6.77 -7.45 16.76
C ILE A 13 -5.87 -6.62 15.86
N VAL A 14 -5.94 -6.87 14.55
CA VAL A 14 -5.12 -6.15 13.59
C VAL A 14 -5.44 -4.66 13.60
N PRO A 15 -4.46 -3.87 14.08
CA PRO A 15 -4.62 -2.41 14.16
C PRO A 15 -4.62 -1.75 12.79
N LEU A 16 -5.04 -0.49 12.75
CA LEU A 16 -5.09 0.27 11.50
C LEU A 16 -3.72 0.32 10.84
N GLU A 17 -2.72 0.76 11.59
CA GLU A 17 -1.36 0.86 11.07
C GLU A 17 -0.92 -0.45 10.45
N ALA A 18 -1.37 -1.56 11.04
CA ALA A 18 -1.02 -2.89 10.54
C ALA A 18 -1.60 -3.12 9.15
N ARG A 19 -2.93 -3.21 9.08
CA ARG A 19 -3.60 -3.43 7.82
C ARG A 19 -3.16 -2.42 6.77
N MET A 20 -3.02 -1.17 7.19
CA MET A 20 -2.60 -0.10 6.29
C MET A 20 -1.21 -0.38 5.74
N LYS A 21 -0.31 -0.81 6.61
CA LYS A 21 1.06 -1.12 6.22
C LYS A 21 1.09 -2.18 5.12
N GLN A 22 0.25 -3.19 5.26
CA GLN A 22 0.19 -4.27 4.29
C GLN A 22 -0.22 -3.74 2.92
N PHE A 23 -1.34 -3.02 2.88
CA PHE A 23 -1.84 -2.46 1.62
C PHE A 23 -0.79 -1.57 0.97
N LYS A 24 -0.15 -0.72 1.78
CA LYS A 24 0.88 0.17 1.28
C LYS A 24 2.10 -0.60 0.81
N ASP A 25 2.43 -1.67 1.53
CA ASP A 25 3.57 -2.51 1.19
C ASP A 25 3.42 -3.09 -0.22
N MET A 26 2.25 -3.63 -0.51
CA MET A 26 1.98 -4.22 -1.81
C MET A 26 1.92 -3.15 -2.89
N LEU A 27 1.37 -1.99 -2.54
CA LEU A 27 1.25 -0.88 -3.48
C LEU A 27 2.62 -0.50 -4.05
N LEU A 28 3.61 -0.42 -3.17
CA LEU A 28 4.97 -0.07 -3.58
C LEU A 28 5.65 -1.25 -4.27
N GLU A 29 5.69 -2.39 -3.58
CA GLU A 29 6.32 -3.59 -4.13
C GLU A 29 5.79 -3.89 -5.53
N ARG A 30 4.48 -4.14 -5.62
CA ARG A 30 3.85 -4.45 -6.90
C ARG A 30 4.28 -3.44 -7.97
N GLY A 31 4.76 -2.29 -7.52
CA GLY A 31 5.19 -1.25 -8.45
C GLY A 31 4.02 -0.43 -8.96
N VAL A 32 3.11 -0.09 -8.07
CA VAL A 32 1.94 0.71 -8.45
C VAL A 32 2.35 2.12 -8.88
N SER A 33 2.39 2.33 -10.19
CA SER A 33 2.77 3.63 -10.74
C SER A 33 1.94 4.75 -10.11
N ALA A 34 2.55 5.92 -9.98
CA ALA A 34 1.87 7.07 -9.40
C ALA A 34 1.03 7.80 -10.45
N PHE A 35 1.57 7.91 -11.66
CA PHE A 35 0.88 8.59 -12.74
C PHE A 35 -0.12 7.65 -13.42
N SER A 36 -0.87 6.91 -12.61
CA SER A 36 -1.86 5.97 -13.13
C SER A 36 -3.20 6.16 -12.42
N THR A 37 -4.16 5.29 -12.75
CA THR A 37 -5.48 5.36 -12.15
C THR A 37 -5.72 4.19 -11.21
N TRP A 38 -6.72 4.33 -10.35
CA TRP A 38 -7.06 3.28 -9.39
C TRP A 38 -7.54 2.02 -10.11
N GLU A 39 -8.12 2.20 -11.29
CA GLU A 39 -8.62 1.08 -12.08
C GLU A 39 -7.51 0.09 -12.39
N LYS A 40 -6.49 0.57 -13.09
CA LYS A 40 -5.37 -0.28 -13.47
C LYS A 40 -4.74 -0.93 -12.24
N GLU A 41 -4.29 -0.10 -11.30
CA GLU A 41 -3.67 -0.60 -10.07
C GLU A 41 -4.60 -1.57 -9.35
N LEU A 42 -5.89 -1.22 -9.30
CA LEU A 42 -6.88 -2.07 -8.65
C LEU A 42 -6.78 -3.51 -9.14
N HIS A 43 -6.87 -3.69 -10.45
CA HIS A 43 -6.79 -5.03 -11.04
C HIS A 43 -5.45 -5.69 -10.71
N LYS A 44 -4.40 -4.87 -10.65
CA LYS A 44 -3.07 -5.38 -10.34
C LYS A 44 -2.99 -5.88 -8.91
N ILE A 45 -3.88 -5.39 -8.06
CA ILE A 45 -3.92 -5.78 -6.66
C ILE A 45 -5.23 -6.49 -6.32
N VAL A 46 -6.03 -6.74 -7.34
CA VAL A 46 -7.32 -7.41 -7.16
C VAL A 46 -7.12 -8.88 -6.82
N PHE A 47 -5.98 -9.44 -7.22
CA PHE A 47 -5.67 -10.84 -6.95
C PHE A 47 -4.99 -10.99 -5.59
N ASP A 48 -4.54 -9.87 -5.03
CA ASP A 48 -3.87 -9.88 -3.74
C ASP A 48 -4.87 -10.03 -2.60
N PRO A 49 -4.51 -10.84 -1.59
CA PRO A 49 -5.36 -11.09 -0.43
C PRO A 49 -5.50 -9.86 0.46
N ARG A 50 -4.43 -9.07 0.55
CA ARG A 50 -4.43 -7.88 1.38
C ARG A 50 -5.40 -6.84 0.83
N TYR A 51 -5.82 -7.03 -0.42
CA TYR A 51 -6.75 -6.11 -1.07
C TYR A 51 -8.14 -6.22 -0.45
N LEU A 52 -8.31 -7.21 0.42
CA LEU A 52 -9.59 -7.42 1.08
C LEU A 52 -9.46 -7.26 2.60
N LEU A 53 -8.33 -6.73 3.03
CA LEU A 53 -8.07 -6.52 4.46
C LEU A 53 -8.47 -5.12 4.87
N LEU A 54 -8.51 -4.20 3.92
CA LEU A 54 -8.89 -2.81 4.19
C LEU A 54 -10.19 -2.45 3.49
N ASN A 55 -11.00 -1.61 4.14
CA ASN A 55 -12.27 -1.19 3.57
C ASN A 55 -12.09 -0.70 2.14
N PRO A 56 -13.20 -0.63 1.39
CA PRO A 56 -13.19 -0.17 0.00
C PRO A 56 -12.91 1.32 -0.12
N LYS A 57 -13.33 2.08 0.89
CA LYS A 57 -13.12 3.52 0.89
C LYS A 57 -11.65 3.86 1.14
N GLU A 58 -11.05 3.19 2.13
CA GLU A 58 -9.65 3.41 2.45
C GLU A 58 -8.76 3.10 1.27
N ARG A 59 -8.91 1.92 0.71
CA ARG A 59 -8.11 1.49 -0.44
C ARG A 59 -7.82 2.67 -1.36
N LYS A 60 -8.86 3.43 -1.69
CA LYS A 60 -8.73 4.59 -2.57
C LYS A 60 -7.99 5.72 -1.86
N GLN A 61 -8.39 6.01 -0.63
CA GLN A 61 -7.76 7.06 0.15
C GLN A 61 -6.27 6.82 0.30
N VAL A 62 -5.91 5.69 0.90
CA VAL A 62 -4.50 5.34 1.10
C VAL A 62 -3.75 5.34 -0.23
N PHE A 63 -4.41 4.86 -1.28
CA PHE A 63 -3.80 4.80 -2.60
C PHE A 63 -3.48 6.20 -3.12
N ASP A 64 -4.35 7.15 -2.81
CA ASP A 64 -4.16 8.52 -3.24
C ASP A 64 -2.92 9.14 -2.59
N GLN A 65 -2.91 9.15 -1.26
CA GLN A 65 -1.79 9.70 -0.51
C GLN A 65 -0.47 9.06 -0.94
N TYR A 66 -0.52 7.77 -1.24
CA TYR A 66 0.67 7.04 -1.67
C TYR A 66 1.19 7.58 -3.00
N VAL A 67 0.28 7.85 -3.93
CA VAL A 67 0.64 8.37 -5.23
C VAL A 67 1.18 9.78 -5.13
N LYS A 68 0.50 10.62 -4.35
CA LYS A 68 0.91 12.01 -4.16
C LYS A 68 2.37 12.08 -3.71
N THR A 69 2.71 11.29 -2.70
CA THR A 69 4.07 11.27 -2.19
C THR A 69 5.04 10.68 -3.20
N ARG A 70 4.56 9.70 -3.97
CA ARG A 70 5.39 9.05 -4.98
C ARG A 70 5.74 10.02 -6.11
N ALA A 71 4.90 11.04 -6.28
CA ALA A 71 5.11 12.03 -7.32
C ALA A 71 6.02 13.15 -6.83
N GLU A 72 5.74 13.65 -5.63
CA GLU A 72 6.54 14.73 -5.05
C GLU A 72 8.00 14.31 -4.93
N GLU A 73 8.23 13.07 -4.51
CA GLU A 73 9.59 12.56 -4.34
C GLU A 73 10.48 13.01 -5.49
N GLU A 74 9.88 13.25 -6.65
CA GLU A 74 10.62 13.69 -7.83
C GLU A 74 10.84 15.20 -7.79
N ARG A 75 12.03 15.60 -7.34
CA ARG A 75 12.38 17.01 -7.27
C ARG A 75 13.74 17.28 -7.90
N ARG A 76 13.91 18.49 -8.44
CA ARG A 76 15.16 18.87 -9.08
C ARG A 76 16.26 19.07 -8.05
N SER A 77 17.26 18.21 -8.08
CA SER A 77 18.38 18.29 -7.14
C SER A 77 19.65 18.77 -7.84
N GLY A 78 19.89 20.08 -7.75
CA GLY A 78 21.07 20.66 -8.39
C GLY A 78 22.34 20.37 -7.61
N PRO A 79 22.60 21.19 -6.57
CA PRO A 79 23.80 21.04 -5.73
C PRO A 79 23.73 19.79 -4.86
N SER A 80 24.90 19.29 -4.47
CA SER A 80 24.99 18.10 -3.63
C SER A 80 23.99 18.18 -2.48
N SER A 81 22.99 17.29 -2.50
CA SER A 81 21.97 17.26 -1.46
C SER A 81 22.60 17.02 -0.09
N GLY A 82 22.17 17.81 0.90
CA GLY A 82 22.70 17.66 2.24
C GLY A 82 23.57 18.83 2.64
N GLY A 1 21.58 -13.09 11.55
CA GLY A 1 21.18 -13.83 12.73
C GLY A 1 19.67 -13.93 12.86
N SER A 2 19.10 -13.12 13.76
CA SER A 2 17.66 -13.13 13.98
C SER A 2 17.23 -11.86 14.71
N SER A 3 15.91 -11.70 14.87
CA SER A 3 15.37 -10.53 15.53
C SER A 3 14.36 -10.94 16.61
N GLY A 4 13.47 -11.85 16.25
CA GLY A 4 12.47 -12.31 17.19
C GLY A 4 11.18 -11.52 17.12
N SER A 5 10.05 -12.23 17.01
CA SER A 5 8.75 -11.58 16.92
C SER A 5 7.74 -12.27 17.83
N SER A 6 7.16 -11.48 18.74
CA SER A 6 6.17 -12.01 19.68
C SER A 6 5.22 -10.91 20.15
N GLY A 7 4.10 -11.32 20.75
CA GLY A 7 3.13 -10.36 21.24
C GLY A 7 1.81 -11.01 21.62
N ALA A 8 1.74 -11.53 22.84
CA ALA A 8 0.53 -12.18 23.31
C ALA A 8 -0.70 -11.30 23.09
N ARG A 9 -1.52 -11.66 22.11
CA ARG A 9 -2.72 -10.90 21.80
C ARG A 9 -3.96 -11.80 21.81
N GLU A 10 -4.62 -11.87 22.97
CA GLU A 10 -5.81 -12.69 23.11
C GLU A 10 -6.84 -12.36 22.03
N ARG A 11 -7.01 -11.08 21.76
CA ARG A 11 -7.96 -10.63 20.74
C ARG A 11 -7.35 -10.74 19.35
N ALA A 12 -8.22 -10.87 18.34
CA ALA A 12 -7.77 -10.98 16.97
C ALA A 12 -8.27 -9.81 16.12
N ILE A 13 -7.96 -8.60 16.57
CA ILE A 13 -8.38 -7.40 15.85
C ILE A 13 -7.18 -6.64 15.29
N VAL A 14 -6.87 -6.89 14.03
CA VAL A 14 -5.74 -6.24 13.37
C VAL A 14 -5.87 -4.72 13.45
N PRO A 15 -4.83 -4.06 13.98
CA PRO A 15 -4.80 -2.60 14.11
C PRO A 15 -4.69 -1.89 12.77
N LEU A 16 -5.05 -0.61 12.74
CA LEU A 16 -4.99 0.18 11.52
C LEU A 16 -3.58 0.16 10.92
N GLU A 17 -2.58 0.40 11.77
CA GLU A 17 -1.20 0.40 11.33
C GLU A 17 -0.84 -0.91 10.64
N ALA A 18 -1.39 -2.01 11.14
CA ALA A 18 -1.13 -3.32 10.56
C ALA A 18 -1.72 -3.43 9.16
N ARG A 19 -3.05 -3.47 9.08
CA ARG A 19 -3.73 -3.57 7.80
C ARG A 19 -3.19 -2.55 6.81
N MET A 20 -3.03 -1.32 7.27
CA MET A 20 -2.52 -0.25 6.42
C MET A 20 -1.12 -0.57 5.92
N LYS A 21 -0.27 -1.05 6.82
CA LYS A 21 1.10 -1.40 6.47
C LYS A 21 1.13 -2.40 5.31
N GLN A 22 0.26 -3.40 5.39
CA GLN A 22 0.18 -4.42 4.34
C GLN A 22 -0.16 -3.80 3.00
N PHE A 23 -1.35 -3.19 2.92
CA PHE A 23 -1.80 -2.55 1.69
C PHE A 23 -0.72 -1.65 1.11
N LYS A 24 -0.21 -0.73 1.94
CA LYS A 24 0.83 0.19 1.51
C LYS A 24 2.03 -0.56 0.94
N ASP A 25 2.45 -1.61 1.64
CA ASP A 25 3.58 -2.42 1.19
C ASP A 25 3.41 -2.86 -0.26
N MET A 26 2.20 -3.32 -0.59
CA MET A 26 1.91 -3.77 -1.94
C MET A 26 2.06 -2.62 -2.94
N LEU A 27 1.23 -1.60 -2.79
CA LEU A 27 1.27 -0.44 -3.68
C LEU A 27 2.71 -0.09 -4.05
N LEU A 28 3.59 -0.16 -3.06
CA LEU A 28 5.00 0.15 -3.29
C LEU A 28 5.70 -1.00 -4.02
N GLU A 29 5.63 -2.19 -3.45
CA GLU A 29 6.25 -3.37 -4.06
C GLU A 29 5.69 -3.62 -5.45
N ARG A 30 4.41 -3.96 -5.52
CA ARG A 30 3.76 -4.23 -6.79
C ARG A 30 4.24 -3.25 -7.87
N GLY A 31 4.66 -2.07 -7.44
CA GLY A 31 5.14 -1.07 -8.38
C GLY A 31 4.01 -0.22 -8.93
N VAL A 32 3.01 0.05 -8.10
CA VAL A 32 1.87 0.86 -8.51
C VAL A 32 2.32 2.26 -8.93
N SER A 33 2.45 2.48 -10.24
CA SER A 33 2.86 3.76 -10.76
C SER A 33 2.04 4.89 -10.15
N ALA A 34 2.65 6.08 -10.05
CA ALA A 34 1.96 7.24 -9.49
C ALA A 34 1.10 7.94 -10.54
N PHE A 35 1.50 7.79 -11.80
CA PHE A 35 0.76 8.42 -12.90
C PHE A 35 -0.12 7.39 -13.61
N SER A 36 -0.86 6.62 -12.84
CA SER A 36 -1.75 5.59 -13.40
C SER A 36 -3.18 5.80 -12.93
N THR A 37 -4.05 4.87 -13.30
CA THR A 37 -5.46 4.95 -12.91
C THR A 37 -5.80 3.91 -11.85
N TRP A 38 -6.75 4.26 -10.99
CA TRP A 38 -7.17 3.36 -9.92
C TRP A 38 -7.70 2.04 -10.49
N GLU A 39 -8.26 2.11 -11.70
CA GLU A 39 -8.80 0.92 -12.35
C GLU A 39 -7.70 -0.10 -12.64
N LYS A 40 -6.64 0.35 -13.31
CA LYS A 40 -5.53 -0.52 -13.64
C LYS A 40 -4.90 -1.11 -12.38
N GLU A 41 -4.43 -0.24 -11.50
CA GLU A 41 -3.80 -0.67 -10.26
C GLU A 41 -4.75 -1.59 -9.47
N LEU A 42 -6.04 -1.28 -9.51
CA LEU A 42 -7.03 -2.07 -8.81
C LEU A 42 -6.94 -3.54 -9.20
N HIS A 43 -7.19 -3.82 -10.48
CA HIS A 43 -7.14 -5.19 -10.98
C HIS A 43 -5.77 -5.81 -10.71
N LYS A 44 -4.74 -4.97 -10.67
CA LYS A 44 -3.37 -5.43 -10.42
C LYS A 44 -3.23 -5.94 -8.99
N ILE A 45 -3.98 -5.35 -8.07
CA ILE A 45 -3.93 -5.75 -6.67
C ILE A 45 -5.25 -6.38 -6.24
N VAL A 46 -6.11 -6.65 -7.20
CA VAL A 46 -7.41 -7.27 -6.92
C VAL A 46 -7.25 -8.72 -6.48
N PHE A 47 -6.14 -9.34 -6.89
CA PHE A 47 -5.87 -10.73 -6.55
C PHE A 47 -5.30 -10.83 -5.13
N ASP A 48 -4.27 -10.05 -4.85
CA ASP A 48 -3.64 -10.05 -3.53
C ASP A 48 -4.67 -10.30 -2.44
N PRO A 49 -4.30 -11.09 -1.43
CA PRO A 49 -5.18 -11.42 -0.31
C PRO A 49 -5.43 -10.22 0.60
N ARG A 50 -4.38 -9.42 0.81
CA ARG A 50 -4.49 -8.24 1.67
C ARG A 50 -5.44 -7.21 1.06
N TYR A 51 -5.59 -7.26 -0.26
CA TYR A 51 -6.46 -6.33 -0.96
C TYR A 51 -7.89 -6.42 -0.44
N LEU A 52 -8.16 -7.46 0.35
CA LEU A 52 -9.48 -7.66 0.92
C LEU A 52 -9.45 -7.50 2.44
N LEU A 53 -8.49 -6.74 2.93
CA LEU A 53 -8.35 -6.50 4.36
C LEU A 53 -8.72 -5.06 4.73
N LEU A 54 -8.52 -4.16 3.78
CA LEU A 54 -8.84 -2.75 3.99
C LEU A 54 -10.14 -2.36 3.29
N ASN A 55 -10.95 -1.56 3.97
CA ASN A 55 -12.23 -1.12 3.41
C ASN A 55 -12.06 -0.62 1.98
N PRO A 56 -13.18 -0.53 1.25
CA PRO A 56 -13.17 -0.05 -0.14
C PRO A 56 -12.87 1.44 -0.25
N LYS A 57 -13.34 2.20 0.73
CA LYS A 57 -13.12 3.64 0.74
C LYS A 57 -11.67 3.96 1.08
N GLU A 58 -11.13 3.25 2.07
CA GLU A 58 -9.75 3.46 2.49
C GLU A 58 -8.79 3.22 1.33
N ARG A 59 -8.92 2.06 0.69
CA ARG A 59 -8.07 1.71 -0.44
C ARG A 59 -7.76 2.93 -1.30
N LYS A 60 -8.81 3.64 -1.69
CA LYS A 60 -8.66 4.83 -2.52
C LYS A 60 -7.93 5.94 -1.76
N GLN A 61 -8.35 6.17 -0.52
CA GLN A 61 -7.74 7.20 0.31
C GLN A 61 -6.24 6.97 0.45
N VAL A 62 -5.88 5.82 1.02
CA VAL A 62 -4.48 5.47 1.22
C VAL A 62 -3.71 5.50 -0.10
N PHE A 63 -4.34 4.98 -1.16
CA PHE A 63 -3.72 4.95 -2.48
C PHE A 63 -3.41 6.37 -2.96
N ASP A 64 -4.35 7.29 -2.77
CA ASP A 64 -4.17 8.67 -3.19
C ASP A 64 -2.95 9.28 -2.52
N GLN A 65 -2.83 9.10 -1.20
CA GLN A 65 -1.71 9.64 -0.45
C GLN A 65 -0.39 9.05 -0.94
N TYR A 66 -0.38 7.73 -1.14
CA TYR A 66 0.82 7.05 -1.61
C TYR A 66 1.32 7.67 -2.92
N VAL A 67 0.40 7.90 -3.83
CA VAL A 67 0.75 8.49 -5.13
C VAL A 67 1.33 9.88 -4.97
N LYS A 68 0.61 10.73 -4.23
CA LYS A 68 1.07 12.10 -3.99
C LYS A 68 2.53 12.13 -3.60
N THR A 69 2.91 11.28 -2.65
CA THR A 69 4.28 11.21 -2.19
C THR A 69 5.22 10.72 -3.29
N ARG A 70 4.81 9.66 -3.98
CA ARG A 70 5.61 9.10 -5.06
C ARG A 70 5.85 10.13 -6.16
N ALA A 71 5.00 11.15 -6.19
CA ALA A 71 5.12 12.21 -7.18
C ALA A 71 6.07 13.31 -6.71
N GLU A 72 5.73 13.92 -5.59
CA GLU A 72 6.56 14.99 -5.03
C GLU A 72 8.04 14.58 -5.04
N GLU A 73 8.30 13.30 -4.81
CA GLU A 73 9.67 12.79 -4.78
C GLU A 73 10.12 12.40 -6.18
N GLU A 74 9.59 13.08 -7.19
CA GLU A 74 9.94 12.79 -8.57
C GLU A 74 11.45 12.82 -8.77
N ARG A 75 12.09 11.67 -8.56
CA ARG A 75 13.55 11.57 -8.71
C ARG A 75 13.91 10.98 -10.07
N ARG A 76 15.16 11.17 -10.48
CA ARG A 76 15.63 10.66 -11.76
C ARG A 76 16.70 9.60 -11.56
N SER A 77 17.69 9.92 -10.73
CA SER A 77 18.78 8.98 -10.45
C SER A 77 18.78 8.57 -8.98
N GLY A 78 19.22 7.34 -8.71
CA GLY A 78 19.27 6.85 -7.35
C GLY A 78 18.20 5.82 -7.07
N PRO A 79 18.52 4.84 -6.22
CA PRO A 79 17.59 3.77 -5.84
C PRO A 79 16.44 4.27 -4.99
N SER A 80 15.27 3.69 -5.19
CA SER A 80 14.08 4.08 -4.45
C SER A 80 13.77 3.07 -3.35
N SER A 81 13.85 1.78 -3.69
CA SER A 81 13.57 0.72 -2.73
C SER A 81 14.80 0.43 -1.87
N GLY A 82 15.00 1.25 -0.84
CA GLY A 82 16.14 1.07 0.04
C GLY A 82 15.79 1.34 1.49
N GLY A 1 12.43 -26.52 30.58
CA GLY A 1 12.41 -26.07 29.20
C GLY A 1 11.20 -26.56 28.44
N SER A 2 10.18 -25.72 28.34
CA SER A 2 8.96 -26.08 27.64
C SER A 2 9.22 -26.27 26.15
N SER A 3 8.41 -27.11 25.52
CA SER A 3 8.55 -27.38 24.09
C SER A 3 7.51 -26.63 23.28
N GLY A 4 7.81 -25.38 22.94
CA GLY A 4 6.88 -24.58 22.17
C GLY A 4 5.66 -24.16 22.97
N SER A 5 4.51 -24.10 22.31
CA SER A 5 3.28 -23.70 22.97
C SER A 5 3.53 -22.59 23.98
N SER A 6 4.21 -21.54 23.53
CA SER A 6 4.53 -20.41 24.39
C SER A 6 3.93 -19.12 23.83
N GLY A 7 2.85 -18.65 24.44
CA GLY A 7 2.20 -17.43 23.99
C GLY A 7 1.00 -17.71 23.10
N ALA A 8 -0.05 -18.27 23.70
CA ALA A 8 -1.27 -18.59 22.95
C ALA A 8 -2.31 -17.48 23.11
N ARG A 9 -2.45 -16.66 22.07
CA ARG A 9 -3.41 -15.56 22.09
C ARG A 9 -4.18 -15.49 20.78
N GLU A 10 -5.48 -15.79 20.85
CA GLU A 10 -6.33 -15.76 19.66
C GLU A 10 -6.86 -14.35 19.40
N ARG A 11 -5.98 -13.35 19.57
CA ARG A 11 -6.36 -11.96 19.37
C ARG A 11 -6.52 -11.66 17.88
N ALA A 12 -7.74 -11.81 17.38
CA ALA A 12 -8.03 -11.56 15.97
C ALA A 12 -8.33 -10.08 15.73
N ILE A 13 -7.62 -9.21 16.44
CA ILE A 13 -7.81 -7.77 16.32
C ILE A 13 -6.60 -7.12 15.68
N VAL A 14 -6.71 -6.78 14.40
CA VAL A 14 -5.63 -6.14 13.68
C VAL A 14 -5.78 -4.62 13.67
N PRO A 15 -4.76 -3.92 14.17
CA PRO A 15 -4.76 -2.46 14.23
C PRO A 15 -4.66 -1.81 12.85
N LEU A 16 -5.06 -0.55 12.76
CA LEU A 16 -5.02 0.19 11.50
C LEU A 16 -3.60 0.21 10.94
N GLU A 17 -2.64 0.53 11.80
CA GLU A 17 -1.24 0.60 11.38
C GLU A 17 -0.80 -0.72 10.76
N ALA A 18 -1.37 -1.82 11.24
CA ALA A 18 -1.04 -3.14 10.73
C ALA A 18 -1.58 -3.34 9.32
N ARG A 19 -2.91 -3.38 9.20
CA ARG A 19 -3.55 -3.56 7.91
C ARG A 19 -3.03 -2.57 6.88
N MET A 20 -2.98 -1.29 7.28
CA MET A 20 -2.50 -0.24 6.40
C MET A 20 -1.07 -0.53 5.94
N LYS A 21 -0.21 -0.86 6.89
CA LYS A 21 1.19 -1.17 6.58
C LYS A 21 1.29 -2.20 5.47
N GLN A 22 0.48 -3.24 5.56
CA GLN A 22 0.48 -4.30 4.56
C GLN A 22 0.15 -3.75 3.17
N PHE A 23 -1.04 -3.15 3.05
CA PHE A 23 -1.47 -2.58 1.78
C PHE A 23 -0.37 -1.71 1.17
N LYS A 24 0.03 -0.68 1.91
CA LYS A 24 1.07 0.23 1.45
C LYS A 24 2.27 -0.54 0.89
N ASP A 25 2.75 -1.50 1.67
CA ASP A 25 3.90 -2.32 1.25
C ASP A 25 3.68 -2.85 -0.17
N MET A 26 2.51 -3.41 -0.41
CA MET A 26 2.18 -3.97 -1.72
C MET A 26 2.34 -2.91 -2.82
N LEU A 27 1.56 -1.85 -2.72
CA LEU A 27 1.61 -0.77 -3.71
C LEU A 27 3.06 -0.45 -4.07
N LEU A 28 3.94 -0.48 -3.09
CA LEU A 28 5.35 -0.21 -3.31
C LEU A 28 6.03 -1.35 -4.06
N GLU A 29 5.78 -2.57 -3.60
CA GLU A 29 6.37 -3.75 -4.23
C GLU A 29 5.71 -4.02 -5.59
N ARG A 30 4.43 -4.37 -5.57
CA ARG A 30 3.69 -4.65 -6.80
C ARG A 30 4.15 -3.73 -7.93
N GLY A 31 4.41 -2.47 -7.60
CA GLY A 31 4.84 -1.51 -8.59
C GLY A 31 3.72 -0.62 -9.08
N VAL A 32 2.74 -0.38 -8.21
CA VAL A 32 1.60 0.45 -8.56
C VAL A 32 2.04 1.86 -8.94
N SER A 33 2.35 2.04 -10.22
CA SER A 33 2.80 3.34 -10.72
C SER A 33 2.05 4.47 -10.04
N ALA A 34 2.67 5.65 -10.01
CA ALA A 34 2.06 6.81 -9.38
C ALA A 34 1.45 7.74 -10.43
N PHE A 35 1.65 7.40 -11.69
CA PHE A 35 1.11 8.20 -12.79
C PHE A 35 0.10 7.40 -13.61
N SER A 36 -0.67 6.56 -12.93
CA SER A 36 -1.67 5.73 -13.59
C SER A 36 -3.05 5.95 -12.97
N THR A 37 -4.03 5.19 -13.46
CA THR A 37 -5.40 5.30 -12.96
C THR A 37 -5.66 4.28 -11.86
N TRP A 38 -6.60 4.59 -10.97
CA TRP A 38 -6.95 3.69 -9.88
C TRP A 38 -7.52 2.38 -10.40
N GLU A 39 -8.17 2.45 -11.55
CA GLU A 39 -8.77 1.27 -12.17
C GLU A 39 -7.70 0.23 -12.48
N LYS A 40 -6.70 0.62 -13.27
CA LYS A 40 -5.62 -0.28 -13.64
C LYS A 40 -4.94 -0.85 -12.40
N GLU A 41 -4.40 0.04 -11.57
CA GLU A 41 -3.72 -0.38 -10.35
C GLU A 41 -4.63 -1.25 -9.48
N LEU A 42 -5.88 -0.84 -9.36
CA LEU A 42 -6.86 -1.57 -8.56
C LEU A 42 -6.81 -3.06 -8.90
N HIS A 43 -7.11 -3.40 -10.15
CA HIS A 43 -7.11 -4.78 -10.59
C HIS A 43 -5.74 -5.42 -10.33
N LYS A 44 -4.68 -4.64 -10.48
CA LYS A 44 -3.34 -5.13 -10.27
C LYS A 44 -3.13 -5.57 -8.82
N ILE A 45 -3.92 -4.99 -7.92
CA ILE A 45 -3.83 -5.31 -6.50
C ILE A 45 -5.16 -5.83 -5.97
N VAL A 46 -6.08 -6.14 -6.89
CA VAL A 46 -7.39 -6.65 -6.52
C VAL A 46 -7.32 -8.15 -6.21
N PHE A 47 -6.47 -8.86 -6.92
CA PHE A 47 -6.32 -10.29 -6.73
C PHE A 47 -5.70 -10.59 -5.35
N ASP A 48 -4.69 -9.81 -4.99
CA ASP A 48 -4.01 -9.99 -3.71
C ASP A 48 -5.03 -10.14 -2.59
N PRO A 49 -4.74 -11.05 -1.64
CA PRO A 49 -5.61 -11.31 -0.50
C PRO A 49 -5.62 -10.14 0.50
N ARG A 50 -4.45 -9.59 0.75
CA ARG A 50 -4.32 -8.47 1.68
C ARG A 50 -5.22 -7.30 1.26
N TYR A 51 -5.55 -7.26 -0.02
CA TYR A 51 -6.39 -6.21 -0.55
C TYR A 51 -7.80 -6.29 0.03
N LEU A 52 -8.22 -7.50 0.35
CA LEU A 52 -9.56 -7.71 0.91
C LEU A 52 -9.58 -7.36 2.40
N LEU A 53 -8.41 -7.06 2.95
CA LEU A 53 -8.30 -6.71 4.36
C LEU A 53 -8.81 -5.29 4.60
N LEU A 54 -8.30 -4.34 3.84
CA LEU A 54 -8.71 -2.94 3.97
C LEU A 54 -10.06 -2.70 3.30
N ASN A 55 -10.76 -1.66 3.73
CA ASN A 55 -12.06 -1.33 3.16
C ASN A 55 -11.92 -0.84 1.73
N PRO A 56 -13.04 -0.80 0.99
CA PRO A 56 -13.06 -0.36 -0.40
C PRO A 56 -12.84 1.15 -0.53
N LYS A 57 -13.34 1.90 0.44
CA LYS A 57 -13.20 3.35 0.43
C LYS A 57 -11.76 3.75 0.77
N GLU A 58 -11.21 3.12 1.80
CA GLU A 58 -9.84 3.41 2.23
C GLU A 58 -8.85 3.12 1.11
N ARG A 59 -8.91 1.90 0.58
CA ARG A 59 -8.02 1.50 -0.50
C ARG A 59 -7.71 2.66 -1.42
N LYS A 60 -8.75 3.39 -1.81
CA LYS A 60 -8.59 4.54 -2.70
C LYS A 60 -7.94 5.71 -1.96
N GLN A 61 -8.42 5.99 -0.76
CA GLN A 61 -7.89 7.08 0.04
C GLN A 61 -6.39 6.90 0.26
N VAL A 62 -6.00 5.76 0.81
CA VAL A 62 -4.60 5.47 1.06
C VAL A 62 -3.77 5.58 -0.21
N PHE A 63 -4.25 4.94 -1.28
CA PHE A 63 -3.55 4.96 -2.56
C PHE A 63 -3.31 6.40 -3.02
N ASP A 64 -4.33 7.23 -2.91
CA ASP A 64 -4.24 8.63 -3.31
C ASP A 64 -3.08 9.32 -2.59
N GLN A 65 -3.01 9.14 -1.29
CA GLN A 65 -1.96 9.74 -0.48
C GLN A 65 -0.60 9.19 -0.87
N TYR A 66 -0.53 7.88 -1.11
CA TYR A 66 0.72 7.24 -1.48
C TYR A 66 1.21 7.76 -2.83
N VAL A 67 0.31 7.84 -3.80
CA VAL A 67 0.66 8.33 -5.13
C VAL A 67 1.11 9.78 -5.08
N LYS A 68 0.33 10.62 -4.41
CA LYS A 68 0.65 12.04 -4.29
C LYS A 68 2.08 12.23 -3.77
N THR A 69 2.44 11.47 -2.75
CA THR A 69 3.78 11.56 -2.17
C THR A 69 4.82 10.96 -3.10
N ARG A 70 4.48 9.84 -3.72
CA ARG A 70 5.39 9.16 -4.64
C ARG A 70 5.77 10.07 -5.81
N ALA A 71 4.83 10.93 -6.20
CA ALA A 71 5.08 11.85 -7.31
C ALA A 71 5.83 13.09 -6.82
N GLU A 72 5.29 13.76 -5.81
CA GLU A 72 5.92 14.95 -5.25
C GLU A 72 7.35 14.66 -4.81
N GLU A 73 7.65 13.37 -4.61
CA GLU A 73 8.98 12.96 -4.19
C GLU A 73 9.78 12.40 -5.35
N GLU A 74 9.48 12.87 -6.56
CA GLU A 74 10.15 12.41 -7.76
C GLU A 74 11.66 12.71 -7.68
N ARG A 75 12.39 11.85 -6.98
CA ARG A 75 13.82 12.03 -6.83
C ARG A 75 14.58 11.29 -7.92
N ARG A 76 15.62 11.92 -8.45
CA ARG A 76 16.43 11.32 -9.51
C ARG A 76 17.64 10.62 -8.93
N SER A 77 18.00 9.47 -9.51
CA SER A 77 19.14 8.70 -9.05
C SER A 77 20.44 9.30 -9.56
N GLY A 78 21.53 9.02 -8.85
CA GLY A 78 22.83 9.54 -9.24
C GLY A 78 23.91 8.47 -9.22
N PRO A 79 24.53 8.27 -8.04
CA PRO A 79 25.59 7.29 -7.86
C PRO A 79 25.07 5.85 -7.94
N SER A 80 23.93 5.61 -7.31
CA SER A 80 23.33 4.28 -7.31
C SER A 80 22.67 3.98 -8.65
N SER A 81 22.51 2.70 -8.95
CA SER A 81 21.89 2.28 -10.21
C SER A 81 20.75 1.31 -9.95
N GLY A 82 19.62 1.54 -10.64
CA GLY A 82 18.46 0.67 -10.47
C GLY A 82 17.80 0.32 -11.79
N GLY A 1 6.45 5.64 17.37
CA GLY A 1 5.07 5.46 17.80
C GLY A 1 4.49 4.15 17.32
N SER A 2 5.17 3.05 17.65
CA SER A 2 4.70 1.73 17.25
C SER A 2 3.78 1.13 18.30
N SER A 3 2.68 0.54 17.85
CA SER A 3 1.71 -0.07 18.76
C SER A 3 1.81 -1.59 18.71
N GLY A 4 2.13 -2.19 19.86
CA GLY A 4 2.26 -3.63 19.94
C GLY A 4 2.02 -4.16 21.33
N SER A 5 1.67 -5.44 21.43
CA SER A 5 1.40 -6.06 22.71
C SER A 5 1.54 -7.58 22.63
N SER A 6 2.13 -8.17 23.65
CA SER A 6 2.33 -9.62 23.68
C SER A 6 1.05 -10.34 24.08
N GLY A 7 0.39 -10.96 23.10
CA GLY A 7 -0.84 -11.67 23.35
C GLY A 7 -2.05 -10.96 22.78
N ALA A 8 -2.78 -11.66 21.92
CA ALA A 8 -3.97 -11.10 21.29
C ALA A 8 -5.24 -11.73 21.83
N ARG A 9 -6.06 -10.94 22.50
CA ARG A 9 -7.31 -11.43 23.08
C ARG A 9 -8.05 -12.32 22.08
N GLU A 10 -8.07 -11.90 20.83
CA GLU A 10 -8.75 -12.65 19.78
C GLU A 10 -7.84 -12.82 18.56
N ARG A 11 -8.32 -13.58 17.57
CA ARG A 11 -7.55 -13.81 16.36
C ARG A 11 -8.16 -13.05 15.18
N ALA A 12 -9.42 -12.64 15.32
CA ALA A 12 -10.11 -11.90 14.28
C ALA A 12 -10.05 -10.40 14.55
N ILE A 13 -8.93 -9.94 15.09
CA ILE A 13 -8.76 -8.53 15.40
C ILE A 13 -7.43 -8.01 14.84
N VAL A 14 -7.52 -7.12 13.86
CA VAL A 14 -6.33 -6.54 13.24
C VAL A 14 -6.32 -5.03 13.39
N PRO A 15 -5.20 -4.50 13.93
CA PRO A 15 -5.04 -3.05 14.15
C PRO A 15 -4.88 -2.29 12.84
N LEU A 16 -5.15 -0.99 12.88
CA LEU A 16 -5.03 -0.15 11.70
C LEU A 16 -3.61 -0.17 11.15
N GLU A 17 -2.63 0.04 12.03
CA GLU A 17 -1.23 0.04 11.63
C GLU A 17 -0.89 -1.24 10.86
N ALA A 18 -1.48 -2.35 11.29
CA ALA A 18 -1.23 -3.63 10.65
C ALA A 18 -1.82 -3.67 9.24
N ARG A 19 -3.15 -3.68 9.16
CA ARG A 19 -3.84 -3.72 7.88
C ARG A 19 -3.25 -2.68 6.92
N MET A 20 -3.19 -1.44 7.38
CA MET A 20 -2.66 -0.36 6.55
C MET A 20 -1.27 -0.70 6.04
N LYS A 21 -0.43 -1.24 6.91
CA LYS A 21 0.93 -1.62 6.54
C LYS A 21 0.92 -2.66 5.43
N GLN A 22 -0.10 -3.51 5.43
CA GLN A 22 -0.24 -4.56 4.42
C GLN A 22 -0.49 -3.96 3.05
N PHE A 23 -1.58 -3.21 2.93
CA PHE A 23 -1.95 -2.58 1.66
C PHE A 23 -0.80 -1.71 1.13
N LYS A 24 -0.34 -0.77 1.97
CA LYS A 24 0.74 0.12 1.59
C LYS A 24 1.97 -0.69 1.15
N ASP A 25 2.30 -1.72 1.92
CA ASP A 25 3.44 -2.56 1.62
C ASP A 25 3.40 -3.06 0.18
N MET A 26 2.26 -3.66 -0.20
CA MET A 26 2.09 -4.17 -1.55
C MET A 26 2.03 -3.04 -2.56
N LEU A 27 1.37 -1.95 -2.19
CA LEU A 27 1.24 -0.79 -3.07
C LEU A 27 2.59 -0.41 -3.67
N LEU A 28 3.61 -0.35 -2.83
CA LEU A 28 4.96 -0.01 -3.27
C LEU A 28 5.64 -1.21 -3.92
N GLU A 29 5.58 -2.35 -3.24
CA GLU A 29 6.20 -3.57 -3.75
C GLU A 29 5.68 -3.91 -5.14
N ARG A 30 4.39 -4.23 -5.22
CA ARG A 30 3.77 -4.57 -6.49
C ARG A 30 4.22 -3.63 -7.60
N GLY A 31 4.66 -2.43 -7.20
CA GLY A 31 5.12 -1.46 -8.17
C GLY A 31 3.98 -0.60 -8.70
N VAL A 32 3.12 -0.14 -7.80
CA VAL A 32 1.99 0.69 -8.19
C VAL A 32 2.45 2.09 -8.60
N SER A 33 2.52 2.33 -9.90
CA SER A 33 2.95 3.61 -10.42
C SER A 33 2.01 4.73 -9.96
N ALA A 34 2.53 5.95 -9.91
CA ALA A 34 1.74 7.11 -9.49
C ALA A 34 1.00 7.72 -10.67
N PHE A 35 1.71 7.94 -11.77
CA PHE A 35 1.11 8.52 -12.97
C PHE A 35 -0.04 7.67 -13.47
N SER A 36 0.02 6.37 -13.18
CA SER A 36 -1.03 5.45 -13.60
C SER A 36 -2.35 5.77 -12.92
N THR A 37 -3.43 5.17 -13.41
CA THR A 37 -4.76 5.39 -12.84
C THR A 37 -5.09 4.34 -11.77
N TRP A 38 -6.09 4.63 -10.96
CA TRP A 38 -6.49 3.72 -9.90
C TRP A 38 -7.09 2.44 -10.48
N GLU A 39 -7.73 2.57 -11.64
CA GLU A 39 -8.35 1.42 -12.30
C GLU A 39 -7.31 0.33 -12.59
N LYS A 40 -6.27 0.71 -13.33
CA LYS A 40 -5.20 -0.22 -13.68
C LYS A 40 -4.58 -0.83 -12.43
N GLU A 41 -4.05 0.02 -11.55
CA GLU A 41 -3.42 -0.45 -10.32
C GLU A 41 -4.39 -1.33 -9.53
N LEU A 42 -5.65 -0.94 -9.50
CA LEU A 42 -6.67 -1.70 -8.77
C LEU A 42 -6.65 -3.16 -9.19
N HIS A 43 -6.87 -3.41 -10.47
CA HIS A 43 -6.88 -4.76 -11.00
C HIS A 43 -5.58 -5.49 -10.68
N LYS A 44 -4.48 -4.73 -10.66
CA LYS A 44 -3.17 -5.29 -10.38
C LYS A 44 -3.11 -5.81 -8.94
N ILE A 45 -3.84 -5.16 -8.04
CA ILE A 45 -3.86 -5.56 -6.65
C ILE A 45 -5.24 -6.11 -6.25
N VAL A 46 -6.08 -6.35 -7.25
CA VAL A 46 -7.42 -6.87 -7.02
C VAL A 46 -7.38 -8.36 -6.71
N PHE A 47 -6.42 -9.06 -7.32
CA PHE A 47 -6.27 -10.49 -7.11
C PHE A 47 -5.66 -10.78 -5.74
N ASP A 48 -4.85 -9.85 -5.26
CA ASP A 48 -4.20 -10.01 -3.97
C ASP A 48 -5.23 -10.07 -2.83
N PRO A 49 -4.98 -10.96 -1.86
CA PRO A 49 -5.87 -11.14 -0.72
C PRO A 49 -5.84 -9.95 0.23
N ARG A 50 -4.66 -9.40 0.46
CA ARG A 50 -4.51 -8.25 1.35
C ARG A 50 -5.36 -7.08 0.87
N TYR A 51 -5.69 -7.08 -0.42
CA TYR A 51 -6.51 -6.02 -1.00
C TYR A 51 -7.92 -6.03 -0.43
N LEU A 52 -8.20 -7.02 0.42
CA LEU A 52 -9.52 -7.15 1.03
C LEU A 52 -9.45 -6.87 2.53
N LEU A 53 -8.23 -6.85 3.07
CA LEU A 53 -8.02 -6.60 4.49
C LEU A 53 -8.51 -5.20 4.87
N LEU A 54 -8.14 -4.21 4.06
CA LEU A 54 -8.55 -2.83 4.31
C LEU A 54 -9.82 -2.50 3.55
N ASN A 55 -10.70 -1.74 4.19
CA ASN A 55 -11.96 -1.34 3.58
C ASN A 55 -11.74 -0.78 2.18
N PRO A 56 -12.81 -0.72 1.39
CA PRO A 56 -12.75 -0.21 0.01
C PRO A 56 -12.51 1.30 -0.04
N LYS A 57 -13.02 2.01 0.96
CA LYS A 57 -12.85 3.46 1.05
C LYS A 57 -11.42 3.82 1.40
N GLU A 58 -10.88 3.15 2.41
CA GLU A 58 -9.51 3.41 2.86
C GLU A 58 -8.51 3.12 1.73
N ARG A 59 -8.64 1.95 1.12
CA ARG A 59 -7.75 1.56 0.03
C ARG A 59 -7.51 2.72 -0.93
N LYS A 60 -8.58 3.44 -1.26
CA LYS A 60 -8.49 4.57 -2.16
C LYS A 60 -7.78 5.75 -1.49
N GLN A 61 -8.12 6.00 -0.23
CA GLN A 61 -7.53 7.09 0.52
C GLN A 61 -6.01 6.89 0.64
N VAL A 62 -5.61 5.77 1.20
CA VAL A 62 -4.19 5.46 1.37
C VAL A 62 -3.45 5.50 0.04
N PHE A 63 -4.07 4.92 -1.00
CA PHE A 63 -3.47 4.90 -2.32
C PHE A 63 -3.28 6.30 -2.86
N ASP A 64 -4.30 7.15 -2.68
CA ASP A 64 -4.24 8.52 -3.15
C ASP A 64 -3.01 9.25 -2.59
N GLN A 65 -2.81 9.13 -1.28
CA GLN A 65 -1.68 9.77 -0.62
C GLN A 65 -0.36 9.20 -1.14
N TYR A 66 -0.34 7.89 -1.37
CA TYR A 66 0.86 7.23 -1.86
C TYR A 66 1.21 7.69 -3.27
N VAL A 67 0.18 7.90 -4.09
CA VAL A 67 0.37 8.35 -5.46
C VAL A 67 0.80 9.81 -5.51
N LYS A 68 0.00 10.67 -4.86
CA LYS A 68 0.30 12.09 -4.83
C LYS A 68 1.75 12.34 -4.43
N THR A 69 2.16 11.74 -3.32
CA THR A 69 3.53 11.90 -2.83
C THR A 69 4.52 11.27 -3.79
N ARG A 70 4.15 10.15 -4.39
CA ARG A 70 5.01 9.46 -5.32
C ARG A 70 5.25 10.29 -6.58
N ALA A 71 4.23 11.05 -6.98
CA ALA A 71 4.33 11.89 -8.16
C ALA A 71 5.15 13.14 -7.88
N GLU A 72 4.78 13.85 -6.82
CA GLU A 72 5.50 15.07 -6.43
C GLU A 72 6.99 14.81 -6.28
N GLU A 73 7.32 13.68 -5.65
CA GLU A 73 8.71 13.32 -5.44
C GLU A 73 9.29 12.60 -6.66
N GLU A 74 8.69 12.87 -7.82
CA GLU A 74 9.13 12.25 -9.06
C GLU A 74 10.66 12.07 -9.06
N ARG A 75 11.10 10.86 -9.37
CA ARG A 75 12.52 10.55 -9.41
C ARG A 75 12.96 10.14 -10.81
N ARG A 76 13.82 10.95 -11.42
CA ARG A 76 14.32 10.67 -12.76
C ARG A 76 15.28 9.48 -12.75
N SER A 77 14.78 8.31 -13.18
CA SER A 77 15.60 7.10 -13.21
C SER A 77 15.96 6.66 -11.80
N GLY A 78 15.00 6.74 -10.89
CA GLY A 78 15.24 6.34 -9.52
C GLY A 78 15.36 4.84 -9.37
N PRO A 79 15.15 4.34 -8.13
CA PRO A 79 15.24 2.91 -7.83
C PRO A 79 14.09 2.12 -8.46
N SER A 80 14.29 0.81 -8.58
CA SER A 80 13.28 -0.07 -9.16
C SER A 80 12.69 -1.00 -8.10
N SER A 81 13.55 -1.57 -7.28
CA SER A 81 13.13 -2.49 -6.23
C SER A 81 13.05 -1.77 -4.88
N GLY A 82 12.19 -2.27 -4.00
CA GLY A 82 12.03 -1.67 -2.69
C GLY A 82 12.56 -2.55 -1.58
N GLY A 1 16.59 -21.03 -0.67
CA GLY A 1 16.43 -22.33 -1.29
C GLY A 1 15.19 -23.06 -0.80
N SER A 2 15.21 -23.49 0.46
CA SER A 2 14.08 -24.20 1.05
C SER A 2 13.39 -23.35 2.10
N SER A 3 12.23 -22.80 1.75
CA SER A 3 11.47 -21.97 2.67
C SER A 3 10.68 -22.81 3.65
N GLY A 4 10.47 -22.28 4.85
CA GLY A 4 9.73 -23.01 5.87
C GLY A 4 8.84 -22.10 6.69
N SER A 5 7.86 -21.48 6.04
CA SER A 5 6.94 -20.57 6.73
C SER A 5 5.60 -21.25 6.96
N SER A 6 5.24 -21.42 8.23
CA SER A 6 3.97 -22.05 8.59
C SER A 6 2.80 -21.10 8.33
N GLY A 7 1.68 -21.66 7.89
CA GLY A 7 0.51 -20.86 7.62
C GLY A 7 -0.09 -20.26 8.86
N ALA A 8 -1.42 -20.31 8.97
CA ALA A 8 -2.11 -19.76 10.12
C ALA A 8 -3.22 -20.70 10.59
N ARG A 9 -3.73 -20.46 11.80
CA ARG A 9 -4.79 -21.28 12.36
C ARG A 9 -6.04 -20.45 12.63
N GLU A 10 -5.88 -19.38 13.40
CA GLU A 10 -6.98 -18.51 13.74
C GLU A 10 -6.74 -17.09 13.22
N ARG A 11 -7.83 -16.38 12.92
CA ARG A 11 -7.73 -15.01 12.42
C ARG A 11 -8.26 -14.02 13.43
N ALA A 12 -7.48 -12.98 13.71
CA ALA A 12 -7.89 -11.95 14.66
C ALA A 12 -8.05 -10.60 13.98
N ILE A 13 -8.44 -9.59 14.76
CA ILE A 13 -8.63 -8.25 14.22
C ILE A 13 -7.35 -7.43 14.32
N VAL A 14 -6.58 -7.43 13.24
CA VAL A 14 -5.33 -6.68 13.20
C VAL A 14 -5.57 -5.19 13.39
N PRO A 15 -4.57 -4.49 13.94
CA PRO A 15 -4.65 -3.04 14.18
C PRO A 15 -4.63 -2.24 12.88
N LEU A 16 -5.29 -1.09 12.89
CA LEU A 16 -5.35 -0.23 11.71
C LEU A 16 -3.98 -0.10 11.07
N GLU A 17 -2.94 -0.05 11.91
CA GLU A 17 -1.57 0.07 11.42
C GLU A 17 -1.12 -1.23 10.75
N ALA A 18 -1.62 -2.35 11.23
CA ALA A 18 -1.28 -3.65 10.68
C ALA A 18 -1.79 -3.80 9.25
N ARG A 19 -3.09 -3.61 9.08
CA ARG A 19 -3.70 -3.72 7.76
C ARG A 19 -3.10 -2.72 6.79
N MET A 20 -3.14 -1.45 7.16
CA MET A 20 -2.59 -0.38 6.33
C MET A 20 -1.18 -0.71 5.89
N LYS A 21 -0.35 -1.13 6.84
CA LYS A 21 1.04 -1.48 6.55
C LYS A 21 1.12 -2.52 5.43
N GLN A 22 0.28 -3.54 5.53
CA GLN A 22 0.26 -4.60 4.53
C GLN A 22 -0.06 -4.04 3.16
N PHE A 23 -1.14 -3.26 3.07
CA PHE A 23 -1.57 -2.66 1.82
C PHE A 23 -0.44 -1.81 1.21
N LYS A 24 -0.01 -0.81 1.97
CA LYS A 24 1.05 0.09 1.52
C LYS A 24 2.26 -0.71 1.04
N ASP A 25 2.55 -1.81 1.73
CA ASP A 25 3.69 -2.65 1.38
C ASP A 25 3.55 -3.17 -0.06
N MET A 26 2.40 -3.76 -0.36
CA MET A 26 2.16 -4.28 -1.70
C MET A 26 2.05 -3.16 -2.72
N LEU A 27 1.49 -2.04 -2.30
CA LEU A 27 1.34 -0.89 -3.18
C LEU A 27 2.66 -0.51 -3.82
N LEU A 28 3.69 -0.33 -3.00
CA LEU A 28 5.01 0.03 -3.49
C LEU A 28 5.74 -1.19 -4.05
N GLU A 29 5.64 -2.30 -3.35
CA GLU A 29 6.28 -3.55 -3.78
C GLU A 29 5.84 -3.91 -5.20
N ARG A 30 4.56 -4.23 -5.36
CA ARG A 30 4.02 -4.60 -6.65
C ARG A 30 4.49 -3.64 -7.74
N GLY A 31 4.82 -2.41 -7.34
CA GLY A 31 5.28 -1.41 -8.28
C GLY A 31 4.15 -0.56 -8.83
N VAL A 32 3.18 -0.23 -7.97
CA VAL A 32 2.04 0.58 -8.39
C VAL A 32 2.49 1.95 -8.88
N SER A 33 2.32 2.19 -10.18
CA SER A 33 2.70 3.46 -10.78
C SER A 33 1.79 4.59 -10.31
N ALA A 34 2.39 5.66 -9.80
CA ALA A 34 1.62 6.80 -9.33
C ALA A 34 0.93 7.52 -10.48
N PHE A 35 1.71 7.89 -11.49
CA PHE A 35 1.18 8.59 -12.65
C PHE A 35 -0.03 7.85 -13.23
N SER A 36 0.00 6.53 -13.11
CA SER A 36 -1.08 5.69 -13.64
C SER A 36 -2.40 6.02 -12.93
N THR A 37 -3.45 5.29 -13.30
CA THR A 37 -4.76 5.50 -12.70
C THR A 37 -5.09 4.42 -11.68
N TRP A 38 -6.13 4.65 -10.90
CA TRP A 38 -6.54 3.69 -9.87
C TRP A 38 -7.05 2.41 -10.50
N GLU A 39 -7.53 2.51 -11.75
CA GLU A 39 -8.05 1.35 -12.45
C GLU A 39 -6.96 0.32 -12.70
N LYS A 40 -5.94 0.71 -13.47
CA LYS A 40 -4.83 -0.18 -13.77
C LYS A 40 -4.28 -0.81 -12.51
N GLU A 41 -3.82 0.03 -11.58
CA GLU A 41 -3.26 -0.45 -10.32
C GLU A 41 -4.26 -1.33 -9.58
N LEU A 42 -5.51 -0.88 -9.53
CA LEU A 42 -6.57 -1.63 -8.85
C LEU A 42 -6.55 -3.10 -9.28
N HIS A 43 -6.53 -3.33 -10.58
CA HIS A 43 -6.52 -4.69 -11.12
C HIS A 43 -5.21 -5.39 -10.76
N LYS A 44 -4.13 -4.63 -10.71
CA LYS A 44 -2.82 -5.18 -10.39
C LYS A 44 -2.79 -5.69 -8.95
N ILE A 45 -3.67 -5.15 -8.11
CA ILE A 45 -3.75 -5.55 -6.71
C ILE A 45 -5.11 -6.17 -6.39
N VAL A 46 -5.94 -6.30 -7.41
CA VAL A 46 -7.27 -6.88 -7.24
C VAL A 46 -7.18 -8.36 -6.90
N PHE A 47 -6.17 -9.03 -7.45
CA PHE A 47 -5.97 -10.46 -7.21
C PHE A 47 -5.20 -10.69 -5.92
N ASP A 48 -4.95 -9.61 -5.18
CA ASP A 48 -4.22 -9.69 -3.93
C ASP A 48 -5.19 -9.84 -2.75
N PRO A 49 -4.79 -10.65 -1.75
CA PRO A 49 -5.60 -10.88 -0.56
C PRO A 49 -5.68 -9.66 0.34
N ARG A 50 -4.55 -9.04 0.61
CA ARG A 50 -4.49 -7.86 1.46
C ARG A 50 -5.45 -6.79 0.97
N TYR A 51 -5.76 -6.83 -0.33
CA TYR A 51 -6.67 -5.87 -0.93
C TYR A 51 -8.08 -6.03 -0.38
N LEU A 52 -8.27 -7.04 0.45
CA LEU A 52 -9.57 -7.31 1.06
C LEU A 52 -9.49 -7.20 2.58
N LEU A 53 -8.37 -6.69 3.08
CA LEU A 53 -8.19 -6.53 4.51
C LEU A 53 -8.59 -5.13 4.97
N LEU A 54 -8.41 -4.15 4.09
CA LEU A 54 -8.76 -2.77 4.40
C LEU A 54 -10.07 -2.38 3.73
N ASN A 55 -10.89 -1.61 4.45
CA ASN A 55 -12.17 -1.16 3.93
C ASN A 55 -12.02 -0.62 2.51
N PRO A 56 -13.15 -0.51 1.79
CA PRO A 56 -13.17 -0.01 0.42
C PRO A 56 -12.88 1.49 0.35
N LYS A 57 -13.34 2.22 1.36
CA LYS A 57 -13.12 3.66 1.42
C LYS A 57 -11.66 3.99 1.72
N GLU A 58 -11.09 3.27 2.68
CA GLU A 58 -9.70 3.49 3.07
C GLU A 58 -8.76 3.19 1.90
N ARG A 59 -8.95 2.03 1.28
CA ARG A 59 -8.12 1.63 0.16
C ARG A 59 -7.89 2.79 -0.80
N LYS A 60 -8.95 3.53 -1.09
CA LYS A 60 -8.87 4.68 -1.99
C LYS A 60 -8.08 5.82 -1.34
N GLN A 61 -8.39 6.11 -0.09
CA GLN A 61 -7.72 7.18 0.64
C GLN A 61 -6.22 6.94 0.68
N VAL A 62 -5.82 5.77 1.17
CA VAL A 62 -4.41 5.41 1.26
C VAL A 62 -3.74 5.45 -0.11
N PHE A 63 -4.48 5.03 -1.13
CA PHE A 63 -3.95 5.01 -2.50
C PHE A 63 -3.73 6.44 -3.01
N ASP A 64 -4.60 7.35 -2.59
CA ASP A 64 -4.51 8.75 -3.00
C ASP A 64 -3.23 9.38 -2.47
N GLN A 65 -3.03 9.29 -1.16
CA GLN A 65 -1.84 9.86 -0.53
C GLN A 65 -0.57 9.27 -1.13
N TYR A 66 -0.55 7.94 -1.29
CA TYR A 66 0.61 7.26 -1.85
C TYR A 66 0.95 7.81 -3.23
N VAL A 67 -0.04 7.85 -4.11
CA VAL A 67 0.16 8.35 -5.46
C VAL A 67 0.63 9.80 -5.45
N LYS A 68 0.06 10.59 -4.53
CA LYS A 68 0.43 12.00 -4.41
C LYS A 68 1.94 12.16 -4.25
N THR A 69 2.51 11.42 -3.31
CA THR A 69 3.95 11.48 -3.05
C THR A 69 4.73 10.86 -4.20
N ARG A 70 4.59 9.54 -4.35
CA ARG A 70 5.29 8.82 -5.41
C ARG A 70 5.25 9.60 -6.72
N ALA A 71 4.25 10.48 -6.85
CA ALA A 71 4.11 11.29 -8.06
C ALA A 71 4.86 12.60 -7.92
N GLU A 72 4.56 13.35 -6.85
CA GLU A 72 5.20 14.63 -6.62
C GLU A 72 6.73 14.48 -6.57
N GLU A 73 7.18 13.31 -6.13
CA GLU A 73 8.61 13.03 -6.04
C GLU A 73 9.14 12.49 -7.36
N GLU A 74 8.43 12.78 -8.45
CA GLU A 74 8.84 12.31 -9.77
C GLU A 74 10.33 12.55 -10.00
N ARG A 75 11.07 11.47 -10.17
CA ARG A 75 12.51 11.55 -10.39
C ARG A 75 12.86 12.80 -11.20
N ARG A 76 13.72 13.65 -10.63
CA ARG A 76 14.13 14.87 -11.31
C ARG A 76 15.17 14.59 -12.38
N SER A 77 15.23 15.45 -13.38
CA SER A 77 16.18 15.29 -14.48
C SER A 77 17.59 15.68 -14.04
N GLY A 78 17.74 16.93 -13.61
CA GLY A 78 19.04 17.41 -13.17
C GLY A 78 19.72 16.46 -12.20
N PRO A 79 21.04 16.56 -12.10
CA PRO A 79 21.83 15.71 -11.21
C PRO A 79 21.60 16.04 -9.74
N SER A 80 21.28 15.01 -8.96
CA SER A 80 21.03 15.19 -7.53
C SER A 80 22.27 14.89 -6.71
N SER A 81 22.91 13.77 -7.01
CA SER A 81 24.12 13.36 -6.30
C SER A 81 25.36 13.53 -7.19
N GLY A 82 26.52 13.59 -6.56
CA GLY A 82 27.77 13.76 -7.31
C GLY A 82 28.62 14.89 -6.77
N GLY A 1 13.70 -8.14 8.41
CA GLY A 1 12.78 -9.04 7.74
C GLY A 1 11.96 -9.88 8.70
N SER A 2 10.79 -10.30 8.28
CA SER A 2 9.90 -11.10 9.12
C SER A 2 10.31 -12.57 9.10
N SER A 3 9.70 -13.35 9.97
CA SER A 3 10.01 -14.78 10.06
C SER A 3 8.92 -15.62 9.39
N GLY A 4 7.67 -15.25 9.67
CA GLY A 4 6.55 -15.98 9.09
C GLY A 4 5.87 -16.89 10.09
N SER A 5 4.93 -17.70 9.61
CA SER A 5 4.20 -18.62 10.47
C SER A 5 3.47 -19.67 9.65
N SER A 6 2.87 -20.64 10.32
CA SER A 6 2.14 -21.71 9.66
C SER A 6 0.85 -22.04 10.40
N GLY A 7 -0.27 -21.93 9.70
CA GLY A 7 -1.56 -22.22 10.31
C GLY A 7 -1.85 -21.32 11.49
N ALA A 8 -1.88 -20.01 11.23
CA ALA A 8 -2.16 -19.04 12.29
C ALA A 8 -3.56 -18.47 12.16
N ARG A 9 -4.33 -18.55 13.25
CA ARG A 9 -5.70 -18.05 13.25
C ARG A 9 -5.72 -16.53 13.10
N GLU A 10 -6.79 -16.02 12.50
CA GLU A 10 -6.94 -14.59 12.28
C GLU A 10 -8.06 -14.02 13.15
N ARG A 11 -8.14 -14.51 14.38
CA ARG A 11 -9.17 -14.06 15.32
C ARG A 11 -8.87 -12.64 15.80
N ALA A 12 -7.66 -12.42 16.30
CA ALA A 12 -7.26 -11.11 16.78
C ALA A 12 -7.73 -10.01 15.84
N ILE A 13 -7.87 -8.80 16.38
CA ILE A 13 -8.31 -7.66 15.58
C ILE A 13 -7.13 -6.83 15.11
N VAL A 14 -6.67 -7.11 13.89
CA VAL A 14 -5.54 -6.39 13.31
C VAL A 14 -5.76 -4.88 13.38
N PRO A 15 -4.77 -4.17 13.93
CA PRO A 15 -4.82 -2.71 14.06
C PRO A 15 -4.73 -2.00 12.72
N LEU A 16 -5.21 -0.77 12.67
CA LEU A 16 -5.17 0.03 11.44
C LEU A 16 -3.74 0.14 10.91
N GLU A 17 -2.81 0.47 11.80
CA GLU A 17 -1.41 0.61 11.41
C GLU A 17 -0.90 -0.68 10.76
N ALA A 18 -1.38 -1.81 11.26
CA ALA A 18 -0.96 -3.10 10.72
C ALA A 18 -1.50 -3.31 9.31
N ARG A 19 -2.80 -3.51 9.19
CA ARG A 19 -3.45 -3.72 7.90
C ARG A 19 -2.96 -2.69 6.89
N MET A 20 -2.99 -1.41 7.29
CA MET A 20 -2.55 -0.33 6.41
C MET A 20 -1.13 -0.57 5.91
N LYS A 21 -0.23 -0.88 6.84
CA LYS A 21 1.16 -1.14 6.49
C LYS A 21 1.27 -2.13 5.34
N GLN A 22 0.53 -3.23 5.44
CA GLN A 22 0.54 -4.25 4.40
C GLN A 22 0.15 -3.66 3.06
N PHE A 23 -1.07 -3.14 2.98
CA PHE A 23 -1.56 -2.54 1.74
C PHE A 23 -0.50 -1.67 1.09
N LYS A 24 -0.05 -0.65 1.80
CA LYS A 24 0.96 0.26 1.28
C LYS A 24 2.17 -0.52 0.77
N ASP A 25 2.64 -1.47 1.57
CA ASP A 25 3.79 -2.28 1.20
C ASP A 25 3.61 -2.86 -0.20
N MET A 26 2.39 -3.31 -0.50
CA MET A 26 2.10 -3.88 -1.80
C MET A 26 2.22 -2.84 -2.90
N LEU A 27 1.38 -1.81 -2.84
CA LEU A 27 1.39 -0.74 -3.83
C LEU A 27 2.82 -0.39 -4.23
N LEU A 28 3.71 -0.36 -3.24
CA LEU A 28 5.11 -0.04 -3.48
C LEU A 28 5.85 -1.22 -4.10
N GLU A 29 5.63 -2.41 -3.54
CA GLU A 29 6.27 -3.62 -4.05
C GLU A 29 5.78 -3.94 -5.45
N ARG A 30 4.49 -4.22 -5.59
CA ARG A 30 3.90 -4.54 -6.88
C ARG A 30 4.37 -3.56 -7.95
N GLY A 31 4.82 -2.40 -7.52
CA GLY A 31 5.30 -1.39 -8.46
C GLY A 31 4.17 -0.56 -9.04
N VAL A 32 3.24 -0.15 -8.17
CA VAL A 32 2.10 0.65 -8.61
C VAL A 32 2.54 2.07 -8.97
N SER A 33 2.67 2.32 -10.27
CA SER A 33 3.09 3.62 -10.77
C SER A 33 2.17 4.72 -10.25
N ALA A 34 2.74 5.87 -9.90
CA ALA A 34 1.98 6.99 -9.40
C ALA A 34 1.27 7.73 -10.54
N PHE A 35 1.95 7.85 -11.67
CA PHE A 35 1.39 8.53 -12.83
C PHE A 35 0.46 7.61 -13.61
N SER A 36 -0.40 6.89 -12.88
CA SER A 36 -1.34 5.97 -13.50
C SER A 36 -2.74 6.16 -12.92
N THR A 37 -3.68 5.33 -13.37
CA THR A 37 -5.06 5.40 -12.90
C THR A 37 -5.33 4.35 -11.82
N TRP A 38 -6.29 4.62 -10.97
CA TRP A 38 -6.66 3.70 -9.89
C TRP A 38 -7.21 2.40 -10.46
N GLU A 39 -7.91 2.50 -11.59
CA GLU A 39 -8.50 1.34 -12.23
C GLU A 39 -7.44 0.29 -12.56
N LYS A 40 -6.36 0.74 -13.18
CA LYS A 40 -5.26 -0.16 -13.55
C LYS A 40 -4.62 -0.77 -12.31
N GLU A 41 -4.11 0.08 -11.42
CA GLU A 41 -3.48 -0.38 -10.20
C GLU A 41 -4.42 -1.27 -9.39
N LEU A 42 -5.70 -0.92 -9.41
CA LEU A 42 -6.70 -1.69 -8.68
C LEU A 42 -6.70 -3.15 -9.12
N HIS A 43 -7.02 -3.38 -10.39
CA HIS A 43 -7.06 -4.73 -10.95
C HIS A 43 -5.75 -5.47 -10.64
N LYS A 44 -4.64 -4.73 -10.66
CA LYS A 44 -3.34 -5.32 -10.39
C LYS A 44 -3.26 -5.83 -8.97
N ILE A 45 -3.93 -5.14 -8.06
CA ILE A 45 -3.94 -5.53 -6.65
C ILE A 45 -5.29 -6.12 -6.24
N VAL A 46 -6.14 -6.37 -7.24
CA VAL A 46 -7.46 -6.94 -6.99
C VAL A 46 -7.37 -8.44 -6.73
N PHE A 47 -6.22 -9.02 -7.01
CA PHE A 47 -6.01 -10.45 -6.80
C PHE A 47 -5.47 -10.73 -5.40
N ASP A 48 -4.55 -9.89 -4.94
CA ASP A 48 -3.96 -10.04 -3.62
C ASP A 48 -5.05 -10.11 -2.55
N PRO A 49 -4.84 -11.00 -1.56
CA PRO A 49 -5.80 -11.20 -0.46
C PRO A 49 -5.83 -10.00 0.49
N ARG A 50 -4.65 -9.48 0.80
CA ARG A 50 -4.54 -8.34 1.70
C ARG A 50 -5.42 -7.18 1.22
N TYR A 51 -5.76 -7.20 -0.05
CA TYR A 51 -6.61 -6.16 -0.64
C TYR A 51 -7.98 -6.14 0.01
N LEU A 52 -8.39 -7.29 0.54
CA LEU A 52 -9.70 -7.40 1.19
C LEU A 52 -9.61 -6.99 2.65
N LEU A 53 -8.41 -7.00 3.20
CA LEU A 53 -8.19 -6.62 4.59
C LEU A 53 -8.66 -5.18 4.84
N LEU A 54 -8.25 -4.28 3.97
CA LEU A 54 -8.63 -2.88 4.09
C LEU A 54 -9.99 -2.61 3.45
N ASN A 55 -10.75 -1.70 4.05
CA ASN A 55 -12.07 -1.36 3.54
C ASN A 55 -11.99 -0.81 2.12
N PRO A 56 -13.13 -0.77 1.42
CA PRO A 56 -13.20 -0.26 0.04
C PRO A 56 -12.99 1.24 -0.03
N LYS A 57 -13.45 1.96 0.99
CA LYS A 57 -13.31 3.40 1.04
C LYS A 57 -11.86 3.80 1.31
N GLU A 58 -11.25 3.15 2.30
CA GLU A 58 -9.87 3.44 2.66
C GLU A 58 -8.93 3.15 1.49
N ARG A 59 -9.01 1.93 0.97
CA ARG A 59 -8.17 1.52 -0.15
C ARG A 59 -7.97 2.67 -1.13
N LYS A 60 -9.06 3.36 -1.45
CA LYS A 60 -9.01 4.49 -2.38
C LYS A 60 -8.29 5.68 -1.74
N GLN A 61 -8.64 5.98 -0.50
CA GLN A 61 -8.02 7.09 0.21
C GLN A 61 -6.51 6.88 0.35
N VAL A 62 -6.13 5.78 1.00
CA VAL A 62 -4.73 5.46 1.20
C VAL A 62 -3.95 5.55 -0.11
N PHE A 63 -4.45 4.84 -1.12
CA PHE A 63 -3.79 4.84 -2.43
C PHE A 63 -3.52 6.26 -2.91
N ASP A 64 -4.57 7.07 -2.96
CA ASP A 64 -4.45 8.46 -3.39
C ASP A 64 -3.24 9.14 -2.75
N GLN A 65 -3.16 9.02 -1.42
CA GLN A 65 -2.06 9.63 -0.68
C GLN A 65 -0.72 9.04 -1.12
N TYR A 66 -0.68 7.73 -1.28
CA TYR A 66 0.54 7.04 -1.69
C TYR A 66 1.05 7.59 -3.02
N VAL A 67 0.12 7.81 -3.95
CA VAL A 67 0.46 8.33 -5.27
C VAL A 67 0.99 9.76 -5.18
N LYS A 68 0.37 10.55 -4.30
CA LYS A 68 0.78 11.94 -4.11
C LYS A 68 2.25 12.02 -3.69
N THR A 69 2.65 11.13 -2.80
CA THR A 69 4.02 11.10 -2.31
C THR A 69 4.97 10.56 -3.37
N ARG A 70 4.54 9.50 -4.06
CA ARG A 70 5.36 8.89 -5.10
C ARG A 70 5.54 9.84 -6.27
N ALA A 71 4.59 10.74 -6.45
CA ALA A 71 4.65 11.71 -7.55
C ALA A 71 5.51 12.92 -7.16
N GLU A 72 5.17 13.52 -6.02
CA GLU A 72 5.91 14.69 -5.53
C GLU A 72 7.40 14.41 -5.47
N GLU A 73 7.75 13.21 -5.00
CA GLU A 73 9.15 12.82 -4.88
C GLU A 73 9.91 13.14 -6.16
N GLU A 74 9.18 13.28 -7.26
CA GLU A 74 9.79 13.59 -8.55
C GLU A 74 10.38 14.99 -8.55
N ARG A 75 11.71 15.08 -8.57
CA ARG A 75 12.40 16.36 -8.57
C ARG A 75 11.69 17.36 -9.47
N ARG A 76 11.62 18.61 -9.03
CA ARG A 76 10.96 19.66 -9.78
C ARG A 76 11.98 20.48 -10.58
N SER A 77 11.73 20.65 -11.87
CA SER A 77 12.62 21.40 -12.74
C SER A 77 12.22 22.87 -12.78
N GLY A 78 13.20 23.74 -13.03
CA GLY A 78 12.93 25.17 -13.09
C GLY A 78 13.25 25.75 -14.46
N PRO A 79 12.45 26.75 -14.88
CA PRO A 79 12.64 27.42 -16.16
C PRO A 79 13.91 28.26 -16.21
N SER A 80 14.51 28.49 -15.05
CA SER A 80 15.73 29.28 -14.96
C SER A 80 16.92 28.51 -15.51
N SER A 81 17.48 29.00 -16.62
CA SER A 81 18.62 28.36 -17.25
C SER A 81 19.63 27.89 -16.21
N GLY A 82 20.50 26.98 -16.61
CA GLY A 82 21.51 26.47 -15.70
C GLY A 82 21.89 25.03 -16.01
N GLY A 1 14.15 4.81 5.35
CA GLY A 1 13.28 3.66 5.50
C GLY A 1 13.29 3.10 6.91
N SER A 2 12.12 2.71 7.40
CA SER A 2 12.00 2.16 8.74
C SER A 2 11.54 0.70 8.70
N SER A 3 12.19 -0.14 9.49
CA SER A 3 11.85 -1.56 9.53
C SER A 3 12.56 -2.25 10.70
N GLY A 4 11.78 -2.70 11.67
CA GLY A 4 12.34 -3.37 12.82
C GLY A 4 11.35 -3.52 13.96
N SER A 5 11.12 -4.76 14.38
CA SER A 5 10.18 -5.04 15.46
C SER A 5 10.57 -6.30 16.23
N SER A 6 10.28 -6.31 17.53
CA SER A 6 10.61 -7.45 18.37
C SER A 6 9.36 -8.03 19.02
N GLY A 7 9.45 -9.27 19.47
CA GLY A 7 8.31 -9.92 20.12
C GLY A 7 7.00 -9.57 19.44
N ALA A 8 6.63 -10.37 18.45
CA ALA A 8 5.38 -10.13 17.72
C ALA A 8 4.43 -11.31 17.89
N ARG A 9 3.48 -11.18 18.80
CA ARG A 9 2.51 -12.24 19.06
C ARG A 9 1.08 -11.73 18.85
N GLU A 10 0.86 -11.04 17.74
CA GLU A 10 -0.46 -10.49 17.43
C GLU A 10 -1.27 -11.48 16.59
N ARG A 11 -1.72 -12.56 17.21
CA ARG A 11 -2.50 -13.58 16.53
C ARG A 11 -3.87 -13.03 16.13
N ALA A 12 -4.66 -12.63 17.13
CA ALA A 12 -6.00 -12.09 16.88
C ALA A 12 -6.01 -10.58 17.09
N ILE A 13 -5.02 -9.89 16.55
CA ILE A 13 -4.93 -8.44 16.68
C ILE A 13 -4.49 -7.80 15.37
N VAL A 14 -5.42 -7.08 14.73
CA VAL A 14 -5.13 -6.41 13.47
C VAL A 14 -5.37 -4.91 13.58
N PRO A 15 -4.38 -4.19 14.13
CA PRO A 15 -4.44 -2.74 14.30
C PRO A 15 -4.39 -1.99 12.96
N LEU A 16 -4.82 -0.73 12.98
CA LEU A 16 -4.82 0.08 11.78
C LEU A 16 -3.43 0.10 11.14
N GLU A 17 -2.41 0.33 11.95
CA GLU A 17 -1.04 0.38 11.46
C GLU A 17 -0.67 -0.92 10.75
N ALA A 18 -1.23 -2.03 11.23
CA ALA A 18 -0.96 -3.34 10.63
C ALA A 18 -1.57 -3.43 9.22
N ARG A 19 -2.90 -3.44 9.17
CA ARG A 19 -3.61 -3.53 7.90
C ARG A 19 -3.04 -2.52 6.90
N MET A 20 -3.04 -1.25 7.28
CA MET A 20 -2.54 -0.19 6.41
C MET A 20 -1.11 -0.51 5.95
N LYS A 21 -0.26 -0.90 6.89
CA LYS A 21 1.12 -1.23 6.57
C LYS A 21 1.20 -2.22 5.41
N GLN A 22 0.42 -3.29 5.50
CA GLN A 22 0.39 -4.30 4.46
C GLN A 22 0.05 -3.70 3.11
N PHE A 23 -1.13 -3.10 3.02
CA PHE A 23 -1.57 -2.47 1.77
C PHE A 23 -0.47 -1.61 1.17
N LYS A 24 -0.06 -0.59 1.91
CA LYS A 24 1.00 0.32 1.45
C LYS A 24 2.19 -0.47 0.92
N ASP A 25 2.65 -1.45 1.69
CA ASP A 25 3.78 -2.27 1.30
C ASP A 25 3.62 -2.76 -0.13
N MET A 26 2.46 -3.32 -0.44
CA MET A 26 2.17 -3.83 -1.78
C MET A 26 2.31 -2.72 -2.81
N LEU A 27 1.44 -1.73 -2.73
CA LEU A 27 1.46 -0.60 -3.66
C LEU A 27 2.89 -0.22 -4.02
N LEU A 28 3.77 -0.22 -3.03
CA LEU A 28 5.17 0.12 -3.25
C LEU A 28 5.92 -1.04 -3.89
N GLU A 29 5.60 -2.26 -3.46
CA GLU A 29 6.25 -3.45 -4.00
C GLU A 29 5.74 -3.75 -5.41
N ARG A 30 4.47 -4.09 -5.53
CA ARG A 30 3.87 -4.40 -6.81
C ARG A 30 4.39 -3.45 -7.90
N GLY A 31 4.66 -2.21 -7.50
CA GLY A 31 5.16 -1.23 -8.45
C GLY A 31 4.07 -0.33 -9.00
N VAL A 32 2.99 -0.18 -8.23
CA VAL A 32 1.87 0.64 -8.64
C VAL A 32 2.33 2.04 -9.05
N SER A 33 2.50 2.24 -10.36
CA SER A 33 2.95 3.52 -10.88
C SER A 33 2.04 4.65 -10.40
N ALA A 34 2.65 5.73 -9.91
CA ALA A 34 1.90 6.87 -9.42
C ALA A 34 1.12 7.55 -10.55
N PHE A 35 1.82 7.79 -11.66
CA PHE A 35 1.20 8.43 -12.82
C PHE A 35 0.32 7.45 -13.58
N SER A 36 -0.53 6.73 -12.86
CA SER A 36 -1.42 5.75 -13.46
C SER A 36 -2.85 5.94 -12.97
N THR A 37 -3.77 5.14 -13.51
CA THR A 37 -5.17 5.23 -13.13
C THR A 37 -5.50 4.21 -12.03
N TRP A 38 -6.35 4.62 -11.10
CA TRP A 38 -6.75 3.76 -10.00
C TRP A 38 -7.37 2.45 -10.52
N GLU A 39 -8.03 2.54 -11.67
CA GLU A 39 -8.65 1.38 -12.27
C GLU A 39 -7.61 0.29 -12.57
N LYS A 40 -6.60 0.66 -13.35
CA LYS A 40 -5.54 -0.28 -13.70
C LYS A 40 -4.86 -0.84 -12.47
N GLU A 41 -4.30 0.04 -11.64
CA GLU A 41 -3.62 -0.37 -10.43
C GLU A 41 -4.55 -1.19 -9.54
N LEU A 42 -5.81 -0.76 -9.45
CA LEU A 42 -6.79 -1.46 -8.63
C LEU A 42 -6.82 -2.95 -8.95
N HIS A 43 -7.09 -3.28 -10.22
CA HIS A 43 -7.14 -4.66 -10.65
C HIS A 43 -5.78 -5.35 -10.43
N LYS A 44 -4.72 -4.57 -10.50
CA LYS A 44 -3.37 -5.10 -10.32
C LYS A 44 -3.16 -5.56 -8.88
N ILE A 45 -3.89 -4.94 -7.96
CA ILE A 45 -3.79 -5.30 -6.54
C ILE A 45 -5.12 -5.82 -6.01
N VAL A 46 -6.07 -6.04 -6.92
CA VAL A 46 -7.38 -6.55 -6.54
C VAL A 46 -7.32 -8.04 -6.20
N PHE A 47 -6.37 -8.74 -6.82
CA PHE A 47 -6.21 -10.17 -6.59
C PHE A 47 -5.60 -10.43 -5.21
N ASP A 48 -4.56 -9.66 -4.87
CA ASP A 48 -3.88 -9.80 -3.59
C ASP A 48 -4.90 -10.05 -2.48
N PRO A 49 -4.55 -10.95 -1.55
CA PRO A 49 -5.41 -11.29 -0.41
C PRO A 49 -5.51 -10.14 0.60
N ARG A 50 -4.39 -9.46 0.83
CA ARG A 50 -4.36 -8.35 1.78
C ARG A 50 -5.30 -7.24 1.33
N TYR A 51 -5.54 -7.15 0.02
CA TYR A 51 -6.42 -6.13 -0.52
C TYR A 51 -7.84 -6.30 -0.01
N LEU A 52 -8.17 -7.51 0.41
CA LEU A 52 -9.51 -7.81 0.93
C LEU A 52 -9.55 -7.62 2.44
N LEU A 53 -8.49 -7.06 3.00
CA LEU A 53 -8.40 -6.81 4.44
C LEU A 53 -8.97 -5.44 4.79
N LEU A 54 -8.66 -4.45 3.96
CA LEU A 54 -9.14 -3.09 4.19
C LEU A 54 -10.46 -2.84 3.46
N ASN A 55 -11.13 -1.76 3.82
CA ASN A 55 -12.41 -1.41 3.19
C ASN A 55 -12.19 -0.77 1.82
N PRO A 56 -13.26 -0.69 1.03
CA PRO A 56 -13.22 -0.11 -0.32
C PRO A 56 -13.00 1.40 -0.29
N LYS A 57 -13.42 2.02 0.81
CA LYS A 57 -13.28 3.47 0.97
C LYS A 57 -11.82 3.84 1.21
N GLU A 58 -11.18 3.14 2.13
CA GLU A 58 -9.78 3.40 2.45
C GLU A 58 -8.87 3.07 1.27
N ARG A 59 -9.01 1.86 0.75
CA ARG A 59 -8.20 1.42 -0.39
C ARG A 59 -7.94 2.58 -1.35
N LYS A 60 -8.98 3.36 -1.64
CA LYS A 60 -8.86 4.50 -2.53
C LYS A 60 -8.14 5.65 -1.85
N GLN A 61 -8.58 5.98 -0.64
CA GLN A 61 -7.96 7.07 0.11
C GLN A 61 -6.46 6.84 0.27
N VAL A 62 -6.09 5.71 0.86
CA VAL A 62 -4.69 5.38 1.08
C VAL A 62 -3.92 5.39 -0.24
N PHE A 63 -4.45 4.70 -1.24
CA PHE A 63 -3.82 4.62 -2.55
C PHE A 63 -3.52 6.01 -3.09
N ASP A 64 -4.46 6.93 -2.90
CA ASP A 64 -4.30 8.30 -3.37
C ASP A 64 -3.10 8.97 -2.69
N GLN A 65 -3.00 8.81 -1.38
CA GLN A 65 -1.91 9.39 -0.62
C GLN A 65 -0.56 8.85 -1.09
N TYR A 66 -0.53 7.55 -1.39
CA TYR A 66 0.70 6.91 -1.85
C TYR A 66 1.15 7.50 -3.18
N VAL A 67 0.20 7.70 -4.09
CA VAL A 67 0.51 8.26 -5.39
C VAL A 67 1.05 9.67 -5.28
N LYS A 68 0.36 10.51 -4.51
CA LYS A 68 0.77 11.89 -4.31
C LYS A 68 2.21 11.96 -3.83
N THR A 69 2.53 11.17 -2.82
CA THR A 69 3.88 11.14 -2.26
C THR A 69 4.88 10.58 -3.27
N ARG A 70 4.45 9.58 -4.03
CA ARG A 70 5.31 8.96 -5.03
C ARG A 70 5.63 9.94 -6.15
N ALA A 71 4.72 10.89 -6.39
CA ALA A 71 4.92 11.88 -7.44
C ALA A 71 5.85 12.99 -6.97
N GLU A 72 5.53 13.61 -5.84
CA GLU A 72 6.34 14.69 -5.29
C GLU A 72 7.78 14.23 -5.09
N GLU A 73 7.95 12.96 -4.76
CA GLU A 73 9.28 12.39 -4.54
C GLU A 73 9.83 11.80 -5.83
N GLU A 74 9.37 12.31 -6.96
CA GLU A 74 9.83 11.83 -8.27
C GLU A 74 11.35 11.76 -8.32
N ARG A 75 11.89 10.56 -8.16
CA ARG A 75 13.34 10.36 -8.19
C ARG A 75 13.76 9.61 -9.45
N ARG A 76 15.04 9.68 -9.77
CA ARG A 76 15.57 9.01 -10.96
C ARG A 76 16.81 8.19 -10.62
N SER A 77 16.59 6.96 -10.15
CA SER A 77 17.69 6.09 -9.78
C SER A 77 17.20 4.65 -9.60
N GLY A 78 18.13 3.70 -9.60
CA GLY A 78 17.78 2.31 -9.44
C GLY A 78 16.99 1.76 -10.62
N PRO A 79 16.34 0.61 -10.43
CA PRO A 79 15.54 -0.04 -11.47
C PRO A 79 14.27 0.74 -11.80
N SER A 80 13.48 0.22 -12.73
CA SER A 80 12.24 0.87 -13.14
C SER A 80 11.09 -0.13 -13.16
N SER A 81 9.96 0.25 -12.59
CA SER A 81 8.79 -0.60 -12.54
C SER A 81 7.78 -0.21 -13.61
N GLY A 82 7.01 -1.19 -14.09
CA GLY A 82 6.02 -0.93 -15.11
C GLY A 82 6.47 -1.39 -16.49
#